data_1LKE
# 
_entry.id   1LKE 
# 
_audit_conform.dict_name       mmcif_pdbx.dic 
_audit_conform.dict_version    5.398 
_audit_conform.dict_location   http://mmcif.pdb.org/dictionaries/ascii/mmcif_pdbx.dic 
# 
loop_
_database_2.database_id 
_database_2.database_code 
_database_2.pdbx_database_accession 
_database_2.pdbx_DOI 
PDB   1LKE         pdb_00001lke 10.2210/pdb1lke/pdb 
RCSB  RCSB016027   ?            ?                   
WWPDB D_1000016027 ?            ?                   
# 
loop_
_pdbx_audit_revision_history.ordinal 
_pdbx_audit_revision_history.data_content_type 
_pdbx_audit_revision_history.major_revision 
_pdbx_audit_revision_history.minor_revision 
_pdbx_audit_revision_history.revision_date 
1 'Structure model' 1 0 2003-06-17 
2 'Structure model' 1 1 2008-04-28 
3 'Structure model' 1 2 2011-07-13 
4 'Structure model' 1 3 2019-07-24 
5 'Structure model' 1 4 2021-10-27 
6 'Structure model' 1 5 2023-08-16 
7 'Structure model' 1 6 2024-10-30 
# 
_pdbx_audit_revision_details.ordinal             1 
_pdbx_audit_revision_details.revision_ordinal    1 
_pdbx_audit_revision_details.data_content_type   'Structure model' 
_pdbx_audit_revision_details.provider            repository 
_pdbx_audit_revision_details.type                'Initial release' 
_pdbx_audit_revision_details.description         ? 
_pdbx_audit_revision_details.details             ? 
# 
loop_
_pdbx_audit_revision_group.ordinal 
_pdbx_audit_revision_group.revision_ordinal 
_pdbx_audit_revision_group.data_content_type 
_pdbx_audit_revision_group.group 
1 2 'Structure model' 'Version format compliance' 
2 3 'Structure model' 'Version format compliance' 
3 4 'Structure model' 'Data collection'           
4 4 'Structure model' 'Refinement description'    
5 5 'Structure model' 'Database references'       
6 5 'Structure model' 'Derived calculations'      
7 6 'Structure model' 'Data collection'           
8 6 'Structure model' 'Refinement description'    
9 7 'Structure model' 'Structure summary'         
# 
loop_
_pdbx_audit_revision_category.ordinal 
_pdbx_audit_revision_category.revision_ordinal 
_pdbx_audit_revision_category.data_content_type 
_pdbx_audit_revision_category.category 
1 4 'Structure model' software                      
2 5 'Structure model' database_2                    
3 5 'Structure model' struct_ref_seq_dif            
4 5 'Structure model' struct_site                   
5 6 'Structure model' chem_comp_atom                
6 6 'Structure model' chem_comp_bond                
7 6 'Structure model' pdbx_initial_refinement_model 
8 7 'Structure model' pdbx_entry_details            
9 7 'Structure model' pdbx_modification_feature     
# 
loop_
_pdbx_audit_revision_item.ordinal 
_pdbx_audit_revision_item.revision_ordinal 
_pdbx_audit_revision_item.data_content_type 
_pdbx_audit_revision_item.item 
1 4 'Structure model' '_software.classification'            
2 4 'Structure model' '_software.name'                      
3 4 'Structure model' '_software.version'                   
4 5 'Structure model' '_database_2.pdbx_DOI'                
5 5 'Structure model' '_database_2.pdbx_database_accession' 
6 5 'Structure model' '_struct_ref_seq_dif.details'         
7 5 'Structure model' '_struct_site.pdbx_auth_asym_id'      
8 5 'Structure model' '_struct_site.pdbx_auth_comp_id'      
9 5 'Structure model' '_struct_site.pdbx_auth_seq_id'       
# 
_pdbx_database_status.status_code                     REL 
_pdbx_database_status.entry_id                        1LKE 
_pdbx_database_status.recvd_initial_deposition_date   2002-04-25 
_pdbx_database_status.deposit_site                    RCSB 
_pdbx_database_status.process_site                    RCSB 
_pdbx_database_status.status_code_sf                  REL 
_pdbx_database_status.SG_entry                        . 
_pdbx_database_status.pdb_format_compatible           Y 
_pdbx_database_status.status_code_mr                  ? 
_pdbx_database_status.status_code_cs                  ? 
_pdbx_database_status.methods_development_category    ? 
_pdbx_database_status.status_code_nmr_data            ? 
# 
loop_
_pdbx_database_related.db_name 
_pdbx_database_related.db_id 
_pdbx_database_related.details 
_pdbx_database_related.content_type 
PDB 1BBP 'BILIN-BINDING PROTEIN'                                 unspecified 
PDB 1N0S 'ENGINEERED LIPOCALIN FLUA IN COMPLEX WITH FLUORESCEIN' unspecified 
PDB 1KXO 'ENGINEERED LIPOCALIN DIGA16: APO-FORM'                 unspecified 
# 
loop_
_audit_author.name 
_audit_author.pdbx_ordinal 
'Korndoerfer, I.P.' 1 
'Skerra, A.'        2 
# 
loop_
_citation.id 
_citation.title 
_citation.journal_abbrev 
_citation.journal_volume 
_citation.page_first 
_citation.page_last 
_citation.year 
_citation.journal_id_ASTM 
_citation.country 
_citation.journal_id_ISSN 
_citation.journal_id_CSD 
_citation.book_publisher 
_citation.pdbx_database_id_PubMed 
_citation.pdbx_database_id_DOI 
primary 'Structural mechanism of specific ligand recognition by a lipocalin tailored for the complexation of digoxigenin.' 
J.Mol.Biol.            330 385  396  2003 JMOBAK UK 0022-2836 0070 ? 12823976 '10.1016/S0022-2836(03)00573-4' 
1       'A Novel Type of Receptor Protein, based on the Lipocalin Scaffold, with Specificity for Digoxigenin'              
J.Mol.Biol.            297 1105 1120 2000 JMOBAK UK 0022-2836 0070 ? ?        10.1006/jmbi.2000.3646          
2       'Small Antibody-like Proteins with Prescribed Ligand Specificities Derived from the Lipocalin Fold.'               
Proc.Natl.Acad.Sci.USA 96  1898 1903 1999 PNASA6 US 0027-8424 0040 ? ?        10.1073/pnas.96.5.1898          
# 
loop_
_citation_author.citation_id 
_citation_author.name 
_citation_author.ordinal 
_citation_author.identifier_ORCID 
primary 'Korndoerfer, I.P.' 1  ? 
primary 'Schlehuber, S.'    2  ? 
primary 'Skerra, A.'        3  ? 
1       'Schlehuber, S.'    4  ? 
1       'Beste, G.'         5  ? 
1       'Skerra, A.'        6  ? 
2       'Beste, G.'         7  ? 
2       'Schmidt, F.S.'     8  ? 
2       'Stibora, T.'       9  ? 
2       'Skerra, A.'        10 ? 
# 
loop_
_entity.id 
_entity.type 
_entity.src_method 
_entity.pdbx_description 
_entity.formula_weight 
_entity.pdbx_number_of_molecules 
_entity.pdbx_ec 
_entity.pdbx_mutation 
_entity.pdbx_fragment 
_entity.details 
1 polymer     man DigA16      20833.158 1  ? 
'N1D, N21G, E28Q, K31A, N34D, S35H, V36I, E37T, N48R, H60S, I69S, K87S, L88Y, Y90I, K95Q, N97G, Y114F, K116S, Q125M, F127L, K135M' 
? 'GENETICALLY ENGINEERED VARIANT OF BILIN BINDING PROTEIN' 
2 non-polymer syn DIGOXIGENIN 390.513   1  ? ? ? ?                                                         
3 water       nat water       18.015    58 ? ? ? ?                                                         
# 
_entity_name_com.entity_id   1 
_entity_name_com.name        'BILIN BINDING PROTEIN, BBP, DIGA16 ANTICALIN' 
# 
_entity_poly.entity_id                      1 
_entity_poly.type                           'polypeptide(L)' 
_entity_poly.nstd_linkage                   no 
_entity_poly.nstd_monomer                   no 
_entity_poly.pdbx_seq_one_letter_code       
;DVYHDGACPEVKPVDNFDWSQYHGKWWQVAAYPDHITKYGKCGWAEYTPEGKSVKVSRYSVIHGKEYFSEGTAYPVGDSK
IGKIYHSYTIGGVTQEGVFNVLSTDNKNYIIGYFCSYDEDKKGHMDLVWVLSRSMVLTGEAKTAVENYLIGSPVVDSQKL
VYSDFSEAACKVNNSNWSHPQFEK
;
_entity_poly.pdbx_seq_one_letter_code_can   
;DVYHDGACPEVKPVDNFDWSQYHGKWWQVAAYPDHITKYGKCGWAEYTPEGKSVKVSRYSVIHGKEYFSEGTAYPVGDSK
IGKIYHSYTIGGVTQEGVFNVLSTDNKNYIIGYFCSYDEDKKGHMDLVWVLSRSMVLTGEAKTAVENYLIGSPVVDSQKL
VYSDFSEAACKVNNSNWSHPQFEK
;
_entity_poly.pdbx_strand_id                 A 
_entity_poly.pdbx_target_identifier         ? 
# 
loop_
_pdbx_entity_nonpoly.entity_id 
_pdbx_entity_nonpoly.name 
_pdbx_entity_nonpoly.comp_id 
2 DIGOXIGENIN DOG 
3 water       HOH 
# 
loop_
_entity_poly_seq.entity_id 
_entity_poly_seq.num 
_entity_poly_seq.mon_id 
_entity_poly_seq.hetero 
1 1   ASP n 
1 2   VAL n 
1 3   TYR n 
1 4   HIS n 
1 5   ASP n 
1 6   GLY n 
1 7   ALA n 
1 8   CYS n 
1 9   PRO n 
1 10  GLU n 
1 11  VAL n 
1 12  LYS n 
1 13  PRO n 
1 14  VAL n 
1 15  ASP n 
1 16  ASN n 
1 17  PHE n 
1 18  ASP n 
1 19  TRP n 
1 20  SER n 
1 21  GLN n 
1 22  TYR n 
1 23  HIS n 
1 24  GLY n 
1 25  LYS n 
1 26  TRP n 
1 27  TRP n 
1 28  GLN n 
1 29  VAL n 
1 30  ALA n 
1 31  ALA n 
1 32  TYR n 
1 33  PRO n 
1 34  ASP n 
1 35  HIS n 
1 36  ILE n 
1 37  THR n 
1 38  LYS n 
1 39  TYR n 
1 40  GLY n 
1 41  LYS n 
1 42  CYS n 
1 43  GLY n 
1 44  TRP n 
1 45  ALA n 
1 46  GLU n 
1 47  TYR n 
1 48  THR n 
1 49  PRO n 
1 50  GLU n 
1 51  GLY n 
1 52  LYS n 
1 53  SER n 
1 54  VAL n 
1 55  LYS n 
1 56  VAL n 
1 57  SER n 
1 58  ARG n 
1 59  TYR n 
1 60  SER n 
1 61  VAL n 
1 62  ILE n 
1 63  HIS n 
1 64  GLY n 
1 65  LYS n 
1 66  GLU n 
1 67  TYR n 
1 68  PHE n 
1 69  SER n 
1 70  GLU n 
1 71  GLY n 
1 72  THR n 
1 73  ALA n 
1 74  TYR n 
1 75  PRO n 
1 76  VAL n 
1 77  GLY n 
1 78  ASP n 
1 79  SER n 
1 80  LYS n 
1 81  ILE n 
1 82  GLY n 
1 83  LYS n 
1 84  ILE n 
1 85  TYR n 
1 86  HIS n 
1 87  SER n 
1 88  TYR n 
1 89  THR n 
1 90  ILE n 
1 91  GLY n 
1 92  GLY n 
1 93  VAL n 
1 94  THR n 
1 95  GLN n 
1 96  GLU n 
1 97  GLY n 
1 98  VAL n 
1 99  PHE n 
1 100 ASN n 
1 101 VAL n 
1 102 LEU n 
1 103 SER n 
1 104 THR n 
1 105 ASP n 
1 106 ASN n 
1 107 LYS n 
1 108 ASN n 
1 109 TYR n 
1 110 ILE n 
1 111 ILE n 
1 112 GLY n 
1 113 TYR n 
1 114 PHE n 
1 115 CYS n 
1 116 SER n 
1 117 TYR n 
1 118 ASP n 
1 119 GLU n 
1 120 ASP n 
1 121 LYS n 
1 122 LYS n 
1 123 GLY n 
1 124 HIS n 
1 125 MET n 
1 126 ASP n 
1 127 LEU n 
1 128 VAL n 
1 129 TRP n 
1 130 VAL n 
1 131 LEU n 
1 132 SER n 
1 133 ARG n 
1 134 SER n 
1 135 MET n 
1 136 VAL n 
1 137 LEU n 
1 138 THR n 
1 139 GLY n 
1 140 GLU n 
1 141 ALA n 
1 142 LYS n 
1 143 THR n 
1 144 ALA n 
1 145 VAL n 
1 146 GLU n 
1 147 ASN n 
1 148 TYR n 
1 149 LEU n 
1 150 ILE n 
1 151 GLY n 
1 152 SER n 
1 153 PRO n 
1 154 VAL n 
1 155 VAL n 
1 156 ASP n 
1 157 SER n 
1 158 GLN n 
1 159 LYS n 
1 160 LEU n 
1 161 VAL n 
1 162 TYR n 
1 163 SER n 
1 164 ASP n 
1 165 PHE n 
1 166 SER n 
1 167 GLU n 
1 168 ALA n 
1 169 ALA n 
1 170 CYS n 
1 171 LYS n 
1 172 VAL n 
1 173 ASN n 
1 174 ASN n 
1 175 SER n 
1 176 ASN n 
1 177 TRP n 
1 178 SER n 
1 179 HIS n 
1 180 PRO n 
1 181 GLN n 
1 182 PHE n 
1 183 GLU n 
1 184 LYS n 
# 
_entity_src_gen.entity_id                          1 
_entity_src_gen.pdbx_src_id                        1 
_entity_src_gen.pdbx_alt_source_flag               sample 
_entity_src_gen.pdbx_seq_type                      ? 
_entity_src_gen.pdbx_beg_seq_num                   ? 
_entity_src_gen.pdbx_end_seq_num                   ? 
_entity_src_gen.gene_src_common_name               'large cabbage white' 
_entity_src_gen.gene_src_genus                     Pieris 
_entity_src_gen.pdbx_gene_src_gene                 ? 
_entity_src_gen.gene_src_species                   ? 
_entity_src_gen.gene_src_strain                    ? 
_entity_src_gen.gene_src_tissue                    ? 
_entity_src_gen.gene_src_tissue_fraction           ? 
_entity_src_gen.gene_src_details                   ? 
_entity_src_gen.pdbx_gene_src_fragment             ? 
_entity_src_gen.pdbx_gene_src_scientific_name      'Pieris brassicae' 
_entity_src_gen.pdbx_gene_src_ncbi_taxonomy_id     7116 
_entity_src_gen.pdbx_gene_src_variant              ? 
_entity_src_gen.pdbx_gene_src_cell_line            ? 
_entity_src_gen.pdbx_gene_src_atcc                 ? 
_entity_src_gen.pdbx_gene_src_organ                ? 
_entity_src_gen.pdbx_gene_src_organelle            ? 
_entity_src_gen.pdbx_gene_src_cell                 ? 
_entity_src_gen.pdbx_gene_src_cellular_location    ? 
_entity_src_gen.host_org_common_name               ? 
_entity_src_gen.pdbx_host_org_scientific_name      'Escherichia coli' 
_entity_src_gen.pdbx_host_org_ncbi_taxonomy_id     562 
_entity_src_gen.host_org_genus                     Escherichia 
_entity_src_gen.pdbx_host_org_gene                 ? 
_entity_src_gen.pdbx_host_org_organ                ? 
_entity_src_gen.host_org_species                   ? 
_entity_src_gen.pdbx_host_org_tissue               ? 
_entity_src_gen.pdbx_host_org_tissue_fraction      ? 
_entity_src_gen.pdbx_host_org_strain               jm83 
_entity_src_gen.pdbx_host_org_variant              ? 
_entity_src_gen.pdbx_host_org_cell_line            ? 
_entity_src_gen.pdbx_host_org_atcc                 ? 
_entity_src_gen.pdbx_host_org_culture_collection   ? 
_entity_src_gen.pdbx_host_org_cell                 ? 
_entity_src_gen.pdbx_host_org_organelle            ? 
_entity_src_gen.pdbx_host_org_cellular_location    ? 
_entity_src_gen.pdbx_host_org_vector_type          plasmid 
_entity_src_gen.pdbx_host_org_vector               ? 
_entity_src_gen.host_org_details                   ? 
_entity_src_gen.expression_system_id               ? 
_entity_src_gen.plasmid_name                       pbbp21-diga16 
_entity_src_gen.plasmid_details                    ? 
_entity_src_gen.pdbx_description                   ? 
# 
loop_
_chem_comp.id 
_chem_comp.type 
_chem_comp.mon_nstd_flag 
_chem_comp.name 
_chem_comp.pdbx_synonyms 
_chem_comp.formula 
_chem_comp.formula_weight 
ALA 'L-peptide linking' y ALANINE         ? 'C3 H7 N O2'     89.093  
ARG 'L-peptide linking' y ARGININE        ? 'C6 H15 N4 O2 1' 175.209 
ASN 'L-peptide linking' y ASPARAGINE      ? 'C4 H8 N2 O3'    132.118 
ASP 'L-peptide linking' y 'ASPARTIC ACID' ? 'C4 H7 N O4'     133.103 
CYS 'L-peptide linking' y CYSTEINE        ? 'C3 H7 N O2 S'   121.158 
DOG non-polymer         . DIGOXIGENIN     
'4-(3,12,14-TRIHYDROXY-10,13-DIMETHYL-HEXADECAHYDRO-CYCLOPENTA[A]PHENANTHREN-17-YL)-5H-FURAN-2-ONE' 'C23 H34 O5'     390.513 
GLN 'L-peptide linking' y GLUTAMINE       ? 'C5 H10 N2 O3'   146.144 
GLU 'L-peptide linking' y 'GLUTAMIC ACID' ? 'C5 H9 N O4'     147.129 
GLY 'peptide linking'   y GLYCINE         ? 'C2 H5 N O2'     75.067  
HIS 'L-peptide linking' y HISTIDINE       ? 'C6 H10 N3 O2 1' 156.162 
HOH non-polymer         . WATER           ? 'H2 O'           18.015  
ILE 'L-peptide linking' y ISOLEUCINE      ? 'C6 H13 N O2'    131.173 
LEU 'L-peptide linking' y LEUCINE         ? 'C6 H13 N O2'    131.173 
LYS 'L-peptide linking' y LYSINE          ? 'C6 H15 N2 O2 1' 147.195 
MET 'L-peptide linking' y METHIONINE      ? 'C5 H11 N O2 S'  149.211 
PHE 'L-peptide linking' y PHENYLALANINE   ? 'C9 H11 N O2'    165.189 
PRO 'L-peptide linking' y PROLINE         ? 'C5 H9 N O2'     115.130 
SER 'L-peptide linking' y SERINE          ? 'C3 H7 N O3'     105.093 
THR 'L-peptide linking' y THREONINE       ? 'C4 H9 N O3'     119.119 
TRP 'L-peptide linking' y TRYPTOPHAN      ? 'C11 H12 N2 O2'  204.225 
TYR 'L-peptide linking' y TYROSINE        ? 'C9 H11 N O3'    181.189 
VAL 'L-peptide linking' y VALINE          ? 'C5 H11 N O2'    117.146 
# 
loop_
_pdbx_poly_seq_scheme.asym_id 
_pdbx_poly_seq_scheme.entity_id 
_pdbx_poly_seq_scheme.seq_id 
_pdbx_poly_seq_scheme.mon_id 
_pdbx_poly_seq_scheme.ndb_seq_num 
_pdbx_poly_seq_scheme.pdb_seq_num 
_pdbx_poly_seq_scheme.auth_seq_num 
_pdbx_poly_seq_scheme.pdb_mon_id 
_pdbx_poly_seq_scheme.auth_mon_id 
_pdbx_poly_seq_scheme.pdb_strand_id 
_pdbx_poly_seq_scheme.pdb_ins_code 
_pdbx_poly_seq_scheme.hetero 
A 1 1   ASP 1   1   ?   ?   ?   A . n 
A 1 2   VAL 2   2   ?   ?   ?   A . n 
A 1 3   TYR 3   3   ?   ?   ?   A . n 
A 1 4   HIS 4   4   ?   ?   ?   A . n 
A 1 5   ASP 5   5   5   ASP ASP A . n 
A 1 6   GLY 6   6   6   GLY GLY A . n 
A 1 7   ALA 7   7   7   ALA ALA A . n 
A 1 8   CYS 8   8   8   CYS CYS A . n 
A 1 9   PRO 9   9   9   PRO PRO A . n 
A 1 10  GLU 10  10  10  GLU GLU A . n 
A 1 11  VAL 11  11  11  VAL VAL A . n 
A 1 12  LYS 12  12  12  LYS LYS A . n 
A 1 13  PRO 13  13  13  PRO PRO A . n 
A 1 14  VAL 14  14  14  VAL VAL A . n 
A 1 15  ASP 15  15  15  ASP ASP A . n 
A 1 16  ASN 16  16  16  ASN ASN A . n 
A 1 17  PHE 17  17  17  PHE PHE A . n 
A 1 18  ASP 18  18  18  ASP ASP A . n 
A 1 19  TRP 19  19  19  TRP TRP A . n 
A 1 20  SER 20  20  20  SER SER A . n 
A 1 21  GLN 21  21  21  GLN GLN A . n 
A 1 22  TYR 22  22  22  TYR TYR A . n 
A 1 23  HIS 23  23  23  HIS HIS A . n 
A 1 24  GLY 24  24  24  GLY GLY A . n 
A 1 25  LYS 25  25  25  LYS LYS A . n 
A 1 26  TRP 26  26  26  TRP TRP A . n 
A 1 27  TRP 27  27  27  TRP TRP A . n 
A 1 28  GLN 28  28  28  GLN GLN A . n 
A 1 29  VAL 29  29  29  VAL VAL A . n 
A 1 30  ALA 30  30  30  ALA ALA A . n 
A 1 31  ALA 31  31  31  ALA ALA A . n 
A 1 32  TYR 32  32  32  TYR TYR A . n 
A 1 33  PRO 33  33  33  PRO PRO A . n 
A 1 34  ASP 34  34  34  ASP ASP A . n 
A 1 35  HIS 35  35  35  HIS HIS A . n 
A 1 36  ILE 36  36  36  ILE ILE A . n 
A 1 37  THR 37  37  37  THR THR A . n 
A 1 38  LYS 38  38  38  LYS LYS A . n 
A 1 39  TYR 39  39  39  TYR TYR A . n 
A 1 40  GLY 40  40  40  GLY GLY A . n 
A 1 41  LYS 41  41  41  LYS LYS A . n 
A 1 42  CYS 42  42  42  CYS CYS A . n 
A 1 43  GLY 43  43  43  GLY GLY A . n 
A 1 44  TRP 44  44  44  TRP TRP A . n 
A 1 45  ALA 45  45  45  ALA ALA A . n 
A 1 46  GLU 46  46  46  GLU GLU A . n 
A 1 47  TYR 47  47  47  TYR TYR A . n 
A 1 48  THR 48  48  48  THR THR A . n 
A 1 49  PRO 49  49  49  PRO PRO A . n 
A 1 50  GLU 50  50  50  GLU GLU A . n 
A 1 51  GLY 51  51  51  GLY GLY A . n 
A 1 52  LYS 52  52  52  LYS LYS A . n 
A 1 53  SER 53  53  53  SER SER A . n 
A 1 54  VAL 54  54  54  VAL VAL A . n 
A 1 55  LYS 55  55  55  LYS LYS A . n 
A 1 56  VAL 56  56  56  VAL VAL A . n 
A 1 57  SER 57  57  57  SER SER A . n 
A 1 58  ARG 58  58  58  ARG ARG A . n 
A 1 59  TYR 59  59  59  TYR TYR A . n 
A 1 60  SER 60  60  60  SER SER A . n 
A 1 61  VAL 61  61  61  VAL VAL A . n 
A 1 62  ILE 62  62  62  ILE ILE A . n 
A 1 63  HIS 63  63  63  HIS HIS A . n 
A 1 64  GLY 64  64  64  GLY GLY A . n 
A 1 65  LYS 65  65  65  LYS LYS A . n 
A 1 66  GLU 66  66  66  GLU GLU A . n 
A 1 67  TYR 67  67  67  TYR TYR A . n 
A 1 68  PHE 68  68  68  PHE PHE A . n 
A 1 69  SER 69  69  69  SER SER A . n 
A 1 70  GLU 70  70  70  GLU GLU A . n 
A 1 71  GLY 71  71  71  GLY GLY A . n 
A 1 72  THR 72  72  72  THR THR A . n 
A 1 73  ALA 73  73  73  ALA ALA A . n 
A 1 74  TYR 74  74  74  TYR TYR A . n 
A 1 75  PRO 75  75  75  PRO PRO A . n 
A 1 76  VAL 76  76  76  VAL VAL A . n 
A 1 77  GLY 77  77  77  GLY GLY A . n 
A 1 78  ASP 78  78  78  ASP ASP A . n 
A 1 79  SER 79  79  79  SER SER A . n 
A 1 80  LYS 80  80  80  LYS LYS A . n 
A 1 81  ILE 81  81  81  ILE ILE A . n 
A 1 82  GLY 82  82  82  GLY GLY A . n 
A 1 83  LYS 83  83  83  LYS LYS A . n 
A 1 84  ILE 84  84  84  ILE ILE A . n 
A 1 85  TYR 85  85  85  TYR TYR A . n 
A 1 86  HIS 86  86  86  HIS HIS A . n 
A 1 87  SER 87  87  87  SER SER A . n 
A 1 88  TYR 88  88  88  TYR TYR A . n 
A 1 89  THR 89  89  89  THR THR A . n 
A 1 90  ILE 90  90  90  ILE ILE A . n 
A 1 91  GLY 91  91  91  GLY GLY A . n 
A 1 92  GLY 92  92  92  GLY GLY A . n 
A 1 93  VAL 93  93  93  VAL VAL A . n 
A 1 94  THR 94  94  94  THR THR A . n 
A 1 95  GLN 95  95  95  GLN GLN A . n 
A 1 96  GLU 96  96  96  GLU GLU A . n 
A 1 97  GLY 97  97  97  GLY GLY A . n 
A 1 98  VAL 98  98  98  VAL VAL A . n 
A 1 99  PHE 99  99  99  PHE PHE A . n 
A 1 100 ASN 100 100 100 ASN ASN A . n 
A 1 101 VAL 101 101 101 VAL VAL A . n 
A 1 102 LEU 102 102 102 LEU LEU A . n 
A 1 103 SER 103 103 103 SER SER A . n 
A 1 104 THR 104 104 104 THR THR A . n 
A 1 105 ASP 105 105 105 ASP ASP A . n 
A 1 106 ASN 106 106 106 ASN ASN A . n 
A 1 107 LYS 107 107 107 LYS LYS A . n 
A 1 108 ASN 108 108 108 ASN ASN A . n 
A 1 109 TYR 109 109 109 TYR TYR A . n 
A 1 110 ILE 110 110 110 ILE ILE A . n 
A 1 111 ILE 111 111 111 ILE ILE A . n 
A 1 112 GLY 112 112 112 GLY GLY A . n 
A 1 113 TYR 113 113 113 TYR TYR A . n 
A 1 114 PHE 114 114 114 PHE PHE A . n 
A 1 115 CYS 115 115 115 CYS CYS A . n 
A 1 116 SER 116 116 116 SER SER A . n 
A 1 117 TYR 117 117 117 TYR TYR A . n 
A 1 118 ASP 118 118 ?   ?   ?   A . n 
A 1 119 GLU 119 119 ?   ?   ?   A . n 
A 1 120 ASP 120 120 ?   ?   ?   A . n 
A 1 121 LYS 121 121 ?   ?   ?   A . n 
A 1 122 LYS 122 122 ?   ?   ?   A . n 
A 1 123 GLY 123 123 123 GLY GLY A . n 
A 1 124 HIS 124 124 124 HIS HIS A . n 
A 1 125 MET 125 125 125 MET MET A . n 
A 1 126 ASP 126 126 126 ASP ASP A . n 
A 1 127 LEU 127 127 127 LEU LEU A . n 
A 1 128 VAL 128 128 128 VAL VAL A . n 
A 1 129 TRP 129 129 129 TRP TRP A . n 
A 1 130 VAL 130 130 130 VAL VAL A . n 
A 1 131 LEU 131 131 131 LEU LEU A . n 
A 1 132 SER 132 132 132 SER SER A . n 
A 1 133 ARG 133 133 133 ARG ARG A . n 
A 1 134 SER 134 134 134 SER SER A . n 
A 1 135 MET 135 135 135 MET MET A . n 
A 1 136 VAL 136 136 136 VAL VAL A . n 
A 1 137 LEU 137 137 137 LEU LEU A . n 
A 1 138 THR 138 138 138 THR THR A . n 
A 1 139 GLY 139 139 139 GLY GLY A . n 
A 1 140 GLU 140 140 140 GLU GLU A . n 
A 1 141 ALA 141 141 141 ALA ALA A . n 
A 1 142 LYS 142 142 142 LYS LYS A . n 
A 1 143 THR 143 143 143 THR THR A . n 
A 1 144 ALA 144 144 144 ALA ALA A . n 
A 1 145 VAL 145 145 145 VAL VAL A . n 
A 1 146 GLU 146 146 146 GLU GLU A . n 
A 1 147 ASN 147 147 147 ASN ASN A . n 
A 1 148 TYR 148 148 148 TYR TYR A . n 
A 1 149 LEU 149 149 149 LEU LEU A . n 
A 1 150 ILE 150 150 150 ILE ILE A . n 
A 1 151 GLY 151 151 151 GLY GLY A . n 
A 1 152 SER 152 152 152 SER SER A . n 
A 1 153 PRO 153 153 153 PRO PRO A . n 
A 1 154 VAL 154 154 154 VAL VAL A . n 
A 1 155 VAL 155 155 155 VAL VAL A . n 
A 1 156 ASP 156 156 156 ASP ASP A . n 
A 1 157 SER 157 157 157 SER SER A . n 
A 1 158 GLN 158 158 158 GLN GLN A . n 
A 1 159 LYS 159 159 159 LYS LYS A . n 
A 1 160 LEU 160 160 160 LEU LEU A . n 
A 1 161 VAL 161 161 161 VAL VAL A . n 
A 1 162 TYR 162 162 162 TYR TYR A . n 
A 1 163 SER 163 163 163 SER SER A . n 
A 1 164 ASP 164 164 164 ASP ASP A . n 
A 1 165 PHE 165 165 165 PHE PHE A . n 
A 1 166 SER 166 166 166 SER SER A . n 
A 1 167 GLU 167 167 ?   ?   ?   A . n 
A 1 168 ALA 168 168 ?   ?   ?   A . n 
A 1 169 ALA 169 169 ?   ?   ?   A . n 
A 1 170 CYS 170 170 ?   ?   ?   A . n 
A 1 171 LYS 171 171 ?   ?   ?   A . n 
A 1 172 VAL 172 172 ?   ?   ?   A . n 
A 1 173 ASN 173 173 ?   ?   ?   A . n 
A 1 174 ASN 174 174 ?   ?   ?   A . n 
A 1 175 SER 175 175 ?   ?   ?   A . n 
A 1 176 ASN 176 176 ?   ?   ?   A . n 
A 1 177 TRP 177 177 ?   ?   ?   A . n 
A 1 178 SER 178 178 ?   ?   ?   A . n 
A 1 179 HIS 179 179 ?   ?   ?   A . n 
A 1 180 PRO 180 180 ?   ?   ?   A . n 
A 1 181 GLN 181 181 ?   ?   ?   A . n 
A 1 182 PHE 182 182 ?   ?   ?   A . n 
A 1 183 GLU 183 183 ?   ?   ?   A . n 
A 1 184 LYS 184 184 ?   ?   ?   A . n 
# 
loop_
_pdbx_nonpoly_scheme.asym_id 
_pdbx_nonpoly_scheme.entity_id 
_pdbx_nonpoly_scheme.mon_id 
_pdbx_nonpoly_scheme.ndb_seq_num 
_pdbx_nonpoly_scheme.pdb_seq_num 
_pdbx_nonpoly_scheme.auth_seq_num 
_pdbx_nonpoly_scheme.pdb_mon_id 
_pdbx_nonpoly_scheme.auth_mon_id 
_pdbx_nonpoly_scheme.pdb_strand_id 
_pdbx_nonpoly_scheme.pdb_ins_code 
B 2 DOG 1  500 700 DOG DOG A . 
C 3 HOH 1  501 1   HOH HOH A . 
C 3 HOH 2  502 2   HOH HOH A . 
C 3 HOH 3  503 3   HOH HOH A . 
C 3 HOH 4  504 4   HOH HOH A . 
C 3 HOH 5  505 5   HOH HOH A . 
C 3 HOH 6  506 6   HOH HOH A . 
C 3 HOH 7  507 7   HOH HOH A . 
C 3 HOH 8  508 8   HOH HOH A . 
C 3 HOH 9  509 9   HOH HOH A . 
C 3 HOH 10 510 10  HOH HOH A . 
C 3 HOH 11 511 11  HOH HOH A . 
C 3 HOH 12 512 12  HOH HOH A . 
C 3 HOH 13 513 13  HOH HOH A . 
C 3 HOH 14 514 14  HOH HOH A . 
C 3 HOH 15 515 15  HOH HOH A . 
C 3 HOH 16 516 16  HOH HOH A . 
C 3 HOH 17 517 17  HOH HOH A . 
C 3 HOH 18 518 18  HOH HOH A . 
C 3 HOH 19 519 19  HOH HOH A . 
C 3 HOH 20 520 20  HOH HOH A . 
C 3 HOH 21 521 21  HOH HOH A . 
C 3 HOH 22 522 22  HOH HOH A . 
C 3 HOH 23 523 23  HOH HOH A . 
C 3 HOH 24 524 24  HOH HOH A . 
C 3 HOH 25 525 25  HOH HOH A . 
C 3 HOH 26 526 26  HOH HOH A . 
C 3 HOH 27 527 27  HOH HOH A . 
C 3 HOH 28 528 28  HOH HOH A . 
C 3 HOH 29 529 29  HOH HOH A . 
C 3 HOH 30 530 30  HOH HOH A . 
C 3 HOH 31 531 31  HOH HOH A . 
C 3 HOH 32 532 32  HOH HOH A . 
C 3 HOH 33 533 33  HOH HOH A . 
C 3 HOH 34 534 34  HOH HOH A . 
C 3 HOH 35 535 35  HOH HOH A . 
C 3 HOH 36 536 36  HOH HOH A . 
C 3 HOH 37 537 37  HOH HOH A . 
C 3 HOH 38 538 38  HOH HOH A . 
C 3 HOH 39 539 39  HOH HOH A . 
C 3 HOH 40 540 40  HOH HOH A . 
C 3 HOH 41 541 41  HOH HOH A . 
C 3 HOH 42 542 42  HOH HOH A . 
C 3 HOH 43 543 43  HOH HOH A . 
C 3 HOH 44 544 44  HOH HOH A . 
C 3 HOH 45 545 45  HOH HOH A . 
C 3 HOH 46 546 46  HOH HOH A . 
C 3 HOH 47 547 47  HOH HOH A . 
C 3 HOH 48 548 48  HOH HOH A . 
C 3 HOH 49 549 49  HOH HOH A . 
C 3 HOH 50 550 50  HOH HOH A . 
C 3 HOH 51 551 51  HOH HOH A . 
C 3 HOH 52 552 52  HOH HOH A . 
C 3 HOH 53 553 53  HOH HOH A . 
C 3 HOH 54 554 54  HOH HOH A . 
C 3 HOH 55 555 55  HOH HOH A . 
C 3 HOH 56 556 56  HOH HOH A . 
C 3 HOH 57 557 57  HOH HOH A . 
C 3 HOH 58 558 58  HOH HOH A . 
# 
loop_
_software.name 
_software.classification 
_software.version 
_software.citation_id 
_software.pdbx_ordinal 
REFMAC    refinement       5.0 ? 1 
SCALEPACK 'data scaling'   .   ? 2 
CNS       refinement       .   ? 3 
DENZO     'data reduction' .   ? 4 
CNS       phasing          .   ? 5 
# 
_cell.entry_id           1LKE 
_cell.length_a           75.052 
_cell.length_b           63.988 
_cell.length_c           39.452 
_cell.angle_alpha        90.00 
_cell.angle_beta         91.53 
_cell.angle_gamma        90.00 
_cell.Z_PDB              4 
_cell.pdbx_unique_axis   ? 
# 
_symmetry.entry_id                         1LKE 
_symmetry.space_group_name_H-M             'C 1 2 1' 
_symmetry.pdbx_full_space_group_name_H-M   ? 
_symmetry.cell_setting                     ? 
_symmetry.Int_Tables_number                5 
# 
_exptl.entry_id          1LKE 
_exptl.method            'X-RAY DIFFRACTION' 
_exptl.crystals_number   1 
# 
_exptl_crystal.id                    1 
_exptl_crystal.density_meas          ? 
_exptl_crystal.density_Matthews      2.5 
_exptl_crystal.density_percent_sol   51.1 
_exptl_crystal.description           ? 
# 
_exptl_crystal_grow.crystal_id      1 
_exptl_crystal_grow.method          'VAPOR DIFFUSION, HANGING DROP' 
_exptl_crystal_grow.temp            298 
_exptl_crystal_grow.temp_details    ? 
_exptl_crystal_grow.pH              8.00 
_exptl_crystal_grow.pdbx_details    
'0.1-M HEPES, 10% ISOPROPANOL, 19% PEG 4000, pH 8.00, VAPOR DIFFUSION, HANGING DROP, temperature 298K' 
_exptl_crystal_grow.pdbx_pH_range   ? 
# 
_diffrn.id                     1 
_diffrn.ambient_temp           298.0 
_diffrn.ambient_temp_details   ? 
_diffrn.crystal_id             1 
# 
_diffrn_detector.diffrn_id              1 
_diffrn_detector.detector               'IMAGE PLATE' 
_diffrn_detector.type                   'MAR scanner 345 mm plate' 
_diffrn_detector.pdbx_collection_date   2001-03-03 
_diffrn_detector.details                'OSMIC MIRRORS' 
# 
_diffrn_radiation.diffrn_id                        1 
_diffrn_radiation.wavelength_id                    1 
_diffrn_radiation.pdbx_monochromatic_or_laue_m_l   M 
_diffrn_radiation.monochromator                    ? 
_diffrn_radiation.pdbx_diffrn_protocol             'SINGLE WAVELENGTH' 
_diffrn_radiation.pdbx_scattering_type             x-ray 
# 
_diffrn_radiation_wavelength.id           1 
_diffrn_radiation_wavelength.wavelength   1.5418 
_diffrn_radiation_wavelength.wt           1.0 
# 
_diffrn_source.diffrn_id                   1 
_diffrn_source.source                      'ROTATING ANODE' 
_diffrn_source.type                        'RIGAKU RU300' 
_diffrn_source.pdbx_synchrotron_site       ? 
_diffrn_source.pdbx_synchrotron_beamline   ? 
_diffrn_source.pdbx_wavelength             1.5418 
_diffrn_source.pdbx_wavelength_list        ? 
# 
_reflns.entry_id                     1LKE 
_reflns.observed_criterion_sigma_I   -3 
_reflns.observed_criterion_sigma_F   ? 
_reflns.d_resolution_low             99.00 
_reflns.d_resolution_high            1.9 
_reflns.number_obs                   14294 
_reflns.number_all                   14294 
_reflns.percent_possible_obs         96.7 
_reflns.pdbx_Rmerge_I_obs            ? 
_reflns.pdbx_Rsym_value              0.06 
_reflns.pdbx_netI_over_sigmaI        22.0 
_reflns.B_iso_Wilson_estimate        ? 
_reflns.pdbx_redundancy              2.2 
_reflns.R_free_details               ? 
_reflns.limit_h_max                  ? 
_reflns.limit_h_min                  ? 
_reflns.limit_k_max                  ? 
_reflns.limit_k_min                  ? 
_reflns.limit_l_max                  ? 
_reflns.limit_l_min                  ? 
_reflns.observed_criterion_F_max     ? 
_reflns.observed_criterion_F_min     ? 
_reflns.pdbx_diffrn_id               1 
_reflns.pdbx_ordinal                 1 
# 
_reflns_shell.d_res_high             1.9 
_reflns_shell.d_res_low              1.97 
_reflns_shell.percent_possible_all   96.1 
_reflns_shell.Rmerge_I_obs           ? 
_reflns_shell.pdbx_Rsym_value        0.22 
_reflns_shell.meanI_over_sigI_obs    6.0 
_reflns_shell.pdbx_redundancy        1.9 
_reflns_shell.percent_possible_obs   ? 
_reflns_shell.number_unique_all      1411 
_reflns_shell.pdbx_diffrn_id         ? 
_reflns_shell.pdbx_ordinal           1 
# 
_refine.entry_id                                 1LKE 
_refine.ls_number_reflns_obs                     13599 
_refine.ls_number_reflns_all                     14330 
_refine.pdbx_ls_sigma_I                          ? 
_refine.pdbx_ls_sigma_F                          ? 
_refine.pdbx_data_cutoff_high_absF               ? 
_refine.pdbx_data_cutoff_low_absF                ? 
_refine.pdbx_data_cutoff_high_rms_absF           ? 
_refine.ls_d_res_low                             48.80 
_refine.ls_d_res_high                            1.9 
_refine.ls_percent_reflns_obs                    96.90 
_refine.ls_R_factor_obs                          0.18808 
_refine.ls_R_factor_all                          ? 
_refine.ls_R_factor_R_work                       0.18495 
_refine.ls_R_factor_R_free                       0.24753 
_refine.ls_R_factor_R_free_error                 ? 
_refine.ls_R_factor_R_free_error_details         ? 
_refine.ls_percent_reflns_R_free                 5.1 
_refine.ls_number_reflns_R_free                  731 
_refine.ls_number_parameters                     ? 
_refine.ls_number_restraints                     ? 
_refine.occupancy_min                            ? 
_refine.occupancy_max                            ? 
_refine.correlation_coeff_Fo_to_Fc               0.957 
_refine.correlation_coeff_Fo_to_Fc_free          0.920 
_refine.B_iso_mean                               33.566 
_refine.aniso_B[1][1]                            -0.02 
_refine.aniso_B[2][2]                            -1.61 
_refine.aniso_B[3][3]                            1.64 
_refine.aniso_B[1][2]                            0.00 
_refine.aniso_B[1][3]                            0.14 
_refine.aniso_B[2][3]                            0.00 
_refine.solvent_model_details                    'BABINET MODEL WITH MASK' 
_refine.solvent_model_param_ksol                 ? 
_refine.solvent_model_param_bsol                 ? 
_refine.pdbx_solvent_vdw_probe_radii             1.40 
_refine.pdbx_solvent_ion_probe_radii             0.80 
_refine.pdbx_solvent_shrinkage_radii             0.80 
_refine.pdbx_ls_cross_valid_method               THROUGHOUT 
_refine.details                                  ? 
_refine.pdbx_starting_model                      'pdb entry 1BBP' 
_refine.pdbx_method_to_determine_struct          'FOURIER SYNTHESIS' 
_refine.pdbx_isotropic_thermal_model             ? 
_refine.pdbx_stereochemistry_target_values       'ENGH & HUBER' 
_refine.pdbx_stereochem_target_val_spec_case     ? 
_refine.pdbx_R_Free_selection_details            RANDOM 
_refine.pdbx_overall_ESU_R                       0.145 
_refine.pdbx_overall_ESU_R_Free                  0.151 
_refine.overall_SU_ML                            0.098 
_refine.overall_SU_B                             3.212 
_refine.ls_redundancy_reflns_obs                 ? 
_refine.B_iso_min                                ? 
_refine.B_iso_max                                ? 
_refine.overall_SU_R_Cruickshank_DPI             ? 
_refine.overall_SU_R_free                        ? 
_refine.pdbx_refine_id                           'X-RAY DIFFRACTION' 
_refine.pdbx_diffrn_id                           1 
_refine.pdbx_TLS_residual_ADP_flag               ? 
_refine.pdbx_overall_phase_error                 ? 
_refine.pdbx_overall_SU_R_free_Cruickshank_DPI   ? 
_refine.pdbx_overall_SU_R_Blow_DPI               ? 
_refine.pdbx_overall_SU_R_free_Blow_DPI          ? 
# 
_refine_hist.pdbx_refine_id                   'X-RAY DIFFRACTION' 
_refine_hist.cycle_id                         LAST 
_refine_hist.pdbx_number_atoms_protein        1245 
_refine_hist.pdbx_number_atoms_nucleic_acid   0 
_refine_hist.pdbx_number_atoms_ligand         28 
_refine_hist.number_atoms_solvent             58 
_refine_hist.number_atoms_total               1331 
_refine_hist.d_res_high                       1.9 
_refine_hist.d_res_low                        48.80 
# 
loop_
_refine_ls_restr.type 
_refine_ls_restr.dev_ideal 
_refine_ls_restr.dev_ideal_target 
_refine_ls_restr.weight 
_refine_ls_restr.number 
_refine_ls_restr.pdbx_refine_id 
_refine_ls_restr.pdbx_restraint_function 
r_bond_refined_d         0.017  0.021  ? 1316 'X-RAY DIFFRACTION' ? 
r_bond_other_d           ?      ?      ? ?    'X-RAY DIFFRACTION' ? 
r_angle_refined_deg      1.541  1.909  ? 1798 'X-RAY DIFFRACTION' ? 
r_angle_other_deg        ?      ?      ? ?    'X-RAY DIFFRACTION' ? 
r_dihedral_angle_1_deg   5.123  3.000  ? 155  'X-RAY DIFFRACTION' ? 
r_dihedral_angle_2_deg   16.879 15.000 ? 207  'X-RAY DIFFRACTION' ? 
r_chiral_restr           0.152  0.200  ? 189  'X-RAY DIFFRACTION' ? 
r_gen_planes_refined     0.008  0.020  ? 991  'X-RAY DIFFRACTION' ? 
r_gen_planes_other       ?      ?      ? ?    'X-RAY DIFFRACTION' ? 
r_nbd_refined            0.209  0.300  ? 462  'X-RAY DIFFRACTION' ? 
r_nbd_other              ?      ?      ? ?    'X-RAY DIFFRACTION' ? 
r_nbtor_other            ?      ?      ? ?    'X-RAY DIFFRACTION' ? 
r_xyhbond_nbd_refined    0.179  0.500  ? 210  'X-RAY DIFFRACTION' ? 
r_xyhbond_nbd_other      ?      ?      ? ?    'X-RAY DIFFRACTION' ? 
r_symmetry_vdw_refined   0.314  0.300  ? 10   'X-RAY DIFFRACTION' ? 
r_symmetry_vdw_other     ?      ?      ? ?    'X-RAY DIFFRACTION' ? 
r_symmetry_hbond_refined 0.135  0.500  ? 9    'X-RAY DIFFRACTION' ? 
r_symmetry_hbond_other   ?      ?      ? ?    'X-RAY DIFFRACTION' ? 
r_mcbond_it              4.556  2.000  ? 773  'X-RAY DIFFRACTION' ? 
r_mcangle_it             6.837  3.000  ? 1246 'X-RAY DIFFRACTION' ? 
r_scbond_it              5.709  2.000  ? 543  'X-RAY DIFFRACTION' ? 
r_scangle_it             8.136  3.000  ? 552  'X-RAY DIFFRACTION' ? 
r_rigid_bond_restr       ?      ?      ? ?    'X-RAY DIFFRACTION' ? 
r_sphericity_free        ?      ?      ? ?    'X-RAY DIFFRACTION' ? 
r_sphericity_bonded      ?      ?      ? ?    'X-RAY DIFFRACTION' ? 
# 
_refine_ls_shell.pdbx_total_number_of_bins_used   10 
_refine_ls_shell.d_res_high                       1.9 
_refine_ls_shell.d_res_low                        2.0 
_refine_ls_shell.number_reflns_R_work             ? 
_refine_ls_shell.R_factor_R_work                  0.33 
_refine_ls_shell.percent_reflns_obs               98.04 
_refine_ls_shell.R_factor_R_free                  0.42 
_refine_ls_shell.R_factor_R_free_error            ? 
_refine_ls_shell.percent_reflns_R_free            ? 
_refine_ls_shell.number_reflns_R_free             113 
_refine_ls_shell.number_reflns_obs                1986 
_refine_ls_shell.redundancy_reflns_obs            ? 
_refine_ls_shell.number_reflns_all                ? 
_refine_ls_shell.pdbx_refine_id                   'X-RAY DIFFRACTION' 
_refine_ls_shell.R_factor_all                     ? 
# 
_struct.entry_id                  1LKE 
_struct.title                     'ENGINEERED LIPOCALIN DIGA16 IN COMPLEX WITH DIGOXIGENIN' 
_struct.pdbx_model_details        ? 
_struct.pdbx_CASP_flag            ? 
_struct.pdbx_model_type_details   ? 
# 
_struct_keywords.entry_id        1LKE 
_struct_keywords.pdbx_keywords   'LIGAND BINDING PROTEIN' 
_struct_keywords.text            
'PIERIS BRASSICAE, LIPOCALIN, ANTICALIN, GENETICAL ENGINEERING, DIGOXIGENIN, LIGAND BINDING PROTEIN' 
# 
loop_
_struct_asym.id 
_struct_asym.pdbx_blank_PDB_chainid_flag 
_struct_asym.pdbx_modified 
_struct_asym.entity_id 
_struct_asym.details 
A N N 1 ? 
B N N 2 ? 
C N N 3 ? 
# 
_struct_ref.id                         1 
_struct_ref.db_name                    UNP 
_struct_ref.db_code                    BBP_PIEBR 
_struct_ref.entity_id                  1 
_struct_ref.pdbx_seq_one_letter_code   
;NVYHDGACPEVKPVDNFDWSNYHGKWWEVAKYPNSVEKYGKCGWAEYTPEGKSVKVSNYHVIHGKEYFIEGTAYPVGDSK
IGKIYHKLTYGGVTKENVFNVLSTDNKNYIIGYYCKYDEDKKGHQDFVWVLSRSKVLTGEAKTAVENYLIGSPVVDSQKL
VYSDFSEAACKVNN
;
_struct_ref.pdbx_align_begin           16 
_struct_ref.pdbx_db_accession          P09464 
_struct_ref.pdbx_db_isoform            ? 
# 
_struct_ref_seq.align_id                      1 
_struct_ref_seq.ref_id                        1 
_struct_ref_seq.pdbx_PDB_id_code              1LKE 
_struct_ref_seq.pdbx_strand_id                A 
_struct_ref_seq.seq_align_beg                 1 
_struct_ref_seq.pdbx_seq_align_beg_ins_code   ? 
_struct_ref_seq.seq_align_end                 174 
_struct_ref_seq.pdbx_seq_align_end_ins_code   ? 
_struct_ref_seq.pdbx_db_accession             P09464 
_struct_ref_seq.db_align_beg                  16 
_struct_ref_seq.pdbx_db_align_beg_ins_code    ? 
_struct_ref_seq.db_align_end                  189 
_struct_ref_seq.pdbx_db_align_end_ins_code    ? 
_struct_ref_seq.pdbx_auth_seq_align_beg       1 
_struct_ref_seq.pdbx_auth_seq_align_end       174 
# 
loop_
_struct_ref_seq_dif.align_id 
_struct_ref_seq_dif.pdbx_pdb_id_code 
_struct_ref_seq_dif.mon_id 
_struct_ref_seq_dif.pdbx_pdb_strand_id 
_struct_ref_seq_dif.seq_num 
_struct_ref_seq_dif.pdbx_pdb_ins_code 
_struct_ref_seq_dif.pdbx_seq_db_name 
_struct_ref_seq_dif.pdbx_seq_db_accession_code 
_struct_ref_seq_dif.db_mon_id 
_struct_ref_seq_dif.pdbx_seq_db_seq_num 
_struct_ref_seq_dif.details 
_struct_ref_seq_dif.pdbx_auth_seq_num 
_struct_ref_seq_dif.pdbx_ordinal 
1 1LKE ASP A 1   ? UNP P09464 ASN 16  'engineered mutation' 1   1  
1 1LKE GLN A 21  ? UNP P09464 ASN 36  'engineered mutation' 21  2  
1 1LKE GLN A 28  ? UNP P09464 GLU 43  'engineered mutation' 28  3  
1 1LKE ALA A 31  ? UNP P09464 LYS 46  'engineered mutation' 31  4  
1 1LKE ASP A 34  ? UNP P09464 ASN 49  'engineered mutation' 34  5  
1 1LKE HIS A 35  ? UNP P09464 SER 50  'engineered mutation' 35  6  
1 1LKE ILE A 36  ? UNP P09464 VAL 51  'engineered mutation' 36  7  
1 1LKE THR A 37  ? UNP P09464 GLU 52  'engineered mutation' 37  8  
1 1LKE ARG A 58  ? UNP P09464 ASN 73  'engineered mutation' 58  9  
1 1LKE SER A 60  ? UNP P09464 HIS 75  'engineered mutation' 60  10 
1 1LKE SER A 69  ? UNP P09464 ILE 84  'engineered mutation' 69  11 
1 1LKE SER A 87  ? UNP P09464 LYS 102 'engineered mutation' 87  12 
1 1LKE TYR A 88  ? UNP P09464 LEU 103 'engineered mutation' 88  13 
1 1LKE ILE A 90  ? UNP P09464 TYR 105 'engineered mutation' 90  14 
1 1LKE GLN A 95  ? UNP P09464 LYS 110 'engineered mutation' 95  15 
1 1LKE GLY A 97  ? UNP P09464 ASN 112 'engineered mutation' 97  16 
1 1LKE PHE A 114 ? UNP P09464 TYR 129 'engineered mutation' 114 17 
1 1LKE SER A 116 ? UNP P09464 LYS 131 'engineered mutation' 116 18 
1 1LKE MET A 125 ? UNP P09464 GLN 140 'engineered mutation' 125 19 
1 1LKE LEU A 127 ? UNP P09464 PHE 142 'engineered mutation' 127 20 
1 1LKE MET A 135 ? UNP P09464 LYS 150 'engineered mutation' 135 21 
1 1LKE SER A 175 ? UNP P09464 ?   ?   'SEE REMARK 999'      175 22 
1 1LKE ASN A 176 ? UNP P09464 ?   ?   'SEE REMARK 999'      176 23 
1 1LKE TRP A 177 ? UNP P09464 ?   ?   'SEE REMARK 999'      177 24 
1 1LKE SER A 178 ? UNP P09464 ?   ?   'SEE REMARK 999'      178 25 
1 1LKE HIS A 179 ? UNP P09464 ?   ?   'SEE REMARK 999'      179 26 
1 1LKE PRO A 180 ? UNP P09464 ?   ?   'SEE REMARK 999'      180 27 
1 1LKE GLN A 181 ? UNP P09464 ?   ?   'SEE REMARK 999'      181 28 
1 1LKE PHE A 182 ? UNP P09464 ?   ?   'SEE REMARK 999'      182 29 
1 1LKE GLU A 183 ? UNP P09464 ?   ?   'SEE REMARK 999'      183 30 
1 1LKE LYS A 184 ? UNP P09464 ?   ?   'SEE REMARK 999'      184 31 
# 
_pdbx_struct_assembly.id                   1 
_pdbx_struct_assembly.details              author_defined_assembly 
_pdbx_struct_assembly.method_details       ? 
_pdbx_struct_assembly.oligomeric_details   monomeric 
_pdbx_struct_assembly.oligomeric_count     1 
# 
_pdbx_struct_assembly_gen.assembly_id       1 
_pdbx_struct_assembly_gen.oper_expression   1 
_pdbx_struct_assembly_gen.asym_id_list      A,B,C 
# 
_pdbx_struct_oper_list.id                   1 
_pdbx_struct_oper_list.type                 'identity operation' 
_pdbx_struct_oper_list.name                 1_555 
_pdbx_struct_oper_list.symmetry_operation   x,y,z 
_pdbx_struct_oper_list.matrix[1][1]         1.0000000000 
_pdbx_struct_oper_list.matrix[1][2]         0.0000000000 
_pdbx_struct_oper_list.matrix[1][3]         0.0000000000 
_pdbx_struct_oper_list.vector[1]            0.0000000000 
_pdbx_struct_oper_list.matrix[2][1]         0.0000000000 
_pdbx_struct_oper_list.matrix[2][2]         1.0000000000 
_pdbx_struct_oper_list.matrix[2][3]         0.0000000000 
_pdbx_struct_oper_list.vector[2]            0.0000000000 
_pdbx_struct_oper_list.matrix[3][1]         0.0000000000 
_pdbx_struct_oper_list.matrix[3][2]         0.0000000000 
_pdbx_struct_oper_list.matrix[3][3]         1.0000000000 
_pdbx_struct_oper_list.vector[3]            0.0000000000 
# 
loop_
_struct_conf.conf_type_id 
_struct_conf.id 
_struct_conf.pdbx_PDB_helix_id 
_struct_conf.beg_label_comp_id 
_struct_conf.beg_label_asym_id 
_struct_conf.beg_label_seq_id 
_struct_conf.pdbx_beg_PDB_ins_code 
_struct_conf.end_label_comp_id 
_struct_conf.end_label_asym_id 
_struct_conf.end_label_seq_id 
_struct_conf.pdbx_end_PDB_ins_code 
_struct_conf.beg_auth_comp_id 
_struct_conf.beg_auth_asym_id 
_struct_conf.beg_auth_seq_id 
_struct_conf.end_auth_comp_id 
_struct_conf.end_auth_asym_id 
_struct_conf.end_auth_seq_id 
_struct_conf.pdbx_PDB_helix_class 
_struct_conf.details 
_struct_conf.pdbx_PDB_helix_length 
HELX_P HELX_P1 1 ASP A 18  ? TYR A 22  ? ASP A 18  TYR A 22  5 ? 5  
HELX_P HELX_P2 2 TYR A 32  ? GLY A 40  ? TYR A 32  GLY A 40  1 ? 9  
HELX_P HELX_P3 3 ASP A 78  ? ILE A 81  ? ASP A 78  ILE A 81  5 ? 4  
HELX_P HELX_P4 4 THR A 138 ? SER A 152 ? THR A 138 SER A 152 1 ? 15 
HELX_P HELX_P5 5 ASP A 156 ? LEU A 160 ? ASP A 156 LEU A 160 5 ? 5  
# 
_struct_conf_type.id          HELX_P 
_struct_conf_type.criteria    ? 
_struct_conf_type.reference   ? 
# 
_struct_conn.id                            disulf1 
_struct_conn.conn_type_id                  disulf 
_struct_conn.pdbx_leaving_atom_flag        ? 
_struct_conn.pdbx_PDB_id                   ? 
_struct_conn.ptnr1_label_asym_id           A 
_struct_conn.ptnr1_label_comp_id           CYS 
_struct_conn.ptnr1_label_seq_id            8 
_struct_conn.ptnr1_label_atom_id           SG 
_struct_conn.pdbx_ptnr1_label_alt_id       ? 
_struct_conn.pdbx_ptnr1_PDB_ins_code       ? 
_struct_conn.pdbx_ptnr1_standard_comp_id   ? 
_struct_conn.ptnr1_symmetry                1_555 
_struct_conn.ptnr2_label_asym_id           A 
_struct_conn.ptnr2_label_comp_id           CYS 
_struct_conn.ptnr2_label_seq_id            115 
_struct_conn.ptnr2_label_atom_id           SG 
_struct_conn.pdbx_ptnr2_label_alt_id       ? 
_struct_conn.pdbx_ptnr2_PDB_ins_code       ? 
_struct_conn.ptnr1_auth_asym_id            A 
_struct_conn.ptnr1_auth_comp_id            CYS 
_struct_conn.ptnr1_auth_seq_id             8 
_struct_conn.ptnr2_auth_asym_id            A 
_struct_conn.ptnr2_auth_comp_id            CYS 
_struct_conn.ptnr2_auth_seq_id             115 
_struct_conn.ptnr2_symmetry                1_555 
_struct_conn.pdbx_ptnr3_label_atom_id      ? 
_struct_conn.pdbx_ptnr3_label_seq_id       ? 
_struct_conn.pdbx_ptnr3_label_comp_id      ? 
_struct_conn.pdbx_ptnr3_label_asym_id      ? 
_struct_conn.pdbx_ptnr3_label_alt_id       ? 
_struct_conn.pdbx_ptnr3_PDB_ins_code       ? 
_struct_conn.details                       ? 
_struct_conn.pdbx_dist_value               2.044 
_struct_conn.pdbx_value_order              ? 
_struct_conn.pdbx_role                     ? 
# 
_struct_conn_type.id          disulf 
_struct_conn_type.criteria    ? 
_struct_conn_type.reference   ? 
# 
_pdbx_modification_feature.ordinal                            1 
_pdbx_modification_feature.label_comp_id                      CYS 
_pdbx_modification_feature.label_asym_id                      A 
_pdbx_modification_feature.label_seq_id                       8 
_pdbx_modification_feature.label_alt_id                       ? 
_pdbx_modification_feature.modified_residue_label_comp_id     CYS 
_pdbx_modification_feature.modified_residue_label_asym_id     A 
_pdbx_modification_feature.modified_residue_label_seq_id      115 
_pdbx_modification_feature.modified_residue_label_alt_id      ? 
_pdbx_modification_feature.auth_comp_id                       CYS 
_pdbx_modification_feature.auth_asym_id                       A 
_pdbx_modification_feature.auth_seq_id                        8 
_pdbx_modification_feature.PDB_ins_code                       ? 
_pdbx_modification_feature.symmetry                           1_555 
_pdbx_modification_feature.modified_residue_auth_comp_id      CYS 
_pdbx_modification_feature.modified_residue_auth_asym_id      A 
_pdbx_modification_feature.modified_residue_auth_seq_id       115 
_pdbx_modification_feature.modified_residue_PDB_ins_code      ? 
_pdbx_modification_feature.modified_residue_symmetry          1_555 
_pdbx_modification_feature.comp_id_linking_atom               SG 
_pdbx_modification_feature.modified_residue_id_linking_atom   SG 
_pdbx_modification_feature.modified_residue_id                . 
_pdbx_modification_feature.ref_pcm_id                         . 
_pdbx_modification_feature.ref_comp_id                        . 
_pdbx_modification_feature.type                               None 
_pdbx_modification_feature.category                           'Disulfide bridge' 
# 
_struct_sheet.id               A 
_struct_sheet.type             ? 
_struct_sheet.number_strands   9 
_struct_sheet.details          ? 
# 
loop_
_struct_sheet_order.sheet_id 
_struct_sheet_order.range_id_1 
_struct_sheet_order.range_id_2 
_struct_sheet_order.offset 
_struct_sheet_order.sense 
A 1 2 ? anti-parallel 
A 2 3 ? anti-parallel 
A 3 4 ? anti-parallel 
A 4 5 ? anti-parallel 
A 5 6 ? anti-parallel 
A 6 7 ? anti-parallel 
A 7 8 ? anti-parallel 
A 8 9 ? anti-parallel 
# 
loop_
_struct_sheet_range.sheet_id 
_struct_sheet_range.id 
_struct_sheet_range.beg_label_comp_id 
_struct_sheet_range.beg_label_asym_id 
_struct_sheet_range.beg_label_seq_id 
_struct_sheet_range.pdbx_beg_PDB_ins_code 
_struct_sheet_range.end_label_comp_id 
_struct_sheet_range.end_label_asym_id 
_struct_sheet_range.end_label_seq_id 
_struct_sheet_range.pdbx_end_PDB_ins_code 
_struct_sheet_range.beg_auth_comp_id 
_struct_sheet_range.beg_auth_asym_id 
_struct_sheet_range.beg_auth_seq_id 
_struct_sheet_range.end_auth_comp_id 
_struct_sheet_range.end_auth_asym_id 
_struct_sheet_range.end_auth_seq_id 
A 1 VAL A 161 ? TYR A 162 ? VAL A 161 TYR A 162 
A 2 GLY A 24  ? ALA A 31  ? GLY A 24  ALA A 31  
A 3 LYS A 41  ? GLU A 50  ? LYS A 41  GLU A 50  
A 4 SER A 53  ? ILE A 62  ? SER A 53  ILE A 62  
A 5 LYS A 65  ? PRO A 75  ? LYS A 65  PRO A 75  
A 6 LYS A 83  ? ILE A 90  ? LYS A 83  ILE A 90  
A 7 VAL A 93  ? THR A 104 ? VAL A 93  THR A 104 
A 8 TYR A 109 ? SER A 116 ? TYR A 109 SER A 116 
A 9 MET A 125 ? SER A 132 ? MET A 125 SER A 132 
# 
loop_
_pdbx_struct_sheet_hbond.sheet_id 
_pdbx_struct_sheet_hbond.range_id_1 
_pdbx_struct_sheet_hbond.range_id_2 
_pdbx_struct_sheet_hbond.range_1_label_atom_id 
_pdbx_struct_sheet_hbond.range_1_label_comp_id 
_pdbx_struct_sheet_hbond.range_1_label_asym_id 
_pdbx_struct_sheet_hbond.range_1_label_seq_id 
_pdbx_struct_sheet_hbond.range_1_PDB_ins_code 
_pdbx_struct_sheet_hbond.range_1_auth_atom_id 
_pdbx_struct_sheet_hbond.range_1_auth_comp_id 
_pdbx_struct_sheet_hbond.range_1_auth_asym_id 
_pdbx_struct_sheet_hbond.range_1_auth_seq_id 
_pdbx_struct_sheet_hbond.range_2_label_atom_id 
_pdbx_struct_sheet_hbond.range_2_label_comp_id 
_pdbx_struct_sheet_hbond.range_2_label_asym_id 
_pdbx_struct_sheet_hbond.range_2_label_seq_id 
_pdbx_struct_sheet_hbond.range_2_PDB_ins_code 
_pdbx_struct_sheet_hbond.range_2_auth_atom_id 
_pdbx_struct_sheet_hbond.range_2_auth_comp_id 
_pdbx_struct_sheet_hbond.range_2_auth_asym_id 
_pdbx_struct_sheet_hbond.range_2_auth_seq_id 
A 1 2 N VAL A 161 ? N VAL A 161 O ALA A 31  ? O ALA A 31  
A 2 3 N GLN A 28  ? N GLN A 28  O GLY A 43  ? O GLY A 43  
A 3 4 N GLU A 50  ? N GLU A 50  O SER A 53  ? O SER A 53  
A 4 5 N ILE A 62  ? N ILE A 62  O LYS A 65  ? O LYS A 65  
A 5 6 O TYR A 74  ? O TYR A 74  N TYR A 85  ? N TYR A 85  
A 6 7 N ILE A 90  ? N ILE A 90  O VAL A 93  ? O VAL A 93  
A 7 8 N LEU A 102 ? N LEU A 102 O ILE A 111 ? O ILE A 111 
A 8 9 O SER A 116 ? O SER A 116 N MET A 125 ? N MET A 125 
# 
_struct_site.id                   AC1 
_struct_site.pdbx_evidence_code   Software 
_struct_site.pdbx_auth_asym_id    A 
_struct_site.pdbx_auth_comp_id    DOG 
_struct_site.pdbx_auth_seq_id     500 
_struct_site.pdbx_auth_ins_code   ? 
_struct_site.pdbx_num_residues    11 
_struct_site.details              'BINDING SITE FOR RESIDUE DOG A 500' 
# 
loop_
_struct_site_gen.id 
_struct_site_gen.site_id 
_struct_site_gen.pdbx_num_res 
_struct_site_gen.label_comp_id 
_struct_site_gen.label_asym_id 
_struct_site_gen.label_seq_id 
_struct_site_gen.pdbx_auth_ins_code 
_struct_site_gen.auth_comp_id 
_struct_site_gen.auth_asym_id 
_struct_site_gen.auth_seq_id 
_struct_site_gen.label_atom_id 
_struct_site_gen.label_alt_id 
_struct_site_gen.symmetry 
_struct_site_gen.details 
1  AC1 11 GLN A 28  ? GLN A 28  . ? 1_555 ? 
2  AC1 11 HIS A 35  ? HIS A 35  . ? 1_555 ? 
3  AC1 11 TYR A 39  ? TYR A 39  . ? 1_555 ? 
4  AC1 11 TYR A 47  ? TYR A 47  . ? 1_555 ? 
5  AC1 11 ARG A 58  ? ARG A 58  . ? 1_555 ? 
6  AC1 11 HIS A 86  ? HIS A 86  . ? 1_555 ? 
7  AC1 11 PHE A 114 ? PHE A 114 . ? 1_555 ? 
8  AC1 11 TRP A 129 ? TRP A 129 . ? 1_555 ? 
9  AC1 11 LEU A 131 ? LEU A 131 . ? 1_555 ? 
10 AC1 11 HOH C .   ? HOH A 502 . ? 1_555 ? 
11 AC1 11 HOH C .   ? HOH A 523 . ? 1_555 ? 
# 
_pdbx_entry_details.entry_id                   1LKE 
_pdbx_entry_details.compound_details           ? 
_pdbx_entry_details.source_details             ? 
_pdbx_entry_details.nonpolymer_details         ? 
_pdbx_entry_details.sequence_details           ? 
_pdbx_entry_details.has_ligand_of_interest     ? 
_pdbx_entry_details.has_protein_modification   Y 
# 
loop_
_pdbx_validate_close_contact.id 
_pdbx_validate_close_contact.PDB_model_num 
_pdbx_validate_close_contact.auth_atom_id_1 
_pdbx_validate_close_contact.auth_asym_id_1 
_pdbx_validate_close_contact.auth_comp_id_1 
_pdbx_validate_close_contact.auth_seq_id_1 
_pdbx_validate_close_contact.PDB_ins_code_1 
_pdbx_validate_close_contact.label_alt_id_1 
_pdbx_validate_close_contact.auth_atom_id_2 
_pdbx_validate_close_contact.auth_asym_id_2 
_pdbx_validate_close_contact.auth_comp_id_2 
_pdbx_validate_close_contact.auth_seq_id_2 
_pdbx_validate_close_contact.PDB_ins_code_2 
_pdbx_validate_close_contact.label_alt_id_2 
_pdbx_validate_close_contact.dist 
1 1 OD2 A ASP 18 ? ? NE2 A GLN 21  ? ? 2.15 
2 1 OE2 A GLU 10 ? ? O   A HOH 543 ? ? 2.19 
# 
_pdbx_validate_symm_contact.id                1 
_pdbx_validate_symm_contact.PDB_model_num     1 
_pdbx_validate_symm_contact.auth_atom_id_1    OE2 
_pdbx_validate_symm_contact.auth_asym_id_1    A 
_pdbx_validate_symm_contact.auth_comp_id_1    GLU 
_pdbx_validate_symm_contact.auth_seq_id_1     10 
_pdbx_validate_symm_contact.PDB_ins_code_1    ? 
_pdbx_validate_symm_contact.label_alt_id_1    ? 
_pdbx_validate_symm_contact.site_symmetry_1   1_555 
_pdbx_validate_symm_contact.auth_atom_id_2    OE2 
_pdbx_validate_symm_contact.auth_asym_id_2    A 
_pdbx_validate_symm_contact.auth_comp_id_2    GLU 
_pdbx_validate_symm_contact.auth_seq_id_2     10 
_pdbx_validate_symm_contact.PDB_ins_code_2    ? 
_pdbx_validate_symm_contact.label_alt_id_2    ? 
_pdbx_validate_symm_contact.site_symmetry_2   2_558 
_pdbx_validate_symm_contact.dist              2.08 
# 
loop_
_pdbx_validate_torsion.id 
_pdbx_validate_torsion.PDB_model_num 
_pdbx_validate_torsion.auth_comp_id 
_pdbx_validate_torsion.auth_asym_id 
_pdbx_validate_torsion.auth_seq_id 
_pdbx_validate_torsion.PDB_ins_code 
_pdbx_validate_torsion.label_alt_id 
_pdbx_validate_torsion.phi 
_pdbx_validate_torsion.psi 
1 1 LYS A 107 ? ? -153.10 -54.58 
2 1 HIS A 124 ? ? -170.43 146.58 
# 
_pdbx_database_remark.id     999 
_pdbx_database_remark.text   
;SEQUENCE
NWSHPQFEK is the sequence of the Strep-tagII, 
which the authors used to purify the protein. The 
extra S before is a linker.
;
# 
loop_
_pdbx_unobs_or_zero_occ_residues.id 
_pdbx_unobs_or_zero_occ_residues.PDB_model_num 
_pdbx_unobs_or_zero_occ_residues.polymer_flag 
_pdbx_unobs_or_zero_occ_residues.occupancy_flag 
_pdbx_unobs_or_zero_occ_residues.auth_asym_id 
_pdbx_unobs_or_zero_occ_residues.auth_comp_id 
_pdbx_unobs_or_zero_occ_residues.auth_seq_id 
_pdbx_unobs_or_zero_occ_residues.PDB_ins_code 
_pdbx_unobs_or_zero_occ_residues.label_asym_id 
_pdbx_unobs_or_zero_occ_residues.label_comp_id 
_pdbx_unobs_or_zero_occ_residues.label_seq_id 
1  1 Y 1 A ASP 1   ? A ASP 1   
2  1 Y 1 A VAL 2   ? A VAL 2   
3  1 Y 1 A TYR 3   ? A TYR 3   
4  1 Y 1 A HIS 4   ? A HIS 4   
5  1 Y 1 A ASP 118 ? A ASP 118 
6  1 Y 1 A GLU 119 ? A GLU 119 
7  1 Y 1 A ASP 120 ? A ASP 120 
8  1 Y 1 A LYS 121 ? A LYS 121 
9  1 Y 1 A LYS 122 ? A LYS 122 
10 1 Y 1 A GLU 167 ? A GLU 167 
11 1 Y 1 A ALA 168 ? A ALA 168 
12 1 Y 1 A ALA 169 ? A ALA 169 
13 1 Y 1 A CYS 170 ? A CYS 170 
14 1 Y 1 A LYS 171 ? A LYS 171 
15 1 Y 1 A VAL 172 ? A VAL 172 
16 1 Y 1 A ASN 173 ? A ASN 173 
17 1 Y 1 A ASN 174 ? A ASN 174 
18 1 Y 1 A SER 175 ? A SER 175 
19 1 Y 1 A ASN 176 ? A ASN 176 
20 1 Y 1 A TRP 177 ? A TRP 177 
21 1 Y 1 A SER 178 ? A SER 178 
22 1 Y 1 A HIS 179 ? A HIS 179 
23 1 Y 1 A PRO 180 ? A PRO 180 
24 1 Y 1 A GLN 181 ? A GLN 181 
25 1 Y 1 A PHE 182 ? A PHE 182 
26 1 Y 1 A GLU 183 ? A GLU 183 
27 1 Y 1 A LYS 184 ? A LYS 184 
# 
loop_
_chem_comp_atom.comp_id 
_chem_comp_atom.atom_id 
_chem_comp_atom.type_symbol 
_chem_comp_atom.pdbx_aromatic_flag 
_chem_comp_atom.pdbx_stereo_config 
_chem_comp_atom.pdbx_ordinal 
ALA N    N N N 1   
ALA CA   C N S 2   
ALA C    C N N 3   
ALA O    O N N 4   
ALA CB   C N N 5   
ALA OXT  O N N 6   
ALA H    H N N 7   
ALA H2   H N N 8   
ALA HA   H N N 9   
ALA HB1  H N N 10  
ALA HB2  H N N 11  
ALA HB3  H N N 12  
ALA HXT  H N N 13  
ARG N    N N N 14  
ARG CA   C N S 15  
ARG C    C N N 16  
ARG O    O N N 17  
ARG CB   C N N 18  
ARG CG   C N N 19  
ARG CD   C N N 20  
ARG NE   N N N 21  
ARG CZ   C N N 22  
ARG NH1  N N N 23  
ARG NH2  N N N 24  
ARG OXT  O N N 25  
ARG H    H N N 26  
ARG H2   H N N 27  
ARG HA   H N N 28  
ARG HB2  H N N 29  
ARG HB3  H N N 30  
ARG HG2  H N N 31  
ARG HG3  H N N 32  
ARG HD2  H N N 33  
ARG HD3  H N N 34  
ARG HE   H N N 35  
ARG HH11 H N N 36  
ARG HH12 H N N 37  
ARG HH21 H N N 38  
ARG HH22 H N N 39  
ARG HXT  H N N 40  
ASN N    N N N 41  
ASN CA   C N S 42  
ASN C    C N N 43  
ASN O    O N N 44  
ASN CB   C N N 45  
ASN CG   C N N 46  
ASN OD1  O N N 47  
ASN ND2  N N N 48  
ASN OXT  O N N 49  
ASN H    H N N 50  
ASN H2   H N N 51  
ASN HA   H N N 52  
ASN HB2  H N N 53  
ASN HB3  H N N 54  
ASN HD21 H N N 55  
ASN HD22 H N N 56  
ASN HXT  H N N 57  
ASP N    N N N 58  
ASP CA   C N S 59  
ASP C    C N N 60  
ASP O    O N N 61  
ASP CB   C N N 62  
ASP CG   C N N 63  
ASP OD1  O N N 64  
ASP OD2  O N N 65  
ASP OXT  O N N 66  
ASP H    H N N 67  
ASP H2   H N N 68  
ASP HA   H N N 69  
ASP HB2  H N N 70  
ASP HB3  H N N 71  
ASP HD2  H N N 72  
ASP HXT  H N N 73  
CYS N    N N N 74  
CYS CA   C N R 75  
CYS C    C N N 76  
CYS O    O N N 77  
CYS CB   C N N 78  
CYS SG   S N N 79  
CYS OXT  O N N 80  
CYS H    H N N 81  
CYS H2   H N N 82  
CYS HA   H N N 83  
CYS HB2  H N N 84  
CYS HB3  H N N 85  
CYS HG   H N N 86  
CYS HXT  H N N 87  
DOG O23  O N N 88  
DOG C23  C N N 89  
DOG C22  C N N 90  
DOG O21  O N N 91  
DOG C21  C N N 92  
DOG C20  C N N 93  
DOG C17  C N R 94  
DOG C16  C N N 95  
DOG C13  C N S 96  
DOG C18  C N N 97  
DOG C12  C N R 98  
DOG O12  O N N 99  
DOG C14  C N S 100 
DOG C15  C N N 101 
DOG O14  O N N 102 
DOG C8   C N R 103 
DOG C7   C N N 104 
DOG C9   C N S 105 
DOG C11  C N N 106 
DOG C10  C N S 107 
DOG C19  C N N 108 
DOG C5   C N R 109 
DOG C6   C N N 110 
DOG C4   C N N 111 
DOG C3   C N S 112 
DOG O32  O N N 113 
DOG C2   C N N 114 
DOG C1   C N N 115 
DOG H22  H N N 116 
DOG H211 H N N 117 
DOG H212 H N N 118 
DOG H17  H N N 119 
DOG H161 H N N 120 
DOG H162 H N N 121 
DOG H181 H N N 122 
DOG H182 H N N 123 
DOG H183 H N N 124 
DOG H12  H N N 125 
DOG H12O H N N 126 
DOG H151 H N N 127 
DOG H152 H N N 128 
DOG H14O H N N 129 
DOG HC8  H N N 130 
DOG HC71 H N N 131 
DOG HC72 H N N 132 
DOG HC9  H N N 133 
DOG H111 H N N 134 
DOG H112 H N N 135 
DOG H191 H N N 136 
DOG H192 H N N 137 
DOG H193 H N N 138 
DOG HC5  H N N 139 
DOG HC61 H N N 140 
DOG HC62 H N N 141 
DOG HC41 H N N 142 
DOG HC42 H N N 143 
DOG HC3  H N N 144 
DOG H32O H N N 145 
DOG HC21 H N N 146 
DOG HC22 H N N 147 
DOG HC11 H N N 148 
DOG HC12 H N N 149 
GLN N    N N N 150 
GLN CA   C N S 151 
GLN C    C N N 152 
GLN O    O N N 153 
GLN CB   C N N 154 
GLN CG   C N N 155 
GLN CD   C N N 156 
GLN OE1  O N N 157 
GLN NE2  N N N 158 
GLN OXT  O N N 159 
GLN H    H N N 160 
GLN H2   H N N 161 
GLN HA   H N N 162 
GLN HB2  H N N 163 
GLN HB3  H N N 164 
GLN HG2  H N N 165 
GLN HG3  H N N 166 
GLN HE21 H N N 167 
GLN HE22 H N N 168 
GLN HXT  H N N 169 
GLU N    N N N 170 
GLU CA   C N S 171 
GLU C    C N N 172 
GLU O    O N N 173 
GLU CB   C N N 174 
GLU CG   C N N 175 
GLU CD   C N N 176 
GLU OE1  O N N 177 
GLU OE2  O N N 178 
GLU OXT  O N N 179 
GLU H    H N N 180 
GLU H2   H N N 181 
GLU HA   H N N 182 
GLU HB2  H N N 183 
GLU HB3  H N N 184 
GLU HG2  H N N 185 
GLU HG3  H N N 186 
GLU HE2  H N N 187 
GLU HXT  H N N 188 
GLY N    N N N 189 
GLY CA   C N N 190 
GLY C    C N N 191 
GLY O    O N N 192 
GLY OXT  O N N 193 
GLY H    H N N 194 
GLY H2   H N N 195 
GLY HA2  H N N 196 
GLY HA3  H N N 197 
GLY HXT  H N N 198 
HIS N    N N N 199 
HIS CA   C N S 200 
HIS C    C N N 201 
HIS O    O N N 202 
HIS CB   C N N 203 
HIS CG   C Y N 204 
HIS ND1  N Y N 205 
HIS CD2  C Y N 206 
HIS CE1  C Y N 207 
HIS NE2  N Y N 208 
HIS OXT  O N N 209 
HIS H    H N N 210 
HIS H2   H N N 211 
HIS HA   H N N 212 
HIS HB2  H N N 213 
HIS HB3  H N N 214 
HIS HD1  H N N 215 
HIS HD2  H N N 216 
HIS HE1  H N N 217 
HIS HE2  H N N 218 
HIS HXT  H N N 219 
HOH O    O N N 220 
HOH H1   H N N 221 
HOH H2   H N N 222 
ILE N    N N N 223 
ILE CA   C N S 224 
ILE C    C N N 225 
ILE O    O N N 226 
ILE CB   C N S 227 
ILE CG1  C N N 228 
ILE CG2  C N N 229 
ILE CD1  C N N 230 
ILE OXT  O N N 231 
ILE H    H N N 232 
ILE H2   H N N 233 
ILE HA   H N N 234 
ILE HB   H N N 235 
ILE HG12 H N N 236 
ILE HG13 H N N 237 
ILE HG21 H N N 238 
ILE HG22 H N N 239 
ILE HG23 H N N 240 
ILE HD11 H N N 241 
ILE HD12 H N N 242 
ILE HD13 H N N 243 
ILE HXT  H N N 244 
LEU N    N N N 245 
LEU CA   C N S 246 
LEU C    C N N 247 
LEU O    O N N 248 
LEU CB   C N N 249 
LEU CG   C N N 250 
LEU CD1  C N N 251 
LEU CD2  C N N 252 
LEU OXT  O N N 253 
LEU H    H N N 254 
LEU H2   H N N 255 
LEU HA   H N N 256 
LEU HB2  H N N 257 
LEU HB3  H N N 258 
LEU HG   H N N 259 
LEU HD11 H N N 260 
LEU HD12 H N N 261 
LEU HD13 H N N 262 
LEU HD21 H N N 263 
LEU HD22 H N N 264 
LEU HD23 H N N 265 
LEU HXT  H N N 266 
LYS N    N N N 267 
LYS CA   C N S 268 
LYS C    C N N 269 
LYS O    O N N 270 
LYS CB   C N N 271 
LYS CG   C N N 272 
LYS CD   C N N 273 
LYS CE   C N N 274 
LYS NZ   N N N 275 
LYS OXT  O N N 276 
LYS H    H N N 277 
LYS H2   H N N 278 
LYS HA   H N N 279 
LYS HB2  H N N 280 
LYS HB3  H N N 281 
LYS HG2  H N N 282 
LYS HG3  H N N 283 
LYS HD2  H N N 284 
LYS HD3  H N N 285 
LYS HE2  H N N 286 
LYS HE3  H N N 287 
LYS HZ1  H N N 288 
LYS HZ2  H N N 289 
LYS HZ3  H N N 290 
LYS HXT  H N N 291 
MET N    N N N 292 
MET CA   C N S 293 
MET C    C N N 294 
MET O    O N N 295 
MET CB   C N N 296 
MET CG   C N N 297 
MET SD   S N N 298 
MET CE   C N N 299 
MET OXT  O N N 300 
MET H    H N N 301 
MET H2   H N N 302 
MET HA   H N N 303 
MET HB2  H N N 304 
MET HB3  H N N 305 
MET HG2  H N N 306 
MET HG3  H N N 307 
MET HE1  H N N 308 
MET HE2  H N N 309 
MET HE3  H N N 310 
MET HXT  H N N 311 
PHE N    N N N 312 
PHE CA   C N S 313 
PHE C    C N N 314 
PHE O    O N N 315 
PHE CB   C N N 316 
PHE CG   C Y N 317 
PHE CD1  C Y N 318 
PHE CD2  C Y N 319 
PHE CE1  C Y N 320 
PHE CE2  C Y N 321 
PHE CZ   C Y N 322 
PHE OXT  O N N 323 
PHE H    H N N 324 
PHE H2   H N N 325 
PHE HA   H N N 326 
PHE HB2  H N N 327 
PHE HB3  H N N 328 
PHE HD1  H N N 329 
PHE HD2  H N N 330 
PHE HE1  H N N 331 
PHE HE2  H N N 332 
PHE HZ   H N N 333 
PHE HXT  H N N 334 
PRO N    N N N 335 
PRO CA   C N S 336 
PRO C    C N N 337 
PRO O    O N N 338 
PRO CB   C N N 339 
PRO CG   C N N 340 
PRO CD   C N N 341 
PRO OXT  O N N 342 
PRO H    H N N 343 
PRO HA   H N N 344 
PRO HB2  H N N 345 
PRO HB3  H N N 346 
PRO HG2  H N N 347 
PRO HG3  H N N 348 
PRO HD2  H N N 349 
PRO HD3  H N N 350 
PRO HXT  H N N 351 
SER N    N N N 352 
SER CA   C N S 353 
SER C    C N N 354 
SER O    O N N 355 
SER CB   C N N 356 
SER OG   O N N 357 
SER OXT  O N N 358 
SER H    H N N 359 
SER H2   H N N 360 
SER HA   H N N 361 
SER HB2  H N N 362 
SER HB3  H N N 363 
SER HG   H N N 364 
SER HXT  H N N 365 
THR N    N N N 366 
THR CA   C N S 367 
THR C    C N N 368 
THR O    O N N 369 
THR CB   C N R 370 
THR OG1  O N N 371 
THR CG2  C N N 372 
THR OXT  O N N 373 
THR H    H N N 374 
THR H2   H N N 375 
THR HA   H N N 376 
THR HB   H N N 377 
THR HG1  H N N 378 
THR HG21 H N N 379 
THR HG22 H N N 380 
THR HG23 H N N 381 
THR HXT  H N N 382 
TRP N    N N N 383 
TRP CA   C N S 384 
TRP C    C N N 385 
TRP O    O N N 386 
TRP CB   C N N 387 
TRP CG   C Y N 388 
TRP CD1  C Y N 389 
TRP CD2  C Y N 390 
TRP NE1  N Y N 391 
TRP CE2  C Y N 392 
TRP CE3  C Y N 393 
TRP CZ2  C Y N 394 
TRP CZ3  C Y N 395 
TRP CH2  C Y N 396 
TRP OXT  O N N 397 
TRP H    H N N 398 
TRP H2   H N N 399 
TRP HA   H N N 400 
TRP HB2  H N N 401 
TRP HB3  H N N 402 
TRP HD1  H N N 403 
TRP HE1  H N N 404 
TRP HE3  H N N 405 
TRP HZ2  H N N 406 
TRP HZ3  H N N 407 
TRP HH2  H N N 408 
TRP HXT  H N N 409 
TYR N    N N N 410 
TYR CA   C N S 411 
TYR C    C N N 412 
TYR O    O N N 413 
TYR CB   C N N 414 
TYR CG   C Y N 415 
TYR CD1  C Y N 416 
TYR CD2  C Y N 417 
TYR CE1  C Y N 418 
TYR CE2  C Y N 419 
TYR CZ   C Y N 420 
TYR OH   O N N 421 
TYR OXT  O N N 422 
TYR H    H N N 423 
TYR H2   H N N 424 
TYR HA   H N N 425 
TYR HB2  H N N 426 
TYR HB3  H N N 427 
TYR HD1  H N N 428 
TYR HD2  H N N 429 
TYR HE1  H N N 430 
TYR HE2  H N N 431 
TYR HH   H N N 432 
TYR HXT  H N N 433 
VAL N    N N N 434 
VAL CA   C N S 435 
VAL C    C N N 436 
VAL O    O N N 437 
VAL CB   C N N 438 
VAL CG1  C N N 439 
VAL CG2  C N N 440 
VAL OXT  O N N 441 
VAL H    H N N 442 
VAL H2   H N N 443 
VAL HA   H N N 444 
VAL HB   H N N 445 
VAL HG11 H N N 446 
VAL HG12 H N N 447 
VAL HG13 H N N 448 
VAL HG21 H N N 449 
VAL HG22 H N N 450 
VAL HG23 H N N 451 
VAL HXT  H N N 452 
# 
loop_
_chem_comp_bond.comp_id 
_chem_comp_bond.atom_id_1 
_chem_comp_bond.atom_id_2 
_chem_comp_bond.value_order 
_chem_comp_bond.pdbx_aromatic_flag 
_chem_comp_bond.pdbx_stereo_config 
_chem_comp_bond.pdbx_ordinal 
ALA N   CA   sing N N 1   
ALA N   H    sing N N 2   
ALA N   H2   sing N N 3   
ALA CA  C    sing N N 4   
ALA CA  CB   sing N N 5   
ALA CA  HA   sing N N 6   
ALA C   O    doub N N 7   
ALA C   OXT  sing N N 8   
ALA CB  HB1  sing N N 9   
ALA CB  HB2  sing N N 10  
ALA CB  HB3  sing N N 11  
ALA OXT HXT  sing N N 12  
ARG N   CA   sing N N 13  
ARG N   H    sing N N 14  
ARG N   H2   sing N N 15  
ARG CA  C    sing N N 16  
ARG CA  CB   sing N N 17  
ARG CA  HA   sing N N 18  
ARG C   O    doub N N 19  
ARG C   OXT  sing N N 20  
ARG CB  CG   sing N N 21  
ARG CB  HB2  sing N N 22  
ARG CB  HB3  sing N N 23  
ARG CG  CD   sing N N 24  
ARG CG  HG2  sing N N 25  
ARG CG  HG3  sing N N 26  
ARG CD  NE   sing N N 27  
ARG CD  HD2  sing N N 28  
ARG CD  HD3  sing N N 29  
ARG NE  CZ   sing N N 30  
ARG NE  HE   sing N N 31  
ARG CZ  NH1  sing N N 32  
ARG CZ  NH2  doub N N 33  
ARG NH1 HH11 sing N N 34  
ARG NH1 HH12 sing N N 35  
ARG NH2 HH21 sing N N 36  
ARG NH2 HH22 sing N N 37  
ARG OXT HXT  sing N N 38  
ASN N   CA   sing N N 39  
ASN N   H    sing N N 40  
ASN N   H2   sing N N 41  
ASN CA  C    sing N N 42  
ASN CA  CB   sing N N 43  
ASN CA  HA   sing N N 44  
ASN C   O    doub N N 45  
ASN C   OXT  sing N N 46  
ASN CB  CG   sing N N 47  
ASN CB  HB2  sing N N 48  
ASN CB  HB3  sing N N 49  
ASN CG  OD1  doub N N 50  
ASN CG  ND2  sing N N 51  
ASN ND2 HD21 sing N N 52  
ASN ND2 HD22 sing N N 53  
ASN OXT HXT  sing N N 54  
ASP N   CA   sing N N 55  
ASP N   H    sing N N 56  
ASP N   H2   sing N N 57  
ASP CA  C    sing N N 58  
ASP CA  CB   sing N N 59  
ASP CA  HA   sing N N 60  
ASP C   O    doub N N 61  
ASP C   OXT  sing N N 62  
ASP CB  CG   sing N N 63  
ASP CB  HB2  sing N N 64  
ASP CB  HB3  sing N N 65  
ASP CG  OD1  doub N N 66  
ASP CG  OD2  sing N N 67  
ASP OD2 HD2  sing N N 68  
ASP OXT HXT  sing N N 69  
CYS N   CA   sing N N 70  
CYS N   H    sing N N 71  
CYS N   H2   sing N N 72  
CYS CA  C    sing N N 73  
CYS CA  CB   sing N N 74  
CYS CA  HA   sing N N 75  
CYS C   O    doub N N 76  
CYS C   OXT  sing N N 77  
CYS CB  SG   sing N N 78  
CYS CB  HB2  sing N N 79  
CYS CB  HB3  sing N N 80  
CYS SG  HG   sing N N 81  
CYS OXT HXT  sing N N 82  
DOG O23 C23  doub N N 83  
DOG C23 C22  sing N N 84  
DOG C23 O21  sing N N 85  
DOG C22 C20  doub N N 86  
DOG C22 H22  sing N N 87  
DOG O21 C21  sing N N 88  
DOG C21 C20  sing N N 89  
DOG C21 H211 sing N N 90  
DOG C21 H212 sing N N 91  
DOG C20 C17  sing N N 92  
DOG C17 C16  sing N N 93  
DOG C17 C13  sing N N 94  
DOG C17 H17  sing N N 95  
DOG C16 C15  sing N N 96  
DOG C16 H161 sing N N 97  
DOG C16 H162 sing N N 98  
DOG C13 C18  sing N N 99  
DOG C13 C12  sing N N 100 
DOG C13 C14  sing N N 101 
DOG C18 H181 sing N N 102 
DOG C18 H182 sing N N 103 
DOG C18 H183 sing N N 104 
DOG C12 O12  sing N N 105 
DOG C12 C11  sing N N 106 
DOG C12 H12  sing N N 107 
DOG O12 H12O sing N N 108 
DOG C14 C15  sing N N 109 
DOG C14 O14  sing N N 110 
DOG C14 C8   sing N N 111 
DOG C15 H151 sing N N 112 
DOG C15 H152 sing N N 113 
DOG O14 H14O sing N N 114 
DOG C8  C7   sing N N 115 
DOG C8  C9   sing N N 116 
DOG C8  HC8  sing N N 117 
DOG C7  C6   sing N N 118 
DOG C7  HC71 sing N N 119 
DOG C7  HC72 sing N N 120 
DOG C9  C11  sing N N 121 
DOG C9  C10  sing N N 122 
DOG C9  HC9  sing N N 123 
DOG C11 H111 sing N N 124 
DOG C11 H112 sing N N 125 
DOG C10 C19  sing N N 126 
DOG C10 C5   sing N N 127 
DOG C10 C1   sing N N 128 
DOG C19 H191 sing N N 129 
DOG C19 H192 sing N N 130 
DOG C19 H193 sing N N 131 
DOG C5  C6   sing N N 132 
DOG C5  C4   sing N N 133 
DOG C5  HC5  sing N N 134 
DOG C6  HC61 sing N N 135 
DOG C6  HC62 sing N N 136 
DOG C4  C3   sing N N 137 
DOG C4  HC41 sing N N 138 
DOG C4  HC42 sing N N 139 
DOG C3  O32  sing N N 140 
DOG C3  C2   sing N N 141 
DOG C3  HC3  sing N N 142 
DOG O32 H32O sing N N 143 
DOG C2  C1   sing N N 144 
DOG C2  HC21 sing N N 145 
DOG C2  HC22 sing N N 146 
DOG C1  HC11 sing N N 147 
DOG C1  HC12 sing N N 148 
GLN N   CA   sing N N 149 
GLN N   H    sing N N 150 
GLN N   H2   sing N N 151 
GLN CA  C    sing N N 152 
GLN CA  CB   sing N N 153 
GLN CA  HA   sing N N 154 
GLN C   O    doub N N 155 
GLN C   OXT  sing N N 156 
GLN CB  CG   sing N N 157 
GLN CB  HB2  sing N N 158 
GLN CB  HB3  sing N N 159 
GLN CG  CD   sing N N 160 
GLN CG  HG2  sing N N 161 
GLN CG  HG3  sing N N 162 
GLN CD  OE1  doub N N 163 
GLN CD  NE2  sing N N 164 
GLN NE2 HE21 sing N N 165 
GLN NE2 HE22 sing N N 166 
GLN OXT HXT  sing N N 167 
GLU N   CA   sing N N 168 
GLU N   H    sing N N 169 
GLU N   H2   sing N N 170 
GLU CA  C    sing N N 171 
GLU CA  CB   sing N N 172 
GLU CA  HA   sing N N 173 
GLU C   O    doub N N 174 
GLU C   OXT  sing N N 175 
GLU CB  CG   sing N N 176 
GLU CB  HB2  sing N N 177 
GLU CB  HB3  sing N N 178 
GLU CG  CD   sing N N 179 
GLU CG  HG2  sing N N 180 
GLU CG  HG3  sing N N 181 
GLU CD  OE1  doub N N 182 
GLU CD  OE2  sing N N 183 
GLU OE2 HE2  sing N N 184 
GLU OXT HXT  sing N N 185 
GLY N   CA   sing N N 186 
GLY N   H    sing N N 187 
GLY N   H2   sing N N 188 
GLY CA  C    sing N N 189 
GLY CA  HA2  sing N N 190 
GLY CA  HA3  sing N N 191 
GLY C   O    doub N N 192 
GLY C   OXT  sing N N 193 
GLY OXT HXT  sing N N 194 
HIS N   CA   sing N N 195 
HIS N   H    sing N N 196 
HIS N   H2   sing N N 197 
HIS CA  C    sing N N 198 
HIS CA  CB   sing N N 199 
HIS CA  HA   sing N N 200 
HIS C   O    doub N N 201 
HIS C   OXT  sing N N 202 
HIS CB  CG   sing N N 203 
HIS CB  HB2  sing N N 204 
HIS CB  HB3  sing N N 205 
HIS CG  ND1  sing Y N 206 
HIS CG  CD2  doub Y N 207 
HIS ND1 CE1  doub Y N 208 
HIS ND1 HD1  sing N N 209 
HIS CD2 NE2  sing Y N 210 
HIS CD2 HD2  sing N N 211 
HIS CE1 NE2  sing Y N 212 
HIS CE1 HE1  sing N N 213 
HIS NE2 HE2  sing N N 214 
HIS OXT HXT  sing N N 215 
HOH O   H1   sing N N 216 
HOH O   H2   sing N N 217 
ILE N   CA   sing N N 218 
ILE N   H    sing N N 219 
ILE N   H2   sing N N 220 
ILE CA  C    sing N N 221 
ILE CA  CB   sing N N 222 
ILE CA  HA   sing N N 223 
ILE C   O    doub N N 224 
ILE C   OXT  sing N N 225 
ILE CB  CG1  sing N N 226 
ILE CB  CG2  sing N N 227 
ILE CB  HB   sing N N 228 
ILE CG1 CD1  sing N N 229 
ILE CG1 HG12 sing N N 230 
ILE CG1 HG13 sing N N 231 
ILE CG2 HG21 sing N N 232 
ILE CG2 HG22 sing N N 233 
ILE CG2 HG23 sing N N 234 
ILE CD1 HD11 sing N N 235 
ILE CD1 HD12 sing N N 236 
ILE CD1 HD13 sing N N 237 
ILE OXT HXT  sing N N 238 
LEU N   CA   sing N N 239 
LEU N   H    sing N N 240 
LEU N   H2   sing N N 241 
LEU CA  C    sing N N 242 
LEU CA  CB   sing N N 243 
LEU CA  HA   sing N N 244 
LEU C   O    doub N N 245 
LEU C   OXT  sing N N 246 
LEU CB  CG   sing N N 247 
LEU CB  HB2  sing N N 248 
LEU CB  HB3  sing N N 249 
LEU CG  CD1  sing N N 250 
LEU CG  CD2  sing N N 251 
LEU CG  HG   sing N N 252 
LEU CD1 HD11 sing N N 253 
LEU CD1 HD12 sing N N 254 
LEU CD1 HD13 sing N N 255 
LEU CD2 HD21 sing N N 256 
LEU CD2 HD22 sing N N 257 
LEU CD2 HD23 sing N N 258 
LEU OXT HXT  sing N N 259 
LYS N   CA   sing N N 260 
LYS N   H    sing N N 261 
LYS N   H2   sing N N 262 
LYS CA  C    sing N N 263 
LYS CA  CB   sing N N 264 
LYS CA  HA   sing N N 265 
LYS C   O    doub N N 266 
LYS C   OXT  sing N N 267 
LYS CB  CG   sing N N 268 
LYS CB  HB2  sing N N 269 
LYS CB  HB3  sing N N 270 
LYS CG  CD   sing N N 271 
LYS CG  HG2  sing N N 272 
LYS CG  HG3  sing N N 273 
LYS CD  CE   sing N N 274 
LYS CD  HD2  sing N N 275 
LYS CD  HD3  sing N N 276 
LYS CE  NZ   sing N N 277 
LYS CE  HE2  sing N N 278 
LYS CE  HE3  sing N N 279 
LYS NZ  HZ1  sing N N 280 
LYS NZ  HZ2  sing N N 281 
LYS NZ  HZ3  sing N N 282 
LYS OXT HXT  sing N N 283 
MET N   CA   sing N N 284 
MET N   H    sing N N 285 
MET N   H2   sing N N 286 
MET CA  C    sing N N 287 
MET CA  CB   sing N N 288 
MET CA  HA   sing N N 289 
MET C   O    doub N N 290 
MET C   OXT  sing N N 291 
MET CB  CG   sing N N 292 
MET CB  HB2  sing N N 293 
MET CB  HB3  sing N N 294 
MET CG  SD   sing N N 295 
MET CG  HG2  sing N N 296 
MET CG  HG3  sing N N 297 
MET SD  CE   sing N N 298 
MET CE  HE1  sing N N 299 
MET CE  HE2  sing N N 300 
MET CE  HE3  sing N N 301 
MET OXT HXT  sing N N 302 
PHE N   CA   sing N N 303 
PHE N   H    sing N N 304 
PHE N   H2   sing N N 305 
PHE CA  C    sing N N 306 
PHE CA  CB   sing N N 307 
PHE CA  HA   sing N N 308 
PHE C   O    doub N N 309 
PHE C   OXT  sing N N 310 
PHE CB  CG   sing N N 311 
PHE CB  HB2  sing N N 312 
PHE CB  HB3  sing N N 313 
PHE CG  CD1  doub Y N 314 
PHE CG  CD2  sing Y N 315 
PHE CD1 CE1  sing Y N 316 
PHE CD1 HD1  sing N N 317 
PHE CD2 CE2  doub Y N 318 
PHE CD2 HD2  sing N N 319 
PHE CE1 CZ   doub Y N 320 
PHE CE1 HE1  sing N N 321 
PHE CE2 CZ   sing Y N 322 
PHE CE2 HE2  sing N N 323 
PHE CZ  HZ   sing N N 324 
PHE OXT HXT  sing N N 325 
PRO N   CA   sing N N 326 
PRO N   CD   sing N N 327 
PRO N   H    sing N N 328 
PRO CA  C    sing N N 329 
PRO CA  CB   sing N N 330 
PRO CA  HA   sing N N 331 
PRO C   O    doub N N 332 
PRO C   OXT  sing N N 333 
PRO CB  CG   sing N N 334 
PRO CB  HB2  sing N N 335 
PRO CB  HB3  sing N N 336 
PRO CG  CD   sing N N 337 
PRO CG  HG2  sing N N 338 
PRO CG  HG3  sing N N 339 
PRO CD  HD2  sing N N 340 
PRO CD  HD3  sing N N 341 
PRO OXT HXT  sing N N 342 
SER N   CA   sing N N 343 
SER N   H    sing N N 344 
SER N   H2   sing N N 345 
SER CA  C    sing N N 346 
SER CA  CB   sing N N 347 
SER CA  HA   sing N N 348 
SER C   O    doub N N 349 
SER C   OXT  sing N N 350 
SER CB  OG   sing N N 351 
SER CB  HB2  sing N N 352 
SER CB  HB3  sing N N 353 
SER OG  HG   sing N N 354 
SER OXT HXT  sing N N 355 
THR N   CA   sing N N 356 
THR N   H    sing N N 357 
THR N   H2   sing N N 358 
THR CA  C    sing N N 359 
THR CA  CB   sing N N 360 
THR CA  HA   sing N N 361 
THR C   O    doub N N 362 
THR C   OXT  sing N N 363 
THR CB  OG1  sing N N 364 
THR CB  CG2  sing N N 365 
THR CB  HB   sing N N 366 
THR OG1 HG1  sing N N 367 
THR CG2 HG21 sing N N 368 
THR CG2 HG22 sing N N 369 
THR CG2 HG23 sing N N 370 
THR OXT HXT  sing N N 371 
TRP N   CA   sing N N 372 
TRP N   H    sing N N 373 
TRP N   H2   sing N N 374 
TRP CA  C    sing N N 375 
TRP CA  CB   sing N N 376 
TRP CA  HA   sing N N 377 
TRP C   O    doub N N 378 
TRP C   OXT  sing N N 379 
TRP CB  CG   sing N N 380 
TRP CB  HB2  sing N N 381 
TRP CB  HB3  sing N N 382 
TRP CG  CD1  doub Y N 383 
TRP CG  CD2  sing Y N 384 
TRP CD1 NE1  sing Y N 385 
TRP CD1 HD1  sing N N 386 
TRP CD2 CE2  doub Y N 387 
TRP CD2 CE3  sing Y N 388 
TRP NE1 CE2  sing Y N 389 
TRP NE1 HE1  sing N N 390 
TRP CE2 CZ2  sing Y N 391 
TRP CE3 CZ3  doub Y N 392 
TRP CE3 HE3  sing N N 393 
TRP CZ2 CH2  doub Y N 394 
TRP CZ2 HZ2  sing N N 395 
TRP CZ3 CH2  sing Y N 396 
TRP CZ3 HZ3  sing N N 397 
TRP CH2 HH2  sing N N 398 
TRP OXT HXT  sing N N 399 
TYR N   CA   sing N N 400 
TYR N   H    sing N N 401 
TYR N   H2   sing N N 402 
TYR CA  C    sing N N 403 
TYR CA  CB   sing N N 404 
TYR CA  HA   sing N N 405 
TYR C   O    doub N N 406 
TYR C   OXT  sing N N 407 
TYR CB  CG   sing N N 408 
TYR CB  HB2  sing N N 409 
TYR CB  HB3  sing N N 410 
TYR CG  CD1  doub Y N 411 
TYR CG  CD2  sing Y N 412 
TYR CD1 CE1  sing Y N 413 
TYR CD1 HD1  sing N N 414 
TYR CD2 CE2  doub Y N 415 
TYR CD2 HD2  sing N N 416 
TYR CE1 CZ   doub Y N 417 
TYR CE1 HE1  sing N N 418 
TYR CE2 CZ   sing Y N 419 
TYR CE2 HE2  sing N N 420 
TYR CZ  OH   sing N N 421 
TYR OH  HH   sing N N 422 
TYR OXT HXT  sing N N 423 
VAL N   CA   sing N N 424 
VAL N   H    sing N N 425 
VAL N   H2   sing N N 426 
VAL CA  C    sing N N 427 
VAL CA  CB   sing N N 428 
VAL CA  HA   sing N N 429 
VAL C   O    doub N N 430 
VAL C   OXT  sing N N 431 
VAL CB  CG1  sing N N 432 
VAL CB  CG2  sing N N 433 
VAL CB  HB   sing N N 434 
VAL CG1 HG11 sing N N 435 
VAL CG1 HG12 sing N N 436 
VAL CG1 HG13 sing N N 437 
VAL CG2 HG21 sing N N 438 
VAL CG2 HG22 sing N N 439 
VAL CG2 HG23 sing N N 440 
VAL OXT HXT  sing N N 441 
# 
_pdbx_initial_refinement_model.id               1 
_pdbx_initial_refinement_model.entity_id_list   ? 
_pdbx_initial_refinement_model.type             'experimental model' 
_pdbx_initial_refinement_model.source_name      PDB 
_pdbx_initial_refinement_model.accession_code   1BBP 
_pdbx_initial_refinement_model.details          'pdb entry 1BBP' 
# 
_atom_sites.entry_id                    1LKE 
_atom_sites.fract_transf_matrix[1][1]   -0.00369733 
_atom_sites.fract_transf_matrix[1][2]   -0.00312738 
_atom_sites.fract_transf_matrix[1][3]   -0.01241790 
_atom_sites.fract_transf_matrix[2][1]   -0.00719895 
_atom_sites.fract_transf_matrix[2][2]   -0.01279167 
_atom_sites.fract_transf_matrix[2][3]   0.00536495 
_atom_sites.fract_transf_matrix[3][1]   -0.02155801 
_atom_sites.fract_transf_matrix[3][2]   0.01313333 
_atom_sites.fract_transf_matrix[3][3]   0.00238629 
_atom_sites.fract_transf_vector[1]      0.194104 
_atom_sites.fract_transf_vector[2]      -0.357301 
_atom_sites.fract_transf_vector[3]      1.069621 
# 
loop_
_atom_type.symbol 
C 
N 
O 
S 
# 
loop_
_atom_site.group_PDB 
_atom_site.id 
_atom_site.type_symbol 
_atom_site.label_atom_id 
_atom_site.label_alt_id 
_atom_site.label_comp_id 
_atom_site.label_asym_id 
_atom_site.label_entity_id 
_atom_site.label_seq_id 
_atom_site.pdbx_PDB_ins_code 
_atom_site.Cartn_x 
_atom_site.Cartn_y 
_atom_site.Cartn_z 
_atom_site.occupancy 
_atom_site.B_iso_or_equiv 
_atom_site.pdbx_formal_charge 
_atom_site.auth_seq_id 
_atom_site.auth_comp_id 
_atom_site.auth_asym_id 
_atom_site.auth_atom_id 
_atom_site.pdbx_PDB_model_num 
ATOM   1    N N   . ASP A 1 5   ? 2.398   22.495  5.040   1.00 69.29 ? 5   ASP A N   1 
ATOM   2    C CA  . ASP A 1 5   ? 2.283   22.833  6.482   1.00 70.86 ? 5   ASP A CA  1 
ATOM   3    C C   . ASP A 1 5   ? 1.110   22.106  7.115   1.00 66.11 ? 5   ASP A C   1 
ATOM   4    O O   . ASP A 1 5   ? 0.099   21.841  6.464   1.00 68.69 ? 5   ASP A O   1 
ATOM   5    C CB  . ASP A 1 5   ? 2.136   24.348  6.689   1.00 74.53 ? 5   ASP A CB  1 
ATOM   6    C CG  . ASP A 1 5   ? 1.887   24.719  8.149   1.00 79.35 ? 5   ASP A CG  1 
ATOM   7    O OD1 . ASP A 1 5   ? 0.706   24.918  8.523   1.00 82.61 ? 5   ASP A OD1 1 
ATOM   8    O OD2 . ASP A 1 5   ? 2.803   24.811  9.001   1.00 79.51 ? 5   ASP A OD2 1 
ATOM   9    N N   . GLY A 1 6   ? 1.249   21.803  8.394   1.00 55.01 ? 6   GLY A N   1 
ATOM   10   C CA  . GLY A 1 6   ? 0.228   21.105  9.132   1.00 58.85 ? 6   GLY A CA  1 
ATOM   11   C C   . GLY A 1 6   ? 0.825   19.825  9.682   1.00 58.39 ? 6   GLY A C   1 
ATOM   12   O O   . GLY A 1 6   ? 1.804   19.295  9.146   1.00 52.65 ? 6   GLY A O   1 
ATOM   13   N N   . ALA A 1 7   ? 0.280   19.342  10.781  1.00 53.01 ? 7   ALA A N   1 
ATOM   14   C CA  . ALA A 1 7   ? 0.750   18.071  11.308  1.00 56.34 ? 7   ALA A CA  1 
ATOM   15   C C   . ALA A 1 7   ? -0.041  17.024  10.556  1.00 49.97 ? 7   ALA A C   1 
ATOM   16   O O   . ALA A 1 7   ? -1.011  17.359  9.894   1.00 42.23 ? 7   ALA A O   1 
ATOM   17   C CB  . ALA A 1 7   ? 0.469   17.968  12.792  1.00 58.78 ? 7   ALA A CB  1 
ATOM   18   N N   . CYS A 1 8   ? 0.370   15.758  10.664  1.00 46.12 ? 8   CYS A N   1 
ATOM   19   C CA  . CYS A 1 8   ? -0.386  14.675  10.036  1.00 43.44 ? 8   CYS A CA  1 
ATOM   20   C C   . CYS A 1 8   ? -1.802  14.687  10.502  1.00 46.59 ? 8   CYS A C   1 
ATOM   21   O O   . CYS A 1 8   ? -2.065  14.768  11.705  1.00 51.88 ? 8   CYS A O   1 
ATOM   22   C CB  . CYS A 1 8   ? 0.246   13.319  10.338  1.00 38.64 ? 8   CYS A CB  1 
ATOM   23   S SG  . CYS A 1 8   ? 1.727   13.148  9.429   1.00 36.24 ? 8   CYS A SG  1 
ATOM   24   N N   . PRO A 1 9   ? -2.729  14.624  9.554   1.00 45.14 ? 9   PRO A N   1 
ATOM   25   C CA  . PRO A 1 9   ? -4.149  14.578  9.880   1.00 47.94 ? 9   PRO A CA  1 
ATOM   26   C C   . PRO A 1 9   ? -4.461  13.299  10.630  1.00 53.73 ? 9   PRO A C   1 
ATOM   27   O O   . PRO A 1 9   ? -3.715  12.329  10.532  1.00 43.78 ? 9   PRO A O   1 
ATOM   28   C CB  . PRO A 1 9   ? -4.809  14.535  8.501   1.00 45.96 ? 9   PRO A CB  1 
ATOM   29   C CG  . PRO A 1 9   ? -3.714  13.976  7.604   1.00 42.31 ? 9   PRO A CG  1 
ATOM   30   C CD  . PRO A 1 9   ? -2.495  14.642  8.099   1.00 45.29 ? 9   PRO A CD  1 
ATOM   31   N N   . GLU A 1 10  ? -5.537  13.296  11.402  1.00 55.20 ? 10  GLU A N   1 
ATOM   32   C CA  . GLU A 1 10  ? -5.905  12.091  12.112  1.00 64.52 ? 10  GLU A CA  1 
ATOM   33   C C   . GLU A 1 10  ? -6.591  11.167  11.133  1.00 65.46 ? 10  GLU A C   1 
ATOM   34   O O   . GLU A 1 10  ? -7.509  11.556  10.418  1.00 66.36 ? 10  GLU A O   1 
ATOM   35   C CB  . GLU A 1 10  ? -6.822  12.416  13.265  1.00 72.80 ? 10  GLU A CB  1 
ATOM   36   C CG  . GLU A 1 10  ? -7.864  13.425  12.881  1.00 79.17 ? 10  GLU A CG  1 
ATOM   37   C CD  . GLU A 1 10  ? -7.801  14.628  13.754  1.00 84.52 ? 10  GLU A CD  1 
ATOM   38   O OE1 . GLU A 1 10  ? -7.382  14.490  14.925  1.00 86.34 ? 10  GLU A OE1 1 
ATOM   39   O OE2 . GLU A 1 10  ? -8.146  15.716  13.260  1.00 86.34 ? 10  GLU A OE2 1 
ATOM   40   N N   . VAL A 1 11  ? -6.120  9.940   11.092  1.00 66.60 ? 11  VAL A N   1 
ATOM   41   C CA  . VAL A 1 11  ? -6.599  8.985   10.127  1.00 64.95 ? 11  VAL A CA  1 
ATOM   42   C C   . VAL A 1 11  ? -7.580  8.050   10.769  1.00 59.79 ? 11  VAL A C   1 
ATOM   43   O O   . VAL A 1 11  ? -7.420  7.670   11.915  1.00 57.82 ? 11  VAL A O   1 
ATOM   44   C CB  . VAL A 1 11  ? -5.424  8.168   9.569   1.00 68.26 ? 11  VAL A CB  1 
ATOM   45   C CG1 . VAL A 1 11  ? -5.864  7.320   8.424   1.00 69.35 ? 11  VAL A CG1 1 
ATOM   46   C CG2 . VAL A 1 11  ? -4.304  9.091   9.153   1.00 70.79 ? 11  VAL A CG2 1 
ATOM   47   N N   . LYS A 1 12  ? -8.602  7.689   10.014  1.00 57.33 ? 12  LYS A N   1 
ATOM   48   C CA  . LYS A 1 12  ? -9.610  6.757   10.461  1.00 61.43 ? 12  LYS A CA  1 
ATOM   49   C C   . LYS A 1 12  ? -9.458  5.434   9.678   1.00 55.77 ? 12  LYS A C   1 
ATOM   50   O O   . LYS A 1 12  ? -10.116 5.251   8.658   1.00 53.37 ? 12  LYS A O   1 
ATOM   51   C CB  . LYS A 1 12  ? -10.988 7.385   10.203  1.00 69.29 ? 12  LYS A CB  1 
ATOM   52   C CG  . LYS A 1 12  ? -11.063 8.210   8.889   1.00 75.83 ? 12  LYS A CG  1 
ATOM   53   C CD  . LYS A 1 12  ? -12.048 9.385   8.960   1.00 83.81 ? 12  LYS A CD  1 
ATOM   54   C CE  . LYS A 1 12  ? -11.320 10.740  8.969   1.00 86.99 ? 12  LYS A CE  1 
ATOM   55   N NZ  . LYS A 1 12  ? -12.263 11.893  8.785   1.00 89.32 ? 12  LYS A NZ  1 
ATOM   56   N N   . PRO A 1 13  ? -8.600  4.511   10.136  1.00 54.35 ? 13  PRO A N   1 
ATOM   57   C CA  . PRO A 1 13  ? -8.416  3.247   9.402   1.00 56.15 ? 13  PRO A CA  1 
ATOM   58   C C   . PRO A 1 13  ? -9.691  2.427   9.424   1.00 49.29 ? 13  PRO A C   1 
ATOM   59   O O   . PRO A 1 13  ? -10.625 2.733   10.167  1.00 41.85 ? 13  PRO A O   1 
ATOM   60   C CB  . PRO A 1 13  ? -7.313  2.505   10.183  1.00 56.40 ? 13  PRO A CB  1 
ATOM   61   C CG  . PRO A 1 13  ? -6.773  3.485   11.194  1.00 57.42 ? 13  PRO A CG  1 
ATOM   62   C CD  . PRO A 1 13  ? -7.800  4.551   11.376  1.00 52.32 ? 13  PRO A CD  1 
ATOM   63   N N   . VAL A 1 14  ? -9.725  1.393   8.608   1.00 45.22 ? 14  VAL A N   1 
ATOM   64   C CA  . VAL A 1 14  ? -10.906 0.561   8.508   1.00 39.10 ? 14  VAL A CA  1 
ATOM   65   C C   . VAL A 1 14  ? -11.136 -0.224  9.794   1.00 44.52 ? 14  VAL A C   1 
ATOM   66   O O   . VAL A 1 14  ? -10.257 -0.340  10.638  1.00 51.51 ? 14  VAL A O   1 
ATOM   67   C CB  . VAL A 1 14  ? -10.796 -0.367  7.322   1.00 35.45 ? 14  VAL A CB  1 
ATOM   68   C CG1 . VAL A 1 14  ? -10.624 0.451   6.055   1.00 30.98 ? 14  VAL A CG1 1 
ATOM   69   C CG2 . VAL A 1 14  ? -9.599  -1.299  7.488   1.00 40.76 ? 14  VAL A CG2 1 
ATOM   70   N N   . ASP A 1 15  ? -12.326 -0.763  9.927   1.00 39.11 ? 15  ASP A N   1 
ATOM   71   C CA  . ASP A 1 15  ? -12.714 -1.490  11.109  1.00 46.31 ? 15  ASP A CA  1 
ATOM   72   C C   . ASP A 1 15  ? -13.018 -2.924  10.749  1.00 48.25 ? 15  ASP A C   1 
ATOM   73   O O   . ASP A 1 15  ? -13.532 -3.667  11.576  1.00 48.33 ? 15  ASP A O   1 
ATOM   74   C CB  . ASP A 1 15  ? -14.031 -0.907  11.588  1.00 51.22 ? 15  ASP A CB  1 
ATOM   75   C CG  . ASP A 1 15  ? -15.110 -0.999  10.515  1.00 58.90 ? 15  ASP A CG  1 
ATOM   76   O OD1 . ASP A 1 15  ? -15.821 -2.027  10.451  1.00 63.51 ? 15  ASP A OD1 1 
ATOM   77   O OD2 . ASP A 1 15  ? -15.287 -0.113  9.652   1.00 67.86 ? 15  ASP A OD2 1 
ATOM   78   N N   . ASN A 1 16  ? -12.759 -3.298  9.506   1.00 36.97 ? 16  ASN A N   1 
ATOM   79   C CA  . ASN A 1 16  ? -13.207 -4.580  8.992   1.00 43.18 ? 16  ASN A CA  1 
ATOM   80   C C   . ASN A 1 16  ? -12.120 -5.329  8.194   1.00 35.89 ? 16  ASN A C   1 
ATOM   81   O O   . ASN A 1 16  ? -12.431 -6.162  7.339   1.00 31.86 ? 16  ASN A O   1 
ATOM   82   C CB  . ASN A 1 16  ? -14.310 -4.266  8.020   1.00 49.64 ? 16  ASN A CB  1 
ATOM   83   C CG  . ASN A 1 16  ? -13.951 -3.090  7.139   1.00 53.80 ? 16  ASN A CG  1 
ATOM   84   O OD1 . ASN A 1 16  ? -14.133 -1.935  7.525   1.00 67.36 ? 16  ASN A OD1 1 
ATOM   85   N ND2 . ASN A 1 16  ? -13.388 -3.371  5.972   1.00 58.37 ? 16  ASN A ND2 1 
ATOM   86   N N   . PHE A 1 17  ? -10.866 -5.044  8.471   1.00 26.98 ? 17  PHE A N   1 
ATOM   87   C CA  . PHE A 1 17  ? -9.800  -5.614  7.653   1.00 26.39 ? 17  PHE A CA  1 
ATOM   88   C C   . PHE A 1 17  ? -9.659  -7.112  7.819   1.00 23.10 ? 17  PHE A C   1 
ATOM   89   O O   . PHE A 1 17  ? -9.659  -7.639  8.934   1.00 26.54 ? 17  PHE A O   1 
ATOM   90   C CB  . PHE A 1 17  ? -8.479  -4.908  7.911   1.00 28.51 ? 17  PHE A CB  1 
ATOM   91   C CG  . PHE A 1 17  ? -7.413  -5.271  6.935   1.00 25.98 ? 17  PHE A CG  1 
ATOM   92   C CD1 . PHE A 1 17  ? -7.438  -4.762  5.633   1.00 29.35 ? 17  PHE A CD1 1 
ATOM   93   C CD2 . PHE A 1 17  ? -6.366  -6.115  7.316   1.00 25.20 ? 17  PHE A CD2 1 
ATOM   94   C CE1 . PHE A 1 17  ? -6.440  -5.084  4.716   1.00 29.86 ? 17  PHE A CE1 1 
ATOM   95   C CE2 . PHE A 1 17  ? -5.345  -6.456  6.421   1.00 27.37 ? 17  PHE A CE2 1 
ATOM   96   C CZ  . PHE A 1 17  ? -5.375  -5.952  5.103   1.00 27.50 ? 17  PHE A CZ  1 
ATOM   97   N N   . ASP A 1 18  ? -9.549  -7.815  6.694   1.00 22.48 ? 18  ASP A N   1 
ATOM   98   C CA  . ASP A 1 18  ? -9.465  -9.261  6.754   1.00 21.15 ? 18  ASP A CA  1 
ATOM   99   C C   . ASP A 1 18  ? -8.065  -9.702  6.360   1.00 23.66 ? 18  ASP A C   1 
ATOM   100  O O   . ASP A 1 18  ? -7.697  -9.754  5.161   1.00 23.46 ? 18  ASP A O   1 
ATOM   101  C CB  . ASP A 1 18  ? -10.525 -9.852  5.836   1.00 21.33 ? 18  ASP A CB  1 
ATOM   102  C CG  . ASP A 1 18  ? -10.434 -11.348 5.710   1.00 25.55 ? 18  ASP A CG  1 
ATOM   103  O OD1 . ASP A 1 18  ? -9.698  -12.023 6.494   1.00 23.34 ? 18  ASP A OD1 1 
ATOM   104  O OD2 . ASP A 1 18  ? -11.028 -11.927 4.772   1.00 28.02 ? 18  ASP A OD2 1 
ATOM   105  N N   . TRP A 1 19  ? -7.305  -10.080 7.385   1.00 26.07 ? 19  TRP A N   1 
ATOM   106  C CA  . TRP A 1 19  ? -5.918  -10.473 7.250   1.00 24.57 ? 19  TRP A CA  1 
ATOM   107  C C   . TRP A 1 19  ? -5.735  -11.723 6.402   1.00 28.75 ? 19  TRP A C   1 
ATOM   108  O O   . TRP A 1 19  ? -4.652  -11.995 5.919   1.00 25.39 ? 19  TRP A O   1 
ATOM   109  C CB  . TRP A 1 19  ? -5.366  -10.740 8.661   1.00 30.15 ? 19  TRP A CB  1 
ATOM   110  C CG  . TRP A 1 19  ? -3.910  -10.964 8.734   1.00 36.82 ? 19  TRP A CG  1 
ATOM   111  C CD1 . TRP A 1 19  ? -3.259  -12.128 9.020   1.00 37.39 ? 19  TRP A CD1 1 
ATOM   112  C CD2 . TRP A 1 19  ? -2.896  -9.974  8.518   1.00 32.01 ? 19  TRP A CD2 1 
ATOM   113  N NE1 . TRP A 1 19  ? -1.898  -11.919 8.984   1.00 34.04 ? 19  TRP A NE1 1 
ATOM   114  C CE2 . TRP A 1 19  ? -1.647  -10.603 8.685   1.00 31.31 ? 19  TRP A CE2 1 
ATOM   115  C CE3 . TRP A 1 19  ? -2.929  -8.633  8.225   1.00 32.84 ? 19  TRP A CE3 1 
ATOM   116  C CZ2 . TRP A 1 19  ? -0.427  -9.917  8.548   1.00 29.99 ? 19  TRP A CZ2 1 
ATOM   117  C CZ3 . TRP A 1 19  ? -1.722  -7.941  8.076   1.00 43.54 ? 19  TRP A CZ3 1 
ATOM   118  C CH2 . TRP A 1 19  ? -0.487  -8.586  8.245   1.00 33.82 ? 19  TRP A CH2 1 
ATOM   119  N N   . SER A 1 20  ? -6.799  -12.503 6.241   1.00 28.26 ? 20  SER A N   1 
ATOM   120  C CA  . SER A 1 20  ? -6.704  -13.753 5.477   1.00 29.35 ? 20  SER A CA  1 
ATOM   121  C C   . SER A 1 20  ? -6.561  -13.491 3.974   1.00 29.94 ? 20  SER A C   1 
ATOM   122  O O   . SER A 1 20  ? -6.111  -14.330 3.228   1.00 24.36 ? 20  SER A O   1 
ATOM   123  C CB  . SER A 1 20  ? -7.877  -14.735 5.793   1.00 26.47 ? 20  SER A CB  1 
ATOM   124  O OG  . SER A 1 20  ? -9.060  -14.287 5.167   1.00 26.44 ? 20  SER A OG  1 
ATOM   125  N N   . GLN A 1 21  ? -6.846  -12.268 3.534   1.00 23.29 ? 21  GLN A N   1 
ATOM   126  C CA  . GLN A 1 21  ? -6.688  -11.956 2.142   1.00 29.72 ? 21  GLN A CA  1 
ATOM   127  C C   . GLN A 1 21  ? -5.216  -11.589 1.883   1.00 31.20 ? 21  GLN A C   1 
ATOM   128  O O   . GLN A 1 21  ? -4.822  -11.466 0.747   1.00 35.64 ? 21  GLN A O   1 
ATOM   129  C CB  . GLN A 1 21  ? -7.573  -10.738 1.730   1.00 29.23 ? 21  GLN A CB  1 
ATOM   130  C CG  . GLN A 1 21  ? -8.937  -11.155 1.155   1.00 44.07 ? 21  GLN A CG  1 
ATOM   131  C CD  . GLN A 1 21  ? -9.748  -11.837 2.172   1.00 48.88 ? 21  GLN A CD  1 
ATOM   132  O OE1 . GLN A 1 21  ? -10.680 -12.545 1.873   1.00 42.32 ? 21  GLN A OE1 1 
ATOM   133  N NE2 . GLN A 1 21  ? -9.396  -11.620 3.415   1.00 63.17 ? 21  GLN A NE2 1 
ATOM   134  N N   . TYR A 1 22  ? -4.410  -11.509 2.946   1.00 32.69 ? 22  TYR A N   1 
ATOM   135  C CA  . TYR A 1 22  ? -2.992  -11.013 2.828   1.00 33.36 ? 22  TYR A CA  1 
ATOM   136  C C   . TYR A 1 22  ? -2.073  -12.165 2.387   1.00 37.88 ? 22  TYR A C   1 
ATOM   137  O O   . TYR A 1 22  ? -1.220  -12.610 3.134   1.00 35.89 ? 22  TYR A O   1 
ATOM   138  C CB  . TYR A 1 22  ? -2.515  -10.436 4.188   1.00 38.51 ? 22  TYR A CB  1 
ATOM   139  C CG  . TYR A 1 22  ? -1.780  -9.087  4.157   1.00 35.90 ? 22  TYR A CG  1 
ATOM   140  C CD1 . TYR A 1 22  ? -2.364  -7.957  3.585   1.00 36.79 ? 22  TYR A CD1 1 
ATOM   141  C CD2 . TYR A 1 22  ? -0.505  -8.951  4.718   1.00 29.71 ? 22  TYR A CD2 1 
ATOM   142  C CE1 . TYR A 1 22  ? -1.701  -6.744  3.567   1.00 39.40 ? 22  TYR A CE1 1 
ATOM   143  C CE2 . TYR A 1 22  ? 0.177   -7.718  4.692   1.00 28.41 ? 22  TYR A CE2 1 
ATOM   144  C CZ  . TYR A 1 22  ? -0.424  -6.632  4.128   1.00 28.27 ? 22  TYR A CZ  1 
ATOM   145  O OH  . TYR A 1 22  ? 0.245   -5.420  4.090   1.00 23.85 ? 22  TYR A OH  1 
ATOM   146  N N   . HIS A 1 23  ? -2.272  -12.646 1.164   1.00 31.76 ? 23  HIS A N   1 
ATOM   147  C CA  . HIS A 1 23  ? -1.465  -13.698 0.596   1.00 33.51 ? 23  HIS A CA  1 
ATOM   148  C C   . HIS A 1 23  ? -1.549  -13.468 -0.861  1.00 28.55 ? 23  HIS A C   1 
ATOM   149  O O   . HIS A 1 23  ? -2.402  -12.715 -1.296  1.00 35.34 ? 23  HIS A O   1 
ATOM   150  C CB  . HIS A 1 23  ? -2.053  -15.117 0.895   1.00 31.39 ? 23  HIS A CB  1 
ATOM   151  C CG  . HIS A 1 23  ? -3.319  -15.424 0.136   1.00 30.58 ? 23  HIS A CG  1 
ATOM   152  N ND1 . HIS A 1 23  ? -3.324  -16.019 -1.106  1.00 27.82 ? 23  HIS A ND1 1 
ATOM   153  C CD2 . HIS A 1 23  ? -4.617  -15.206 0.451   1.00 34.23 ? 23  HIS A CD2 1 
ATOM   154  C CE1 . HIS A 1 23  ? -4.571  -16.173 -1.514  1.00 27.26 ? 23  HIS A CE1 1 
ATOM   155  N NE2 . HIS A 1 23  ? -5.373  -15.667 -0.593  1.00 28.11 ? 23  HIS A NE2 1 
ATOM   156  N N   . GLY A 1 24  ? -0.668  -14.124 -1.622  1.00 29.80 ? 24  GLY A N   1 
ATOM   157  C CA  . GLY A 1 24  ? -0.658  -14.072 -3.080  1.00 30.48 ? 24  GLY A CA  1 
ATOM   158  C C   . GLY A 1 24  ? -0.036  -12.809 -3.724  1.00 31.00 ? 24  GLY A C   1 
ATOM   159  O O   . GLY A 1 24  ? 0.604   -12.020 -3.046  1.00 28.30 ? 24  GLY A O   1 
ATOM   160  N N   . LYS A 1 25  ? -0.259  -12.626 -5.032  1.00 26.21 ? 25  LYS A N   1 
ATOM   161  C CA  . LYS A 1 25  ? 0.363   -11.523 -5.802  1.00 29.86 ? 25  LYS A CA  1 
ATOM   162  C C   . LYS A 1 25  ? -0.522  -10.288 -5.850  1.00 32.66 ? 25  LYS A C   1 
ATOM   163  O O   . LYS A 1 25  ? -1.698  -10.367 -6.198  1.00 25.61 ? 25  LYS A O   1 
ATOM   164  C CB  . LYS A 1 25  ? 0.669   -11.978 -7.241  1.00 40.23 ? 25  LYS A CB  1 
ATOM   165  C CG  . LYS A 1 25  ? 1.485   -10.972 -8.059  1.00 39.89 ? 25  LYS A CG  1 
ATOM   166  C CD  . LYS A 1 25  ? 2.103   -11.598 -9.309  1.00 45.96 ? 25  LYS A CD  1 
ATOM   167  C CE  . LYS A 1 25  ? 3.189   -10.708 -9.887  1.00 50.69 ? 25  LYS A CE  1 
ATOM   168  N NZ  . LYS A 1 25  ? 3.776   -11.254 -11.172 1.00 50.51 ? 25  LYS A NZ  1 
ATOM   169  N N   . TRP A 1 26  ? 0.040   -9.150  -5.482  1.00 20.73 ? 26  TRP A N   1 
ATOM   170  C CA  . TRP A 1 26  ? -0.682  -7.876  -5.540  1.00 20.64 ? 26  TRP A CA  1 
ATOM   171  C C   . TRP A 1 26  ? 0.097   -6.880  -6.385  1.00 27.31 ? 26  TRP A C   1 
ATOM   172  O O   . TRP A 1 26  ? 1.301   -6.715  -6.191  1.00 21.44 ? 26  TRP A O   1 
ATOM   173  C CB  . TRP A 1 26  ? -0.814  -7.299  -4.139  1.00 21.11 ? 26  TRP A CB  1 
ATOM   174  C CG  . TRP A 1 26  ? -1.754  -8.104  -3.281  1.00 25.90 ? 26  TRP A CG  1 
ATOM   175  C CD1 . TRP A 1 26  ? -1.483  -9.302  -2.653  1.00 33.65 ? 26  TRP A CD1 1 
ATOM   176  C CD2 . TRP A 1 26  ? -3.121  -7.805  -2.981  1.00 24.77 ? 26  TRP A CD2 1 
ATOM   177  N NE1 . TRP A 1 26  ? -2.590  -9.733  -1.964  1.00 34.85 ? 26  TRP A NE1 1 
ATOM   178  C CE2 . TRP A 1 26  ? -3.610  -8.839  -2.155  1.00 32.14 ? 26  TRP A CE2 1 
ATOM   179  C CE3 . TRP A 1 26  ? -3.990  -6.773  -3.329  1.00 26.30 ? 26  TRP A CE3 1 
ATOM   180  C CZ2 . TRP A 1 26  ? -4.897  -8.850  -1.674  1.00 30.67 ? 26  TRP A CZ2 1 
ATOM   181  C CZ3 . TRP A 1 26  ? -5.273  -6.801  -2.857  1.00 26.04 ? 26  TRP A CZ3 1 
ATOM   182  C CH2 . TRP A 1 26  ? -5.711  -7.823  -2.023  1.00 31.56 ? 26  TRP A CH2 1 
ATOM   183  N N   . TRP A 1 27  ? -0.595  -6.209  -7.311  1.00 17.54 ? 27  TRP A N   1 
ATOM   184  C CA  . TRP A 1 27  ? 0.059   -5.272  -8.216  1.00 16.04 ? 27  TRP A CA  1 
ATOM   185  C C   . TRP A 1 27  ? -0.164  -3.865  -7.722  1.00 22.50 ? 27  TRP A C   1 
ATOM   186  O O   . TRP A 1 27  ? -1.279  -3.503  -7.356  1.00 23.98 ? 27  TRP A O   1 
ATOM   187  C CB  . TRP A 1 27  ? -0.608  -5.374  -9.627  1.00 19.53 ? 27  TRP A CB  1 
ATOM   188  C CG  . TRP A 1 27  ? -0.478  -6.709  -10.229 1.00 27.19 ? 27  TRP A CG  1 
ATOM   189  C CD1 . TRP A 1 27  ? -1.320  -7.767  -10.090 1.00 29.75 ? 27  TRP A CD1 1 
ATOM   190  C CD2 . TRP A 1 27  ? 0.583   -7.140  -11.057 1.00 25.39 ? 27  TRP A CD2 1 
ATOM   191  N NE1 . TRP A 1 27  ? -0.844  -8.842  -10.812 1.00 29.26 ? 27  TRP A NE1 1 
ATOM   192  C CE2 . TRP A 1 27  ? 0.336   -8.474  -11.403 1.00 32.80 ? 27  TRP A CE2 1 
ATOM   193  C CE3 . TRP A 1 27  ? 1.739   -6.522  -11.549 1.00 31.32 ? 27  TRP A CE3 1 
ATOM   194  C CZ2 . TRP A 1 27  ? 1.194   -9.204  -12.215 1.00 40.80 ? 27  TRP A CZ2 1 
ATOM   195  C CZ3 . TRP A 1 27  ? 2.581   -7.238  -12.355 1.00 35.78 ? 27  TRP A CZ3 1 
ATOM   196  C CH2 . TRP A 1 27  ? 2.308   -8.568  -12.680 1.00 36.73 ? 27  TRP A CH2 1 
ATOM   197  N N   . GLN A 1 28  ? 0.866   -3.037  -7.756  1.00 19.61 ? 28  GLN A N   1 
ATOM   198  C CA  . GLN A 1 28  ? 0.699   -1.672  -7.320  1.00 18.34 ? 28  GLN A CA  1 
ATOM   199  C C   . GLN A 1 28  ? 0.216   -0.760  -8.487  1.00 22.99 ? 28  GLN A C   1 
ATOM   200  O O   . GLN A 1 28  ? 1.027   -0.174  -9.211  1.00 23.50 ? 28  GLN A O   1 
ATOM   201  C CB  . GLN A 1 28  ? 2.014   -1.149  -6.763  1.00 20.19 ? 28  GLN A CB  1 
ATOM   202  C CG  . GLN A 1 28  ? 1.860   0.181   -6.052  1.00 18.91 ? 28  GLN A CG  1 
ATOM   203  C CD  . GLN A 1 28  ? 3.166   0.666   -5.519  1.00 22.19 ? 28  GLN A CD  1 
ATOM   204  O OE1 . GLN A 1 28  ? 3.809   -0.026  -4.672  1.00 19.90 ? 28  GLN A OE1 1 
ATOM   205  N NE2 . GLN A 1 28  ? 3.616   1.802   -6.024  1.00 17.41 ? 28  GLN A NE2 1 
ATOM   206  N N   . VAL A 1 29  ? -1.116  -0.664  -8.634  1.00 23.22 ? 29  VAL A N   1 
ATOM   207  C CA  . VAL A 1 29  ? -1.743  0.027   -9.765  1.00 23.30 ? 29  VAL A CA  1 
ATOM   208  C C   . VAL A 1 29  ? -1.718  1.534   -9.769  1.00 22.56 ? 29  VAL A C   1 
ATOM   209  O O   . VAL A 1 29  ? -1.845  2.143   -10.850 1.00 21.72 ? 29  VAL A O   1 
ATOM   210  C CB  . VAL A 1 29  ? -3.209  -0.471  -10.016 1.00 23.04 ? 29  VAL A CB  1 
ATOM   211  C CG1 . VAL A 1 29  ? -3.198  -2.014  -10.277 1.00 23.36 ? 29  VAL A CG1 1 
ATOM   212  C CG2 . VAL A 1 29  ? -4.111  -0.164  -8.827  1.00 26.25 ? 29  VAL A CG2 1 
ATOM   213  N N   . ALA A 1 30  ? -1.534  2.151   -8.599  1.00 20.65 ? 30  ALA A N   1 
ATOM   214  C CA  . ALA A 1 30  ? -1.454  3.609   -8.517  1.00 20.50 ? 30  ALA A CA  1 
ATOM   215  C C   . ALA A 1 30  ? -0.718  4.016   -7.268  1.00 23.40 ? 30  ALA A C   1 
ATOM   216  O O   . ALA A 1 30  ? -0.748  3.307   -6.259  1.00 18.59 ? 30  ALA A O   1 
ATOM   217  C CB  . ALA A 1 30  ? -2.867  4.222   -8.462  1.00 23.78 ? 30  ALA A CB  1 
ATOM   218  N N   . ALA A 1 31  ? -0.125  5.198   -7.315  1.00 18.03 ? 31  ALA A N   1 
ATOM   219  C CA  . ALA A 1 31  ? 0.518   5.766   -6.150  1.00 18.62 ? 31  ALA A CA  1 
ATOM   220  C C   . ALA A 1 31  ? 0.839   7.228   -6.421  1.00 21.76 ? 31  ALA A C   1 
ATOM   221  O O   . ALA A 1 31  ? 0.871   7.678   -7.607  1.00 21.22 ? 31  ALA A O   1 
ATOM   222  C CB  . ALA A 1 31  ? 1.823   5.006   -5.875  1.00 19.50 ? 31  ALA A CB  1 
ATOM   223  N N   . TYR A 1 32  ? 1.112   7.977   -5.358  1.00 18.27 ? 32  TYR A N   1 
ATOM   224  C CA  . TYR A 1 32  ? 1.633   9.352   -5.540  1.00 16.93 ? 32  TYR A CA  1 
ATOM   225  C C   . TYR A 1 32  ? 3.070   9.253   -6.168  1.00 23.33 ? 32  TYR A C   1 
ATOM   226  O O   . TYR A 1 32  ? 3.901   8.338   -5.844  1.00 19.07 ? 32  TYR A O   1 
ATOM   227  C CB  . TYR A 1 32  ? 1.822   10.046  -4.134  1.00 23.08 ? 32  TYR A CB  1 
ATOM   228  C CG  . TYR A 1 32  ? 0.588   10.524  -3.418  1.00 21.32 ? 32  TYR A CG  1 
ATOM   229  C CD1 . TYR A 1 32  ? -0.638  10.521  -4.049  1.00 23.49 ? 32  TYR A CD1 1 
ATOM   230  C CD2 . TYR A 1 32  ? 0.671   11.041  -2.126  1.00 23.29 ? 32  TYR A CD2 1 
ATOM   231  C CE1 . TYR A 1 32  ? -1.799  10.986  -3.393  1.00 26.13 ? 32  TYR A CE1 1 
ATOM   232  C CE2 . TYR A 1 32  ? -0.462  11.518  -1.444  1.00 23.17 ? 32  TYR A CE2 1 
ATOM   233  C CZ  . TYR A 1 32  ? -1.717  11.476  -2.104  1.00 26.54 ? 32  TYR A CZ  1 
ATOM   234  O OH  . TYR A 1 32  ? -2.889  11.961  -1.500  1.00 28.13 ? 32  TYR A OH  1 
ATOM   235  N N   . PRO A 1 33  ? 3.421   10.265  -6.949  1.00 23.62 ? 33  PRO A N   1 
ATOM   236  C CA  . PRO A 1 33  ? 4.731   10.329  -7.598  1.00 23.66 ? 33  PRO A CA  1 
ATOM   237  C C   . PRO A 1 33  ? 5.915   10.176  -6.601  1.00 18.38 ? 33  PRO A C   1 
ATOM   238  O O   . PRO A 1 33  ? 6.850   9.445   -6.932  1.00 21.43 ? 33  PRO A O   1 
ATOM   239  C CB  . PRO A 1 33  ? 4.748   11.743  -8.222  1.00 28.27 ? 33  PRO A CB  1 
ATOM   240  C CG  . PRO A 1 33  ? 3.343   12.106  -8.379  1.00 28.74 ? 33  PRO A CG  1 
ATOM   241  C CD  . PRO A 1 33  ? 2.568   11.428  -7.277  1.00 27.97 ? 33  PRO A CD  1 
ATOM   242  N N   . ASP A 1 34  ? 5.878   10.833  -5.437  1.00 19.23 ? 34  ASP A N   1 
ATOM   243  C CA  . ASP A 1 34  ? 7.006   10.692  -4.468  1.00 22.04 ? 34  ASP A CA  1 
ATOM   244  C C   . ASP A 1 34  ? 7.185   9.212   -4.059  1.00 23.46 ? 34  ASP A C   1 
ATOM   245  O O   . ASP A 1 34  ? 8.288   8.731   -3.839  1.00 25.98 ? 34  ASP A O   1 
ATOM   246  C CB  . ASP A 1 34  ? 6.765   11.497  -3.194  1.00 20.45 ? 34  ASP A CB  1 
ATOM   247  C CG  . ASP A 1 34  ? 6.952   12.996  -3.417  1.00 39.13 ? 34  ASP A CG  1 
ATOM   248  O OD1 . ASP A 1 34  ? 6.115   13.781  -2.910  1.00 46.97 ? 34  ASP A OD1 1 
ATOM   249  O OD2 . ASP A 1 34  ? 7.888   13.462  -4.113  1.00 34.78 ? 34  ASP A OD2 1 
ATOM   250  N N   . HIS A 1 35  ? 6.085   8.510   -3.925  1.00 18.35 ? 35  HIS A N   1 
ATOM   251  C CA  . HIS A 1 35  ? 6.157   7.055   -3.619  1.00 17.70 ? 35  HIS A CA  1 
ATOM   252  C C   . HIS A 1 35  ? 6.807   6.265   -4.785  1.00 18.89 ? 35  HIS A C   1 
ATOM   253  O O   . HIS A 1 35  ? 7.671   5.372   -4.586  1.00 20.67 ? 35  HIS A O   1 
ATOM   254  C CB  . HIS A 1 35  ? 4.766   6.520   -3.325  1.00 19.00 ? 35  HIS A CB  1 
ATOM   255  C CG  . HIS A 1 35  ? 4.753   5.148   -2.734  1.00 17.32 ? 35  HIS A CG  1 
ATOM   256  N ND1 . HIS A 1 35  ? 4.905   4.009   -3.492  1.00 20.34 ? 35  HIS A ND1 1 
ATOM   257  C CD2 . HIS A 1 35  ? 4.612   4.736   -1.456  1.00 15.96 ? 35  HIS A CD2 1 
ATOM   258  C CE1 . HIS A 1 35  ? 4.851   2.941   -2.704  1.00 19.90 ? 35  HIS A CE1 1 
ATOM   259  N NE2 . HIS A 1 35  ? 4.645   3.353   -1.464  1.00 18.85 ? 35  HIS A NE2 1 
ATOM   260  N N   . ILE A 1 36  ? 6.392   6.584   -6.010  1.00 16.88 ? 36  ILE A N   1 
ATOM   261  C CA  . ILE A 1 36  ? 6.938   5.918   -7.192  1.00 17.27 ? 36  ILE A CA  1 
ATOM   262  C C   . ILE A 1 36  ? 8.483   6.139   -7.335  1.00 21.36 ? 36  ILE A C   1 
ATOM   263  O O   . ILE A 1 36  ? 9.189   5.255   -7.728  1.00 18.10 ? 36  ILE A O   1 
ATOM   264  C CB  . ILE A 1 36  ? 6.185   6.403   -8.435  1.00 23.33 ? 36  ILE A CB  1 
ATOM   265  C CG1 . ILE A 1 36  ? 4.776   5.738   -8.475  1.00 21.44 ? 36  ILE A CG1 1 
ATOM   266  C CG2 . ILE A 1 36  ? 6.845   5.956   -9.660  1.00 21.44 ? 36  ILE A CG2 1 
ATOM   267  C CD1 . ILE A 1 36  ? 3.911   6.540   -9.480  1.00 32.05 ? 36  ILE A CD1 1 
ATOM   268  N N   . THR A 1 37  ? 8.935   7.328   -6.977  1.00 21.42 ? 37  THR A N   1 
ATOM   269  C CA  . THR A 1 37  ? 10.335  7.701   -7.095  1.00 23.88 ? 37  THR A CA  1 
ATOM   270  C C   . THR A 1 37  ? 11.149  7.017   -6.001  1.00 19.78 ? 37  THR A C   1 
ATOM   271  O O   . THR A 1 37  ? 12.241  6.508   -6.241  1.00 22.51 ? 37  THR A O   1 
ATOM   272  C CB  . THR A 1 37  ? 10.408  9.247   -6.947  1.00 30.52 ? 37  THR A CB  1 
ATOM   273  O OG1 . THR A 1 37  ? 9.986   9.818   -8.180  1.00 30.67 ? 37  THR A OG1 1 
ATOM   274  C CG2 . THR A 1 37  ? 11.830  9.729   -6.770  1.00 45.60 ? 37  THR A CG2 1 
ATOM   275  N N   . LYS A 1 38  ? 10.602  7.009   -4.797  1.00 19.57 ? 38  LYS A N   1 
ATOM   276  C CA  . LYS A 1 38  ? 11.326  6.456   -3.653  1.00 23.78 ? 38  LYS A CA  1 
ATOM   277  C C   . LYS A 1 38  ? 11.320  4.981   -3.639  1.00 23.00 ? 38  LYS A C   1 
ATOM   278  O O   . LYS A 1 38  ? 12.376  4.311   -3.331  1.00 22.45 ? 38  LYS A O   1 
ATOM   279  C CB  . LYS A 1 38  ? 10.735  6.943   -2.350  1.00 20.74 ? 38  LYS A CB  1 
ATOM   280  C CG  . LYS A 1 38  ? 11.113  8.378   -1.970  1.00 31.63 ? 38  LYS A CG  1 
ATOM   281  C CD  . LYS A 1 38  ? 10.407  8.817   -0.679  1.00 43.45 ? 38  LYS A CD  1 
ATOM   282  C CE  . LYS A 1 38  ? 10.643  10.293  -0.400  1.00 52.19 ? 38  LYS A CE  1 
ATOM   283  N NZ  . LYS A 1 38  ? 10.178  10.748  0.946   1.00 54.33 ? 38  LYS A NZ  1 
ATOM   284  N N   . TYR A 1 39  ? 10.175  4.398   -4.000  1.00 17.17 ? 39  TYR A N   1 
ATOM   285  C CA  . TYR A 1 39  ? 10.000  2.943   -3.840  1.00 16.68 ? 39  TYR A CA  1 
ATOM   286  C C   . TYR A 1 39  ? 9.888   2.222   -5.124  1.00 19.79 ? 39  TYR A C   1 
ATOM   287  O O   . TYR A 1 39  ? 9.823   1.010   -5.159  1.00 19.45 ? 39  TYR A O   1 
ATOM   288  C CB  . TYR A 1 39  ? 8.812   2.625   -2.876  1.00 15.44 ? 39  TYR A CB  1 
ATOM   289  C CG  . TYR A 1 39  ? 9.038   3.340   -1.572  1.00 18.38 ? 39  TYR A CG  1 
ATOM   290  C CD1 . TYR A 1 39  ? 8.293   4.489   -1.229  1.00 18.71 ? 39  TYR A CD1 1 
ATOM   291  C CD2 . TYR A 1 39  ? 10.040  2.918   -0.704  1.00 18.68 ? 39  TYR A CD2 1 
ATOM   292  C CE1 . TYR A 1 39  ? 8.538   5.166   -0.062  1.00 22.74 ? 39  TYR A CE1 1 
ATOM   293  C CE2 . TYR A 1 39  ? 10.303  3.614   0.484   1.00 24.01 ? 39  TYR A CE2 1 
ATOM   294  C CZ  . TYR A 1 39  ? 9.548   4.717   0.796   1.00 21.91 ? 39  TYR A CZ  1 
ATOM   295  O OH  . TYR A 1 39  ? 9.801   5.413   1.934   1.00 26.61 ? 39  TYR A OH  1 
ATOM   296  N N   . GLY A 1 40  ? 9.903   2.987   -6.202  1.00 19.66 ? 40  GLY A N   1 
ATOM   297  C CA  . GLY A 1 40  ? 10.012  2.428   -7.545  1.00 21.57 ? 40  GLY A CA  1 
ATOM   298  C C   . GLY A 1 40  ? 8.787   2.312   -8.411  1.00 22.18 ? 40  GLY A C   1 
ATOM   299  O O   . GLY A 1 40  ? 7.656   2.301   -7.915  1.00 22.56 ? 40  GLY A O   1 
ATOM   300  N N   . LYS A 1 41  ? 8.992   2.208   -9.723  1.00 20.59 ? 41  LYS A N   1 
ATOM   301  C CA  . LYS A 1 41  ? 7.867   1.960   -10.618 1.00 20.35 ? 41  LYS A CA  1 
ATOM   302  C C   . LYS A 1 41  ? 7.751   0.457   -10.911 1.00 24.44 ? 41  LYS A C   1 
ATOM   303  O O   . LYS A 1 41  ? 8.611   -0.352  -10.501 1.00 24.42 ? 41  LYS A O   1 
ATOM   304  C CB  . LYS A 1 41  ? 8.056   2.719   -11.947 1.00 22.48 ? 41  LYS A CB  1 
ATOM   305  C CG  . LYS A 1 41  ? 9.368   2.310   -12.604 1.00 17.76 ? 41  LYS A CG  1 
ATOM   306  C CD  . LYS A 1 41  ? 9.518   3.086   -13.982 1.00 24.92 ? 41  LYS A CD  1 
ATOM   307  C CE  . LYS A 1 41  ? 10.842  2.707   -14.681 1.00 29.81 ? 41  LYS A CE  1 
ATOM   308  N NZ  . LYS A 1 41  ? 11.051  3.555   -15.898 1.00 33.30 ? 41  LYS A NZ  1 
ATOM   309  N N   . CYS A 1 42  ? 6.708   0.101   -11.640 1.00 18.81 ? 42  CYS A N   1 
ATOM   310  C CA  . CYS A 1 42  ? 6.443   -1.289  -12.040 1.00 22.45 ? 42  CYS A CA  1 
ATOM   311  C C   . CYS A 1 42  ? 6.363   -2.239  -10.851 1.00 23.54 ? 42  CYS A C   1 
ATOM   312  O O   . CYS A 1 42  ? 6.816   -3.370  -10.944 1.00 24.86 ? 42  CYS A O   1 
ATOM   313  C CB  . CYS A 1 42  ? 7.495   -1.822  -12.996 1.00 27.49 ? 42  CYS A CB  1 
ATOM   314  S SG  . CYS A 1 42  ? 7.767   -0.765  -14.451 1.00 35.58 ? 42  CYS A SG  1 
ATOM   315  N N   . GLY A 1 43  ? 5.805   -1.763  -9.759  1.00 19.68 ? 43  GLY A N   1 
ATOM   316  C CA  . GLY A 1 43  ? 5.818   -2.506  -8.517  1.00 20.68 ? 43  GLY A CA  1 
ATOM   317  C C   . GLY A 1 43  ? 4.764   -3.575  -8.357  1.00 18.15 ? 43  GLY A C   1 
ATOM   318  O O   . GLY A 1 43  ? 3.595   -3.384  -8.686  1.00 22.60 ? 43  GLY A O   1 
ATOM   319  N N   . TRP A 1 44  ? 5.202   -4.728  -7.897  1.00 18.86 ? 44  TRP A N   1 
ATOM   320  C CA  . TRP A 1 44  ? 4.294   -5.803  -7.496  1.00 22.15 ? 44  TRP A CA  1 
ATOM   321  C C   . TRP A 1 44  ? 4.919   -6.548  -6.317  1.00 23.51 ? 44  TRP A C   1 
ATOM   322  O O   . TRP A 1 44  ? 6.133   -6.473  -6.099  1.00 23.19 ? 44  TRP A O   1 
ATOM   323  C CB  . TRP A 1 44  ? 3.994   -6.791  -8.660  1.00 24.20 ? 44  TRP A CB  1 
ATOM   324  C CG  . TRP A 1 44  ? 5.205   -7.463  -9.289  1.00 27.20 ? 44  TRP A CG  1 
ATOM   325  C CD1 . TRP A 1 44  ? 5.847   -7.078  -10.441 1.00 28.63 ? 44  TRP A CD1 1 
ATOM   326  C CD2 . TRP A 1 44  ? 5.878   -8.640  -8.839  1.00 27.72 ? 44  TRP A CD2 1 
ATOM   327  N NE1 . TRP A 1 44  ? 6.873   -7.942  -10.718 1.00 30.25 ? 44  TRP A NE1 1 
ATOM   328  C CE2 . TRP A 1 44  ? 6.922   -8.907  -9.759  1.00 27.63 ? 44  TRP A CE2 1 
ATOM   329  C CE3 . TRP A 1 44  ? 5.725   -9.496  -7.732  1.00 31.66 ? 44  TRP A CE3 1 
ATOM   330  C CZ2 . TRP A 1 44  ? 7.810   -9.985  -9.608  1.00 31.46 ? 44  TRP A CZ2 1 
ATOM   331  C CZ3 . TRP A 1 44  ? 6.602   -10.570 -7.592  1.00 38.01 ? 44  TRP A CZ3 1 
ATOM   332  C CH2 . TRP A 1 44  ? 7.629   -10.802 -8.534  1.00 33.26 ? 44  TRP A CH2 1 
ATOM   333  N N   . ALA A 1 45  ? 4.107   -7.275  -5.554  1.00 22.49 ? 45  ALA A N   1 
ATOM   334  C CA  . ALA A 1 45  ? 4.663   -7.973  -4.402  1.00 20.84 ? 45  ALA A CA  1 
ATOM   335  C C   . ALA A 1 45  ? 3.968   -9.295  -4.202  1.00 23.74 ? 45  ALA A C   1 
ATOM   336  O O   . ALA A 1 45  ? 2.802   -9.433  -4.527  1.00 23.51 ? 45  ALA A O   1 
ATOM   337  C CB  . ALA A 1 45  ? 4.533   -7.148  -3.212  1.00 18.39 ? 45  ALA A CB  1 
ATOM   338  N N   . GLU A 1 46  ? 4.686   -10.267 -3.685  1.00 21.63 ? 46  GLU A N   1 
ATOM   339  C CA  . GLU A 1 46  ? 4.076   -11.567 -3.354  1.00 22.30 ? 46  GLU A CA  1 
ATOM   340  C C   . GLU A 1 46  ? 4.064   -11.678 -1.835  1.00 20.56 ? 46  GLU A C   1 
ATOM   341  O O   . GLU A 1 46  ? 5.099   -11.454 -1.161  1.00 25.30 ? 46  GLU A O   1 
ATOM   342  C CB  . GLU A 1 46  ? 4.914   -12.689 -3.944  1.00 31.81 ? 46  GLU A CB  1 
ATOM   343  C CG  . GLU A 1 46  ? 4.180   -13.998 -4.158  1.00 52.25 ? 46  GLU A CG  1 
ATOM   344  C CD  . GLU A 1 46  ? 3.918   -14.256 -5.624  1.00 53.88 ? 46  GLU A CD  1 
ATOM   345  O OE1 . GLU A 1 46  ? 2.791   -14.007 -6.058  1.00 64.62 ? 46  GLU A OE1 1 
ATOM   346  O OE2 . GLU A 1 46  ? 4.851   -14.674 -6.347  1.00 58.66 ? 46  GLU A OE2 1 
ATOM   347  N N   . TYR A 1 47  ? 2.928   -12.053 -1.286  1.00 18.09 ? 47  TYR A N   1 
ATOM   348  C CA  . TYR A 1 47  ? 2.748   -12.147 0.160   1.00 15.84 ? 47  TYR A CA  1 
ATOM   349  C C   . TYR A 1 47  ? 2.633   -13.617 0.533   1.00 24.70 ? 47  TYR A C   1 
ATOM   350  O O   . TYR A 1 47  ? 1.785   -14.315 0.021   1.00 25.58 ? 47  TYR A O   1 
ATOM   351  C CB  . TYR A 1 47  ? 1.450   -11.430 0.574   1.00 23.00 ? 47  TYR A CB  1 
ATOM   352  C CG  . TYR A 1 47  ? 1.568   -9.922  0.510   1.00 24.13 ? 47  TYR A CG  1 
ATOM   353  C CD1 . TYR A 1 47  ? 1.523   -9.254  -0.700  1.00 33.63 ? 47  TYR A CD1 1 
ATOM   354  C CD2 . TYR A 1 47  ? 1.791   -9.177  1.653   1.00 26.79 ? 47  TYR A CD2 1 
ATOM   355  C CE1 . TYR A 1 47  ? 1.647   -7.847  -0.768  1.00 25.90 ? 47  TYR A CE1 1 
ATOM   356  C CE2 . TYR A 1 47  ? 1.916   -7.762  1.597   1.00 32.01 ? 47  TYR A CE2 1 
ATOM   357  C CZ  . TYR A 1 47  ? 1.831   -7.115  0.380   1.00 31.89 ? 47  TYR A CZ  1 
ATOM   358  O OH  . TYR A 1 47  ? 1.972   -5.722  0.309   1.00 31.22 ? 47  TYR A OH  1 
ATOM   359  N N   . THR A 1 48  ? 3.469   -14.077 1.442   1.00 23.22 ? 48  THR A N   1 
ATOM   360  C CA  . THR A 1 48  ? 3.440   -15.477 1.810   1.00 25.29 ? 48  THR A CA  1 
ATOM   361  C C   . THR A 1 48  ? 3.203   -15.624 3.294   1.00 22.29 ? 48  THR A C   1 
ATOM   362  O O   . THR A 1 48  ? 4.022   -15.234 4.062   1.00 22.59 ? 48  THR A O   1 
ATOM   363  C CB  . THR A 1 48  ? 4.809   -16.108 1.453   1.00 27.07 ? 48  THR A CB  1 
ATOM   364  O OG1 . THR A 1 48  ? 5.007   -15.990 0.046   1.00 26.80 ? 48  THR A OG1 1 
ATOM   365  C CG2 . THR A 1 48  ? 4.759   -17.629 1.677   1.00 37.86 ? 48  THR A CG2 1 
ATOM   366  N N   . PRO A 1 49  ? 2.073   -16.203 3.674   1.00 25.96 ? 49  PRO A N   1 
ATOM   367  C CA  . PRO A 1 49  ? 1.731   -16.385 5.088   1.00 30.17 ? 49  PRO A CA  1 
ATOM   368  C C   . PRO A 1 49  ? 2.728   -17.307 5.755   1.00 33.30 ? 49  PRO A C   1 
ATOM   369  O O   . PRO A 1 49  ? 3.059   -18.342 5.188   1.00 30.87 ? 49  PRO A O   1 
ATOM   370  C CB  . PRO A 1 49  ? 0.333   -17.061 5.058   1.00 34.60 ? 49  PRO A CB  1 
ATOM   371  C CG  . PRO A 1 49  ? -0.134  -17.020 3.670   1.00 30.96 ? 49  PRO A CG  1 
ATOM   372  C CD  . PRO A 1 49  ? 1.054   -16.729 2.762   1.00 24.67 ? 49  PRO A CD  1 
ATOM   373  N N   . GLU A 1 50  ? 3.219   -16.925 6.928   1.00 29.42 ? 50  GLU A N   1 
ATOM   374  C CA  . GLU A 1 50  ? 4.159   -17.748 7.680   1.00 43.66 ? 50  GLU A CA  1 
ATOM   375  C C   . GLU A 1 50  ? 3.752   -17.656 9.129   1.00 47.55 ? 50  GLU A C   1 
ATOM   376  O O   . GLU A 1 50  ? 4.203   -16.769 9.847   1.00 46.41 ? 50  GLU A O   1 
ATOM   377  C CB  . GLU A 1 50  ? 5.610   -17.254 7.525   1.00 47.00 ? 50  GLU A CB  1 
ATOM   378  C CG  . GLU A 1 50  ? 6.300   -17.685 6.245   1.00 59.38 ? 50  GLU A CG  1 
ATOM   379  C CD  . GLU A 1 50  ? 7.768   -17.283 6.192   1.00 66.60 ? 50  GLU A CD  1 
ATOM   380  O OE1 . GLU A 1 50  ? 8.568   -18.003 5.536   1.00 71.26 ? 50  GLU A OE1 1 
ATOM   381  O OE2 . GLU A 1 50  ? 8.126   -16.246 6.795   1.00 64.73 ? 50  GLU A OE2 1 
ATOM   382  N N   . GLY A 1 51  ? 2.881   -18.559 9.558   1.00 50.54 ? 51  GLY A N   1 
ATOM   383  C CA  . GLY A 1 51  ? 2.373   -18.501 10.905  1.00 50.40 ? 51  GLY A CA  1 
ATOM   384  C C   . GLY A 1 51  ? 1.597   -17.225 11.113  1.00 51.80 ? 51  GLY A C   1 
ATOM   385  O O   . GLY A 1 51  ? 0.676   -16.909 10.348  1.00 47.98 ? 51  GLY A O   1 
ATOM   386  N N   . LYS A 1 52  ? 1.980   -16.470 12.138  1.00 52.58 ? 52  LYS A N   1 
ATOM   387  C CA  . LYS A 1 52  ? 1.314   -15.203 12.440  1.00 55.44 ? 52  LYS A CA  1 
ATOM   388  C C   . LYS A 1 52  ? 1.785   -14.041 11.548  1.00 49.58 ? 52  LYS A C   1 
ATOM   389  O O   . LYS A 1 52  ? 1.083   -13.044 11.400  1.00 49.05 ? 52  LYS A O   1 
ATOM   390  C CB  . LYS A 1 52  ? 1.514   -14.826 13.911  1.00 64.01 ? 52  LYS A CB  1 
ATOM   391  C CG  . LYS A 1 52  ? 0.666   -15.624 14.885  1.00 73.76 ? 52  LYS A CG  1 
ATOM   392  C CD  . LYS A 1 52  ? 0.609   -14.943 16.256  1.00 80.68 ? 52  LYS A CD  1 
ATOM   393  C CE  . LYS A 1 52  ? -0.232  -13.660 16.212  1.00 86.86 ? 52  LYS A CE  1 
ATOM   394  N NZ  . LYS A 1 52  ? -0.276  -12.951 17.528  1.00 87.87 ? 52  LYS A NZ  1 
ATOM   395  N N   . SER A 1 53  ? 2.961   -14.173 10.945  1.00 38.37 ? 53  SER A N   1 
ATOM   396  C CA  . SER A 1 53  ? 3.474   -13.084 10.104  1.00 28.78 ? 53  SER A CA  1 
ATOM   397  C C   . SER A 1 53  ? 3.189   -13.375 8.643   1.00 28.86 ? 53  SER A C   1 
ATOM   398  O O   . SER A 1 53  ? 2.807   -14.487 8.267   1.00 27.94 ? 53  SER A O   1 
ATOM   399  C CB  . SER A 1 53  ? 4.975   -12.995 10.270  1.00 37.15 ? 53  SER A CB  1 
ATOM   400  O OG  . SER A 1 53  ? 5.567   -14.199 9.822   1.00 44.38 ? 53  SER A OG  1 
ATOM   401  N N   . VAL A 1 54  ? 3.344   -12.367 7.813   1.00 21.80 ? 54  VAL A N   1 
ATOM   402  C CA  . VAL A 1 54  ? 3.279   -12.600 6.399   1.00 21.00 ? 54  VAL A CA  1 
ATOM   403  C C   . VAL A 1 54  ? 4.623   -12.093 5.829   1.00 27.24 ? 54  VAL A C   1 
ATOM   404  O O   . VAL A 1 54  ? 5.113   -11.021 6.223   1.00 20.74 ? 54  VAL A O   1 
ATOM   405  C CB  . VAL A 1 54  ? 2.089   -11.838 5.798   1.00 21.27 ? 54  VAL A CB  1 
ATOM   406  C CG1 . VAL A 1 54  ? 2.132   -11.879 4.294   1.00 22.96 ? 54  VAL A CG1 1 
ATOM   407  C CG2 . VAL A 1 54  ? 0.736   -12.441 6.344   1.00 21.34 ? 54  VAL A CG2 1 
ATOM   408  N N   . LYS A 1 55  ? 5.231   -12.873 4.951   1.00 21.78 ? 55  LYS A N   1 
ATOM   409  C CA  . LYS A 1 55  ? 6.511   -12.467 4.358   1.00 20.84 ? 55  LYS A CA  1 
ATOM   410  C C   . LYS A 1 55  ? 6.203   -11.720 3.066   1.00 22.38 ? 55  LYS A C   1 
ATOM   411  O O   . LYS A 1 55  ? 5.332   -12.128 2.304   1.00 22.37 ? 55  LYS A O   1 
ATOM   412  C CB  . LYS A 1 55  ? 7.375   -13.722 4.105   1.00 26.40 ? 55  LYS A CB  1 
ATOM   413  C CG  . LYS A 1 55  ? 8.756   -13.445 3.542   1.00 43.64 ? 55  LYS A CG  1 
ATOM   414  C CD  . LYS A 1 55  ? 9.729   -14.570 3.966   1.00 56.76 ? 55  LYS A CD  1 
ATOM   415  C CE  . LYS A 1 55  ? 11.192  -14.158 3.799   1.00 60.34 ? 55  LYS A CE  1 
ATOM   416  N NZ  . LYS A 1 55  ? 11.676  -14.300 2.387   1.00 62.37 ? 55  LYS A NZ  1 
ATOM   417  N N   . VAL A 1 56  ? 6.928   -10.642 2.807   1.00 22.10 ? 56  VAL A N   1 
ATOM   418  C CA  . VAL A 1 56  ? 6.664   -9.811  1.651   1.00 24.61 ? 56  VAL A CA  1 
ATOM   419  C C   . VAL A 1 56  ? 7.885   -9.785  0.757   1.00 24.55 ? 56  VAL A C   1 
ATOM   420  O O   . VAL A 1 56  ? 8.951   -9.378  1.189   1.00 25.53 ? 56  VAL A O   1 
ATOM   421  C CB  . VAL A 1 56  ? 6.409   -8.332  2.067   1.00 22.42 ? 56  VAL A CB  1 
ATOM   422  C CG1 . VAL A 1 56  ? 6.031   -7.488  0.853   1.00 24.90 ? 56  VAL A CG1 1 
ATOM   423  C CG2 . VAL A 1 56  ? 5.396   -8.232  3.181   1.00 28.05 ? 56  VAL A CG2 1 
ATOM   424  N N   . SER A 1 57  ? 7.725   -10.172 -0.491  1.00 20.25 ? 57  SER A N   1 
ATOM   425  C CA  . SER A 1 57  ? 8.848   -10.114 -1.456  1.00 20.07 ? 57  SER A CA  1 
ATOM   426  C C   . SER A 1 57  ? 8.413   -9.159  -2.525  1.00 22.74 ? 57  SER A C   1 
ATOM   427  O O   . SER A 1 57  ? 7.408   -9.398  -3.126  1.00 23.37 ? 57  SER A O   1 
ATOM   428  C CB  . SER A 1 57  ? 9.037   -11.513 -2.096  1.00 25.71 ? 57  SER A CB  1 
ATOM   429  O OG  . SER A 1 57  ? 9.183   -12.498 -1.083  1.00 43.29 ? 57  SER A OG  1 
ATOM   430  N N   . ARG A 1 58  ? 9.160   -8.088  -2.792  1.00 20.42 ? 58  ARG A N   1 
ATOM   431  C CA  . ARG A 1 58  ? 8.586   -7.054  -3.670  1.00 17.69 ? 58  ARG A CA  1 
ATOM   432  C C   . ARG A 1 58  ? 9.565   -6.710  -4.766  1.00 21.91 ? 58  ARG A C   1 
ATOM   433  O O   . ARG A 1 58  ? 10.766  -6.580  -4.512  1.00 22.20 ? 58  ARG A O   1 
ATOM   434  C CB  . ARG A 1 58  ? 8.325   -5.787  -2.865  1.00 19.11 ? 58  ARG A CB  1 
ATOM   435  C CG  . ARG A 1 58  ? 7.706   -4.623  -3.660  1.00 20.67 ? 58  ARG A CG  1 
ATOM   436  C CD  . ARG A 1 58  ? 7.346   -3.431  -2.740  1.00 18.07 ? 58  ARG A CD  1 
ATOM   437  N NE  . ARG A 1 58  ? 6.732   -2.346  -3.469  1.00 20.37 ? 58  ARG A NE  1 
ATOM   438  C CZ  . ARG A 1 58  ? 7.384   -1.288  -3.904  1.00 22.60 ? 58  ARG A CZ  1 
ATOM   439  N NH1 . ARG A 1 58  ? 8.696   -1.151  -3.682  1.00 18.14 ? 58  ARG A NH1 1 
ATOM   440  N NH2 . ARG A 1 58  ? 6.722   -0.335  -4.526  1.00 22.47 ? 58  ARG A NH2 1 
ATOM   441  N N   . TYR A 1 59  ? 9.045   -6.554  -5.966  1.00 19.71 ? 59  TYR A N   1 
ATOM   442  C CA  . TYR A 1 59  ? 9.882   -6.148  -7.114  1.00 18.71 ? 59  TYR A CA  1 
ATOM   443  C C   . TYR A 1 59  ? 9.544   -4.720  -7.523  1.00 20.99 ? 59  TYR A C   1 
ATOM   444  O O   . TYR A 1 59  ? 8.388   -4.354  -7.527  1.00 22.19 ? 59  TYR A O   1 
ATOM   445  C CB  . TYR A 1 59  ? 9.614   -7.100  -8.286  1.00 23.62 ? 59  TYR A CB  1 
ATOM   446  C CG  . TYR A 1 59  ? 10.207  -6.620  -9.592  1.00 25.45 ? 59  TYR A CG  1 
ATOM   447  C CD1 . TYR A 1 59  ? 11.480  -7.030  -9.980  1.00 34.00 ? 59  TYR A CD1 1 
ATOM   448  C CD2 . TYR A 1 59  ? 9.506   -5.758  -10.430 1.00 24.74 ? 59  TYR A CD2 1 
ATOM   449  C CE1 . TYR A 1 59  ? 12.044  -6.599  -11.196 1.00 33.05 ? 59  TYR A CE1 1 
ATOM   450  C CE2 . TYR A 1 59  ? 10.062  -5.321  -11.633 1.00 35.05 ? 59  TYR A CE2 1 
ATOM   451  C CZ  . TYR A 1 59  ? 11.328  -5.759  -12.010 1.00 33.31 ? 59  TYR A CZ  1 
ATOM   452  O OH  . TYR A 1 59  ? 11.890  -5.314  -13.193 1.00 37.87 ? 59  TYR A OH  1 
ATOM   453  N N   . SER A 1 60  ? 10.548  -3.928  -7.911  1.00 15.89 ? 60  SER A N   1 
ATOM   454  C CA  . SER A 1 60  ? 10.281  -2.625  -8.518  1.00 20.16 ? 60  SER A CA  1 
ATOM   455  C C   . SER A 1 60  ? 11.537  -2.092  -9.183  1.00 22.84 ? 60  SER A C   1 
ATOM   456  O O   . SER A 1 60  ? 12.639  -2.625  -8.989  1.00 22.80 ? 60  SER A O   1 
ATOM   457  C CB  . SER A 1 60  ? 9.817   -1.585  -7.490  1.00 21.73 ? 60  SER A CB  1 
ATOM   458  O OG  . SER A 1 60  ? 10.838  -1.255  -6.596  1.00 19.48 ? 60  SER A OG  1 
ATOM   459  N N   . VAL A 1 61  ? 11.366  -1.008  -9.927  1.00 23.72 ? 61  VAL A N   1 
ATOM   460  C CA  . VAL A 1 61  ? 12.482  -0.378  -10.647 1.00 25.19 ? 61  VAL A CA  1 
ATOM   461  C C   . VAL A 1 61  ? 12.704  0.958   -10.032 1.00 23.26 ? 61  VAL A C   1 
ATOM   462  O O   . VAL A 1 61  ? 11.823  1.823   -10.009 1.00 22.30 ? 61  VAL A O   1 
ATOM   463  C CB  . VAL A 1 61  ? 12.184  -0.328  -12.179 1.00 22.75 ? 61  VAL A CB  1 
ATOM   464  C CG1 . VAL A 1 61  ? 13.475  0.238   -12.974 1.00 25.68 ? 61  VAL A CG1 1 
ATOM   465  C CG2 . VAL A 1 61  ? 11.850  -1.742  -12.645 1.00 20.36 ? 61  VAL A CG2 1 
ATOM   466  N N   . ILE A 1 62  ? 13.839  1.099   -9.389  1.00 16.09 ? 62  ILE A N   1 
ATOM   467  C CA  . ILE A 1 62  ? 14.158  2.277   -8.642  1.00 19.53 ? 62  ILE A CA  1 
ATOM   468  C C   . ILE A 1 62  ? 15.344  3.007   -9.233  1.00 27.16 ? 62  ILE A C   1 
ATOM   469  O O   . ILE A 1 62  ? 16.451  2.437   -9.317  1.00 25.70 ? 62  ILE A O   1 
ATOM   470  C CB  . ILE A 1 62  ? 14.455  1.948   -7.183  1.00 19.96 ? 62  ILE A CB  1 
ATOM   471  C CG1 . ILE A 1 62  ? 13.290  1.100   -6.591  1.00 21.97 ? 62  ILE A CG1 1 
ATOM   472  C CG2 . ILE A 1 62  ? 14.640  3.270   -6.384  1.00 22.40 ? 62  ILE A CG2 1 
ATOM   473  C CD1 . ILE A 1 62  ? 13.642  0.509   -5.206  1.00 23.57 ? 62  ILE A CD1 1 
ATOM   474  N N   . HIS A 1 63  ? 15.126  4.270   -9.596  1.00 25.58 ? 63  HIS A N   1 
ATOM   475  C CA  . HIS A 1 63  ? 16.133  5.068   -10.324 1.00 28.07 ? 63  HIS A CA  1 
ATOM   476  C C   . HIS A 1 63  ? 16.728  4.306   -11.511 1.00 31.51 ? 63  HIS A C   1 
ATOM   477  O O   . HIS A 1 63  ? 17.938  4.341   -11.739 1.00 30.16 ? 63  HIS A O   1 
ATOM   478  C CB  . HIS A 1 63  ? 17.224  5.600   -9.381  1.00 25.37 ? 63  HIS A CB  1 
ATOM   479  C CG  . HIS A 1 63  ? 16.674  6.319   -8.198  1.00 26.25 ? 63  HIS A CG  1 
ATOM   480  N ND1 . HIS A 1 63  ? 15.916  7.466   -8.311  1.00 35.22 ? 63  HIS A ND1 1 
ATOM   481  C CD2 . HIS A 1 63  ? 16.745  6.041   -6.875  1.00 31.57 ? 63  HIS A CD2 1 
ATOM   482  C CE1 . HIS A 1 63  ? 15.560  7.871   -7.106  1.00 34.81 ? 63  HIS A CE1 1 
ATOM   483  N NE2 . HIS A 1 63  ? 16.060  7.027   -6.220  1.00 30.83 ? 63  HIS A NE2 1 
ATOM   484  N N   . GLY A 1 64  ? 15.861  3.590   -12.235 1.00 27.74 ? 64  GLY A N   1 
ATOM   485  C CA  . GLY A 1 64  ? 16.227  2.860   -13.434 1.00 30.42 ? 64  GLY A CA  1 
ATOM   486  C C   . GLY A 1 64  ? 16.841  1.474   -13.246 1.00 32.84 ? 64  GLY A C   1 
ATOM   487  O O   . GLY A 1 64  ? 17.165  0.810   -14.227 1.00 35.08 ? 64  GLY A O   1 
ATOM   488  N N   . LYS A 1 65  ? 16.982  1.026   -12.003 1.00 26.02 ? 65  LYS A N   1 
ATOM   489  C CA  . LYS A 1 65  ? 17.543  -0.324  -11.718 1.00 29.42 ? 65  LYS A CA  1 
ATOM   490  C C   . LYS A 1 65  ? 16.516  -1.275  -10.992 1.00 30.24 ? 65  LYS A C   1 
ATOM   491  O O   . LYS A 1 65  ? 15.823  -0.839  -10.145 1.00 25.97 ? 65  LYS A O   1 
ATOM   492  C CB  . LYS A 1 65  ? 18.772  -0.165  -10.862 1.00 33.03 ? 65  LYS A CB  1 
ATOM   493  C CG  . LYS A 1 65  ? 19.275  -1.445  -10.285 1.00 46.96 ? 65  LYS A CG  1 
ATOM   494  C CD  . LYS A 1 65  ? 20.781  -1.413  -10.113 1.00 56.71 ? 65  LYS A CD  1 
ATOM   495  C CE  . LYS A 1 65  ? 21.287  -2.752  -9.549  1.00 59.43 ? 65  LYS A CE  1 
ATOM   496  N NZ  . LYS A 1 65  ? 22.517  -2.495  -8.751  1.00 57.69 ? 65  LYS A NZ  1 
ATOM   497  N N   . GLU A 1 66  ? 16.479  -2.554  -11.354 1.00 28.67 ? 66  GLU A N   1 
ATOM   498  C CA  . GLU A 1 66  ? 15.541  -3.467  -10.755 1.00 28.78 ? 66  GLU A CA  1 
ATOM   499  C C   . GLU A 1 66  ? 16.062  -3.933  -9.439  1.00 29.65 ? 66  GLU A C   1 
ATOM   500  O O   . GLU A 1 66  ? 17.273  -4.136  -9.275  1.00 27.80 ? 66  GLU A O   1 
ATOM   501  C CB  . GLU A 1 66  ? 15.286  -4.678  -11.660 1.00 31.71 ? 66  GLU A CB  1 
ATOM   502  C CG  . GLU A 1 66  ? 16.134  -4.772  -12.892 1.00 47.41 ? 66  GLU A CG  1 
ATOM   503  C CD  . GLU A 1 66  ? 15.933  -6.105  -13.576 1.00 52.80 ? 66  GLU A CD  1 
ATOM   504  O OE1 . GLU A 1 66  ? 14.756  -6.542  -13.679 1.00 38.60 ? 66  GLU A OE1 1 
ATOM   505  O OE2 . GLU A 1 66  ? 16.950  -6.726  -13.965 1.00 58.64 ? 66  GLU A OE2 1 
ATOM   506  N N   . TYR A 1 67  ? 15.156  -4.116  -8.482  1.00 24.01 ? 67  TYR A N   1 
ATOM   507  C CA  . TYR A 1 67  ? 15.548  -4.616  -7.188  1.00 21.94 ? 67  TYR A CA  1 
ATOM   508  C C   . TYR A 1 67  ? 14.434  -5.503  -6.678  1.00 23.68 ? 67  TYR A C   1 
ATOM   509  O O   . TYR A 1 67  ? 13.287  -5.320  -7.046  1.00 22.53 ? 67  TYR A O   1 
ATOM   510  C CB  . TYR A 1 67  ? 15.642  -3.482  -6.181  1.00 24.85 ? 67  TYR A CB  1 
ATOM   511  C CG  . TYR A 1 67  ? 16.750  -2.505  -6.385  1.00 31.05 ? 67  TYR A CG  1 
ATOM   512  C CD1 . TYR A 1 67  ? 16.522  -1.292  -7.035  1.00 27.58 ? 67  TYR A CD1 1 
ATOM   513  C CD2 . TYR A 1 67  ? 18.014  -2.758  -5.891  1.00 37.21 ? 67  TYR A CD2 1 
ATOM   514  C CE1 . TYR A 1 67  ? 17.531  -0.375  -7.197  1.00 31.57 ? 67  TYR A CE1 1 
ATOM   515  C CE2 . TYR A 1 67  ? 19.040  -1.844  -6.066  1.00 40.86 ? 67  TYR A CE2 1 
ATOM   516  C CZ  . TYR A 1 67  ? 18.781  -0.650  -6.699  1.00 41.16 ? 67  TYR A CZ  1 
ATOM   517  O OH  . TYR A 1 67  ? 19.792  0.263   -6.872  1.00 44.85 ? 67  TYR A OH  1 
ATOM   518  N N   . PHE A 1 68  ? 14.792  -6.459  -5.831  1.00 24.66 ? 68  PHE A N   1 
ATOM   519  C CA  . PHE A 1 68  ? 13.809  -7.194  -5.028  1.00 24.18 ? 68  PHE A CA  1 
ATOM   520  C C   . PHE A 1 68  ? 14.056  -6.735  -3.620  1.00 27.42 ? 68  PHE A C   1 
ATOM   521  O O   . PHE A 1 68  ? 15.206  -6.576  -3.229  1.00 24.84 ? 68  PHE A O   1 
ATOM   522  C CB  . PHE A 1 68  ? 14.060  -8.703  -5.040  1.00 28.93 ? 68  PHE A CB  1 
ATOM   523  C CG  . PHE A 1 68  ? 13.337  -9.420  -6.107  1.00 32.70 ? 68  PHE A CG  1 
ATOM   524  C CD1 . PHE A 1 68  ? 14.038  -10.025 -7.138  1.00 43.31 ? 68  PHE A CD1 1 
ATOM   525  C CD2 . PHE A 1 68  ? 11.951  -9.517  -6.082  1.00 35.90 ? 68  PHE A CD2 1 
ATOM   526  C CE1 . PHE A 1 68  ? 13.383  -10.706 -8.134  1.00 47.56 ? 68  PHE A CE1 1 
ATOM   527  C CE2 . PHE A 1 68  ? 11.276  -10.197 -7.093  1.00 42.53 ? 68  PHE A CE2 1 
ATOM   528  C CZ  . PHE A 1 68  ? 11.988  -10.786 -8.118  1.00 42.90 ? 68  PHE A CZ  1 
ATOM   529  N N   . SER A 1 69  ? 13.000  -6.488  -2.845  1.00 19.78 ? 69  SER A N   1 
ATOM   530  C CA  . SER A 1 69  ? 13.192  -6.183  -1.427  1.00 18.24 ? 69  SER A CA  1 
ATOM   531  C C   . SER A 1 69  ? 12.454  -7.266  -0.620  1.00 21.17 ? 69  SER A C   1 
ATOM   532  O O   . SER A 1 69  ? 11.610  -7.970  -1.147  1.00 24.23 ? 69  SER A O   1 
ATOM   533  C CB  . SER A 1 69  ? 12.631  -4.798  -1.059  1.00 20.91 ? 69  SER A CB  1 
ATOM   534  O OG  . SER A 1 69  ? 11.198  -4.770  -1.153  1.00 25.70 ? 69  SER A OG  1 
ATOM   535  N N   . GLU A 1 70  ? 12.751  -7.369  0.664   1.00 19.67 ? 70  GLU A N   1 
ATOM   536  C CA  . GLU A 1 70  ? 12.084  -8.356  1.488   1.00 22.42 ? 70  GLU A CA  1 
ATOM   537  C C   . GLU A 1 70  ? 11.636  -7.699  2.786   1.00 24.27 ? 70  GLU A C   1 
ATOM   538  O O   . GLU A 1 70  ? 12.253  -6.758  3.247   1.00 26.31 ? 70  GLU A O   1 
ATOM   539  C CB  . GLU A 1 70  ? 13.054  -9.531  1.788   1.00 28.23 ? 70  GLU A CB  1 
ATOM   540  C CG  . GLU A 1 70  ? 14.281  -9.155  2.596   1.00 48.33 ? 70  GLU A CG  1 
ATOM   541  C CD  . GLU A 1 70  ? 15.370  -10.237 2.582   1.00 57.89 ? 70  GLU A CD  1 
ATOM   542  O OE1 . GLU A 1 70  ? 15.095  -11.388 2.997   1.00 59.07 ? 70  GLU A OE1 1 
ATOM   543  O OE2 . GLU A 1 70  ? 16.504  -9.925  2.157   1.00 58.27 ? 70  GLU A OE2 1 
ATOM   544  N N   . GLY A 1 71  ? 10.548  -8.191  3.363   1.00 21.59 ? 71  GLY A N   1 
ATOM   545  C CA  . GLY A 1 71  ? 10.045  -7.618  4.609   1.00 22.46 ? 71  GLY A CA  1 
ATOM   546  C C   . GLY A 1 71  ? 9.121   -8.574  5.296   1.00 17.01 ? 71  GLY A C   1 
ATOM   547  O O   . GLY A 1 71  ? 8.783   -9.675  4.724   1.00 19.65 ? 71  GLY A O   1 
ATOM   548  N N   . THR A 1 72  ? 8.764   -8.240  6.537   1.00 20.50 ? 72  THR A N   1 
ATOM   549  C CA  . THR A 1 72  ? 7.832   -9.081  7.282   1.00 18.12 ? 72  THR A CA  1 
ATOM   550  C C   . THR A 1 72  ? 6.693   -8.139  7.685   1.00 20.68 ? 72  THR A C   1 
ATOM   551  O O   . THR A 1 72  ? 6.956   -6.985  8.048   1.00 20.14 ? 72  THR A O   1 
ATOM   552  C CB  . THR A 1 72  ? 8.511   -9.596  8.532   1.00 28.01 ? 72  THR A CB  1 
ATOM   553  O OG1 . THR A 1 72  ? 9.568   -10.503 8.161   1.00 32.96 ? 72  THR A OG1 1 
ATOM   554  C CG2 . THR A 1 72  ? 7.570   -10.494 9.283   1.00 25.86 ? 72  THR A CG2 1 
ATOM   555  N N   . ALA A 1 73  ? 5.474   -8.637  7.658   1.00 19.18 ? 73  ALA A N   1 
ATOM   556  C CA  . ALA A 1 73  ? 4.277   -7.841  8.051   1.00 18.64 ? 73  ALA A CA  1 
ATOM   557  C C   . ALA A 1 73  ? 3.573   -8.502  9.228   1.00 20.21 ? 73  ALA A C   1 
ATOM   558  O O   . ALA A 1 73  ? 3.430   -9.732  9.262   1.00 20.54 ? 73  ALA A O   1 
ATOM   559  C CB  . ALA A 1 73  ? 3.316   -7.777  6.901   1.00 20.10 ? 73  ALA A CB  1 
ATOM   560  N N   . TYR A 1 74  ? 3.126   -7.682  10.176  1.00 18.78 ? 74  TYR A N   1 
ATOM   561  C CA  . TYR A 1 74  ? 2.323   -8.136  11.312  1.00 15.97 ? 74  TYR A CA  1 
ATOM   562  C C   . TYR A 1 74  ? 1.199   -7.083  11.528  1.00 18.98 ? 74  TYR A C   1 
ATOM   563  O O   . TYR A 1 74  ? 1.372   -5.888  11.301  1.00 17.94 ? 74  TYR A O   1 
ATOM   564  C CB  . TYR A 1 74  ? 3.164   -8.100  12.602  1.00 18.29 ? 74  TYR A CB  1 
ATOM   565  C CG  . TYR A 1 74  ? 4.259   -9.110  12.725  1.00 23.88 ? 74  TYR A CG  1 
ATOM   566  C CD1 . TYR A 1 74  ? 5.577   -8.744  12.574  1.00 36.35 ? 74  TYR A CD1 1 
ATOM   567  C CD2 . TYR A 1 74  ? 3.976   -10.422 13.114  1.00 32.91 ? 74  TYR A CD2 1 
ATOM   568  C CE1 . TYR A 1 74  ? 6.603   -9.685  12.744  1.00 37.57 ? 74  TYR A CE1 1 
ATOM   569  C CE2 . TYR A 1 74  ? 4.988   -11.350 13.298  1.00 32.33 ? 74  TYR A CE2 1 
ATOM   570  C CZ  . TYR A 1 74  ? 6.284   -10.983 13.091  1.00 37.76 ? 74  TYR A CZ  1 
ATOM   571  O OH  . TYR A 1 74  ? 7.288   -11.921 13.244  1.00 50.88 ? 74  TYR A OH  1 
ATOM   572  N N   . PRO A 1 75  ? 0.079   -7.528  12.051  1.00 17.12 ? 75  PRO A N   1 
ATOM   573  C CA  . PRO A 1 75  ? -0.968  -6.588  12.441  1.00 20.34 ? 75  PRO A CA  1 
ATOM   574  C C   . PRO A 1 75  ? -0.551  -5.920  13.745  1.00 25.63 ? 75  PRO A C   1 
ATOM   575  O O   . PRO A 1 75  ? 0.127   -6.526  14.566  1.00 23.61 ? 75  PRO A O   1 
ATOM   576  C CB  . PRO A 1 75  ? -2.189  -7.531  12.766  1.00 26.34 ? 75  PRO A CB  1 
ATOM   577  C CG  . PRO A 1 75  ? -1.784  -8.939  12.376  1.00 35.63 ? 75  PRO A CG  1 
ATOM   578  C CD  . PRO A 1 75  ? -0.290  -8.946  12.295  1.00 24.39 ? 75  PRO A CD  1 
ATOM   579  N N   . VAL A 1 76  ? -0.979  -4.696  13.953  1.00 17.02 ? 76  VAL A N   1 
ATOM   580  C CA  . VAL A 1 76  ? -0.710  -4.021  15.216  1.00 16.98 ? 76  VAL A CA  1 
ATOM   581  C C   . VAL A 1 76  ? -2.082  -4.009  15.907  1.00 27.98 ? 76  VAL A C   1 
ATOM   582  O O   . VAL A 1 76  ? -3.059  -3.493  15.346  1.00 25.31 ? 76  VAL A O   1 
ATOM   583  C CB  . VAL A 1 76  ? -0.345  -2.561  15.012  1.00 22.26 ? 76  VAL A CB  1 
ATOM   584  C CG1 . VAL A 1 76  ? -0.272  -1.840  16.390  1.00 27.76 ? 76  VAL A CG1 1 
ATOM   585  C CG2 . VAL A 1 76  ? 0.973   -2.424  14.254  1.00 26.80 ? 76  VAL A CG2 1 
ATOM   586  N N   . GLY A 1 77  ? -2.157  -4.595  17.085  1.00 22.55 ? 77  GLY A N   1 
ATOM   587  C CA  . GLY A 1 77  ? -3.423  -4.675  17.806  1.00 31.27 ? 77  GLY A CA  1 
ATOM   588  C C   . GLY A 1 77  ? -4.387  -5.622  17.104  1.00 29.12 ? 77  GLY A C   1 
ATOM   589  O O   . GLY A 1 77  ? -3.983  -6.612  16.534  1.00 28.71 ? 77  GLY A O   1 
ATOM   590  N N   . ASP A 1 78  ? -5.660  -5.284  17.139  1.00 31.64 ? 78  ASP A N   1 
ATOM   591  C CA  . ASP A 1 78  ? -6.704  -6.081  16.515  1.00 34.00 ? 78  ASP A CA  1 
ATOM   592  C C   . ASP A 1 78  ? -6.556  -5.980  14.991  1.00 25.94 ? 78  ASP A C   1 
ATOM   593  O O   . ASP A 1 78  ? -6.618  -4.886  14.442  1.00 28.86 ? 78  ASP A O   1 
ATOM   594  C CB  . ASP A 1 78  ? -8.046  -5.477  16.958  1.00 38.68 ? 78  ASP A CB  1 
ATOM   595  C CG  . ASP A 1 78  ? -9.249  -6.192  16.382  1.00 46.59 ? 78  ASP A CG  1 
ATOM   596  O OD1 . ASP A 1 78  ? -9.094  -7.161  15.612  1.00 44.40 ? 78  ASP A OD1 1 
ATOM   597  O OD2 . ASP A 1 78  ? -10.412 -5.836  16.664  1.00 54.26 ? 78  ASP A OD2 1 
ATOM   598  N N   . SER A 1 79  ? -6.340  -7.118  14.332  1.00 30.24 ? 79  SER A N   1 
ATOM   599  C CA  . SER A 1 79  ? -6.141  -7.154  12.866  1.00 36.18 ? 79  SER A CA  1 
ATOM   600  C C   . SER A 1 79  ? -7.272  -6.478  12.044  1.00 37.19 ? 79  SER A C   1 
ATOM   601  O O   . SER A 1 79  ? -7.048  -5.957  10.963  1.00 35.80 ? 79  SER A O   1 
ATOM   602  C CB  . SER A 1 79  ? -5.890  -8.583  12.396  1.00 35.66 ? 79  SER A CB  1 
ATOM   603  O OG  . SER A 1 79  ? -6.978  -9.462  12.689  1.00 45.62 ? 79  SER A OG  1 
ATOM   604  N N   . LYS A 1 80  ? -8.485  -6.463  12.585  1.00 33.61 ? 80  LYS A N   1 
ATOM   605  C CA  . LYS A 1 80  ? -9.647  -5.859  11.895  1.00 34.54 ? 80  LYS A CA  1 
ATOM   606  C C   . LYS A 1 80  ? -9.436  -4.342  11.665  1.00 30.89 ? 80  LYS A C   1 
ATOM   607  O O   . LYS A 1 80  ? -10.054 -3.723  10.773  1.00 32.85 ? 80  LYS A O   1 
ATOM   608  C CB  . LYS A 1 80  ? -10.872 -6.085  12.821  1.00 45.23 ? 80  LYS A CB  1 
ATOM   609  C CG  . LYS A 1 80  ? -12.218 -6.343  12.204  1.00 61.51 ? 80  LYS A CG  1 
ATOM   610  C CD  . LYS A 1 80  ? -13.284 -6.453  13.349  1.00 67.44 ? 80  LYS A CD  1 
ATOM   611  C CE  . LYS A 1 80  ? -14.667 -5.885  12.953  1.00 69.72 ? 80  LYS A CE  1 
ATOM   612  N NZ  . LYS A 1 80  ? -15.255 -4.971  14.008  1.00 67.80 ? 80  LYS A NZ  1 
ATOM   613  N N   . ILE A 1 81  ? -8.573  -3.714  12.469  1.00 29.56 ? 81  ILE A N   1 
ATOM   614  C CA  . ILE A 1 81  ? -8.410  -2.254  12.348  1.00 29.16 ? 81  ILE A CA  1 
ATOM   615  C C   . ILE A 1 81  ? -7.496  -1.771  11.175  1.00 26.07 ? 81  ILE A C   1 
ATOM   616  O O   . ILE A 1 81  ? -7.429  -0.593  10.870  1.00 35.59 ? 81  ILE A O   1 
ATOM   617  C CB  . ILE A 1 81  ? -8.010  -1.577  13.700  1.00 35.59 ? 81  ILE A CB  1 
ATOM   618  C CG1 . ILE A 1 81  ? -8.271  -0.079  13.633  1.00 48.22 ? 81  ILE A CG1 1 
ATOM   619  C CG2 . ILE A 1 81  ? -6.527  -1.694  13.966  1.00 42.29 ? 81  ILE A CG2 1 
ATOM   620  C CD1 . ILE A 1 81  ? -7.334  0.736   14.545  1.00 56.26 ? 81  ILE A CD1 1 
ATOM   621  N N   . GLY A 1 82  ? -6.837  -2.667  10.518  1.00 30.07 ? 82  GLY A N   1 
ATOM   622  C CA  . GLY A 1 82  ? -6.032  -2.259  9.364   1.00 24.07 ? 82  GLY A CA  1 
ATOM   623  C C   . GLY A 1 82  ? -4.865  -1.314  9.691   1.00 23.96 ? 82  GLY A C   1 
ATOM   624  O O   . GLY A 1 82  ? -4.564  -0.378  8.915   1.00 25.18 ? 82  GLY A O   1 
ATOM   625  N N   . LYS A 1 83  ? -4.252  -1.512  10.868  1.00 17.56 ? 83  LYS A N   1 
ATOM   626  C CA  . LYS A 1 83  ? -3.011  -0.785  11.211  1.00 20.31 ? 83  LYS A CA  1 
ATOM   627  C C   . LYS A 1 83  ? -1.938  -1.888  11.107  1.00 18.77 ? 83  LYS A C   1 
ATOM   628  O O   . LYS A 1 83  ? -2.032  -2.924  11.773  1.00 16.16 ? 83  LYS A O   1 
ATOM   629  C CB  . LYS A 1 83  ? -3.104  -0.245  12.641  1.00 28.25 ? 83  LYS A CB  1 
ATOM   630  C CG  . LYS A 1 83  ? -1.919  0.584   13.064  1.00 21.42 ? 83  LYS A CG  1 
ATOM   631  C CD  . LYS A 1 83  ? -2.175  1.273   14.454  1.00 27.63 ? 83  LYS A CD  1 
ATOM   632  C CE  . LYS A 1 83  ? -3.287  2.331   14.370  1.00 25.19 ? 83  LYS A CE  1 
ATOM   633  N NZ  . LYS A 1 83  ? -2.971  3.599   13.549  1.00 20.89 ? 83  LYS A NZ  1 
ATOM   634  N N   . ILE A 1 84  ? -0.984  -1.707  10.193  1.00 16.07 ? 84  ILE A N   1 
ATOM   635  C CA  . ILE A 1 84  ? -0.091  -2.821  9.823   1.00 12.37 ? 84  ILE A CA  1 
ATOM   636  C C   . ILE A 1 84  ? 1.378   -2.442  9.905   1.00 18.97 ? 84  ILE A C   1 
ATOM   637  O O   . ILE A 1 84  ? 1.788   -1.398  9.410   1.00 18.10 ? 84  ILE A O   1 
ATOM   638  C CB  . ILE A 1 84  ? -0.421  -3.168  8.339   1.00 18.79 ? 84  ILE A CB  1 
ATOM   639  C CG1 . ILE A 1 84  ? -1.890  -3.690  8.229   1.00 20.00 ? 84  ILE A CG1 1 
ATOM   640  C CG2 . ILE A 1 84  ? 0.487   -4.275  7.836   1.00 21.32 ? 84  ILE A CG2 1 
ATOM   641  C CD1 . ILE A 1 84  ? -2.265  -4.081  6.822   1.00 27.19 ? 84  ILE A CD1 1 
ATOM   642  N N   . TYR A 1 85  ? 2.173   -3.321  10.506  1.00 16.10 ? 85  TYR A N   1 
ATOM   643  C CA  . TYR A 1 85  ? 3.609   -3.051  10.591  1.00 17.50 ? 85  TYR A CA  1 
ATOM   644  C C   . TYR A 1 85  ? 4.274   -3.785  9.428   1.00 14.34 ? 85  TYR A C   1 
ATOM   645  O O   . TYR A 1 85  ? 3.918   -4.938  9.163   1.00 16.83 ? 85  TYR A O   1 
ATOM   646  C CB  . TYR A 1 85  ? 4.123   -3.618  11.942  1.00 19.63 ? 85  TYR A CB  1 
ATOM   647  C CG  . TYR A 1 85  ? 5.589   -3.846  11.968  1.00 21.48 ? 85  TYR A CG  1 
ATOM   648  C CD1 . TYR A 1 85  ? 6.138   -5.010  11.427  1.00 21.88 ? 85  TYR A CD1 1 
ATOM   649  C CD2 . TYR A 1 85  ? 6.465   -2.871  12.474  1.00 17.89 ? 85  TYR A CD2 1 
ATOM   650  C CE1 . TYR A 1 85  ? 7.541   -5.224  11.427  1.00 17.10 ? 85  TYR A CE1 1 
ATOM   651  C CE2 . TYR A 1 85  ? 7.890   -3.097  12.483  1.00 16.98 ? 85  TYR A CE2 1 
ATOM   652  C CZ  . TYR A 1 85  ? 8.385   -4.258  11.955  1.00 19.09 ? 85  TYR A CZ  1 
ATOM   653  O OH  . TYR A 1 85  ? 9.760   -4.482  11.937  1.00 20.10 ? 85  TYR A OH  1 
ATOM   654  N N   . HIS A 1 86  ? 5.225   -3.130  8.729   1.00 17.47 ? 86  HIS A N   1 
ATOM   655  C CA  . HIS A 1 86  ? 6.072   -3.822  7.779   1.00 20.91 ? 86  HIS A CA  1 
ATOM   656  C C   . HIS A 1 86  ? 7.494   -3.485  8.062   1.00 16.06 ? 86  HIS A C   1 
ATOM   657  O O   . HIS A 1 86  ? 7.804   -2.317  8.361   1.00 18.32 ? 86  HIS A O   1 
ATOM   658  C CB  . HIS A 1 86  ? 5.853   -3.322  6.342   1.00 19.16 ? 86  HIS A CB  1 
ATOM   659  C CG  . HIS A 1 86  ? 4.761   -4.015  5.600   1.00 18.64 ? 86  HIS A CG  1 
ATOM   660  N ND1 . HIS A 1 86  ? 4.655   -3.955  4.224   1.00 18.29 ? 86  HIS A ND1 1 
ATOM   661  C CD2 . HIS A 1 86  ? 3.672   -4.693  6.031   1.00 21.37 ? 86  HIS A CD2 1 
ATOM   662  C CE1 . HIS A 1 86  ? 3.571   -4.597  3.842   1.00 22.77 ? 86  HIS A CE1 1 
ATOM   663  N NE2 . HIS A 1 86  ? 2.934   -5.019  4.915   1.00 18.71 ? 86  HIS A NE2 1 
ATOM   664  N N   . SER A 1 87  ? 8.384   -4.461  7.919   1.00 16.21 ? 87  SER A N   1 
ATOM   665  C CA  . SER A 1 87  ? 9.797   -4.095  7.842   1.00 15.82 ? 87  SER A CA  1 
ATOM   666  C C   . SER A 1 87  ? 10.052  -4.034  6.332   1.00 21.90 ? 87  SER A C   1 
ATOM   667  O O   . SER A 1 87  ? 9.289   -4.590  5.551   1.00 18.01 ? 87  SER A O   1 
ATOM   668  C CB  . SER A 1 87  ? 10.713  -5.139  8.484   1.00 21.15 ? 87  SER A CB  1 
ATOM   669  O OG  . SER A 1 87  ? 10.542  -6.415  7.867   1.00 20.76 ? 87  SER A OG  1 
ATOM   670  N N   . TYR A 1 88  ? 11.161  -3.439  5.921   1.00 18.90 ? 88  TYR A N   1 
ATOM   671  C CA  . TYR A 1 88  ? 11.414  -3.191  4.473   1.00 20.93 ? 88  TYR A CA  1 
ATOM   672  C C   . TYR A 1 88  ? 12.946  -3.164  4.302   1.00 21.19 ? 88  TYR A C   1 
ATOM   673  O O   . TYR A 1 88  ? 13.589  -2.208  4.742   1.00 20.49 ? 88  TYR A O   1 
ATOM   674  C CB  . TYR A 1 88  ? 10.839  -1.820  4.108   1.00 19.67 ? 88  TYR A CB  1 
ATOM   675  C CG  . TYR A 1 88  ? 11.079  -1.383  2.684   1.00 23.33 ? 88  TYR A CG  1 
ATOM   676  C CD1 . TYR A 1 88  ? 10.417  -2.006  1.633   1.00 25.41 ? 88  TYR A CD1 1 
ATOM   677  C CD2 . TYR A 1 88  ? 11.961  -0.361  2.398   1.00 23.02 ? 88  TYR A CD2 1 
ATOM   678  C CE1 . TYR A 1 88  ? 10.638  -1.630  0.305   1.00 22.43 ? 88  TYR A CE1 1 
ATOM   679  C CE2 . TYR A 1 88  ? 12.211  0.028   1.062   1.00 25.53 ? 88  TYR A CE2 1 
ATOM   680  C CZ  . TYR A 1 88  ? 11.538  -0.627  0.035   1.00 25.37 ? 88  TYR A CZ  1 
ATOM   681  O OH  . TYR A 1 88  ? 11.743  -0.285  -1.255  1.00 25.82 ? 88  TYR A OH  1 
ATOM   682  N N   . THR A 1 89  ? 13.494  -4.232  3.727   1.00 22.25 ? 89  THR A N   1 
ATOM   683  C CA  . THR A 1 89  ? 14.941  -4.395  3.593   1.00 22.10 ? 89  THR A CA  1 
ATOM   684  C C   . THR A 1 89  ? 15.344  -4.413  2.107   1.00 21.57 ? 89  THR A C   1 
ATOM   685  O O   . THR A 1 89  ? 14.870  -5.227  1.356   1.00 20.92 ? 89  THR A O   1 
ATOM   686  C CB  . THR A 1 89  ? 15.317  -5.723  4.230   1.00 29.12 ? 89  THR A CB  1 
ATOM   687  O OG1 . THR A 1 89  ? 15.082  -5.661  5.645   1.00 28.39 ? 89  THR A OG1 1 
ATOM   688  C CG2 . THR A 1 89  ? 16.858  -5.987  4.102   1.00 31.15 ? 89  THR A CG2 1 
ATOM   689  N N   . ILE A 1 90  ? 16.207  -3.488  1.705   1.00 22.94 ? 90  ILE A N   1 
ATOM   690  C CA  . ILE A 1 90  ? 16.634  -3.402  0.332   1.00 24.27 ? 90  ILE A CA  1 
ATOM   691  C C   . ILE A 1 90  ? 18.064  -2.868  0.319   1.00 33.92 ? 90  ILE A C   1 
ATOM   692  O O   . ILE A 1 90  ? 18.416  -1.990  1.113   1.00 29.12 ? 90  ILE A O   1 
ATOM   693  C CB  . ILE A 1 90  ? 15.709  -2.491  -0.477  1.00 21.89 ? 90  ILE A CB  1 
ATOM   694  C CG1 . ILE A 1 90  ? 16.061  -2.530  -1.967  1.00 31.54 ? 90  ILE A CG1 1 
ATOM   695  C CG2 . ILE A 1 90  ? 15.710  -1.064  0.066   1.00 27.41 ? 90  ILE A CG2 1 
ATOM   696  C CD1 . ILE A 1 90  ? 14.928  -2.030  -2.852  1.00 23.51 ? 90  ILE A CD1 1 
ATOM   697  N N   . GLY A 1 91  ? 18.900  -3.442  -0.537  1.00 34.43 ? 91  GLY A N   1 
ATOM   698  C CA  . GLY A 1 91  ? 20.304  -3.050  -0.596  1.00 37.06 ? 91  GLY A CA  1 
ATOM   699  C C   . GLY A 1 91  ? 20.987  -3.079  0.755   1.00 35.51 ? 91  GLY A C   1 
ATOM   700  O O   . GLY A 1 91  ? 21.752  -2.172  1.080   1.00 40.63 ? 91  GLY A O   1 
ATOM   701  N N   . GLY A 1 92  ? 20.677  -4.101  1.559   1.00 33.67 ? 92  GLY A N   1 
ATOM   702  C CA  . GLY A 1 92  ? 21.317  -4.269  2.860   1.00 40.18 ? 92  GLY A CA  1 
ATOM   703  C C   . GLY A 1 92  ? 20.976  -3.274  3.966   1.00 46.21 ? 92  GLY A C   1 
ATOM   704  O O   . GLY A 1 92  ? 21.661  -3.247  4.998   1.00 40.48 ? 92  GLY A O   1 
ATOM   705  N N   . VAL A 1 93  ? 19.937  -2.452  3.756   1.00 33.60 ? 93  VAL A N   1 
ATOM   706  C CA  . VAL A 1 93  ? 19.498  -1.483  4.754   1.00 32.95 ? 93  VAL A CA  1 
ATOM   707  C C   . VAL A 1 93  ? 18.057  -1.885  5.128   1.00 30.38 ? 93  VAL A C   1 
ATOM   708  O O   . VAL A 1 93  ? 17.234  -2.129  4.251   1.00 23.97 ? 93  VAL A O   1 
ATOM   709  C CB  . VAL A 1 93  ? 19.474  -0.051  4.158   1.00 40.17 ? 93  VAL A CB  1 
ATOM   710  C CG1 . VAL A 1 93  ? 18.930  0.975   5.164   1.00 38.63 ? 93  VAL A CG1 1 
ATOM   711  C CG2 . VAL A 1 93  ? 20.857  0.372   3.618   1.00 51.30 ? 93  VAL A CG2 1 
ATOM   712  N N   . THR A 1 94  ? 17.771  -1.998  6.413   1.00 26.62 ? 94  THR A N   1 
ATOM   713  C CA  . THR A 1 94  ? 16.411  -2.291  6.848   1.00 28.19 ? 94  THR A CA  1 
ATOM   714  C C   . THR A 1 94  ? 15.730  -1.043  7.422   1.00 34.05 ? 94  THR A C   1 
ATOM   715  O O   . THR A 1 94  ? 16.323  -0.260  8.160   1.00 27.13 ? 94  THR A O   1 
ATOM   716  C CB  . THR A 1 94  ? 16.417  -3.402  7.885   1.00 32.17 ? 94  THR A CB  1 
ATOM   717  O OG1 . THR A 1 94  ? 16.772  -4.638  7.254   1.00 32.97 ? 94  THR A OG1 1 
ATOM   718  C CG2 . THR A 1 94  ? 14.995  -3.675  8.401   1.00 25.68 ? 94  THR A CG2 1 
ATOM   719  N N   . GLN A 1 95  ? 14.481  -0.853  7.061   1.00 22.31 ? 95  GLN A N   1 
ATOM   720  C CA  . GLN A 1 95  ? 13.681  0.190   7.671   1.00 19.88 ? 95  GLN A CA  1 
ATOM   721  C C   . GLN A 1 95  ? 12.409  -0.477  8.183   1.00 21.00 ? 95  GLN A C   1 
ATOM   722  O O   . GLN A 1 95  ? 12.095  -1.597  7.779   1.00 22.17 ? 95  GLN A O   1 
ATOM   723  C CB  . GLN A 1 95  ? 13.304  1.250   6.626   1.00 21.01 ? 95  GLN A CB  1 
ATOM   724  C CG  . GLN A 1 95  ? 14.484  2.136   6.138   1.00 27.10 ? 95  GLN A CG  1 
ATOM   725  C CD  . GLN A 1 95  ? 14.096  2.926   4.898   1.00 39.15 ? 95  GLN A CD  1 
ATOM   726  O OE1 . GLN A 1 95  ? 13.388  3.901   5.004   1.00 39.64 ? 95  GLN A OE1 1 
ATOM   727  N NE2 . GLN A 1 95  ? 14.539  2.481   3.723   1.00 44.59 ? 95  GLN A NE2 1 
ATOM   728  N N   . GLU A 1 96  ? 11.673  0.185   9.063   1.00 17.86 ? 96  GLU A N   1 
ATOM   729  C CA  . GLU A 1 96  ? 10.401  -0.419  9.499   1.00 16.10 ? 96  GLU A CA  1 
ATOM   730  C C   . GLU A 1 96  ? 9.414   0.686   9.793   1.00 18.69 ? 96  GLU A C   1 
ATOM   731  O O   . GLU A 1 96  ? 9.806   1.817   10.039  1.00 20.58 ? 96  GLU A O   1 
ATOM   732  C CB  . GLU A 1 96  ? 10.593  -1.330  10.713  1.00 19.06 ? 96  GLU A CB  1 
ATOM   733  C CG  . GLU A 1 96  ? 11.176  -0.609  11.945  1.00 20.37 ? 96  GLU A CG  1 
ATOM   734  C CD  . GLU A 1 96  ? 11.504  -1.531  13.105  1.00 21.44 ? 96  GLU A CD  1 
ATOM   735  O OE1 . GLU A 1 96  ? 11.980  -0.999  14.159  1.00 22.44 ? 96  GLU A OE1 1 
ATOM   736  O OE2 . GLU A 1 96  ? 11.302  -2.777  12.995  1.00 20.09 ? 96  GLU A OE2 1 
ATOM   737  N N   . GLY A 1 97  ? 8.126   0.367   9.788   1.00 16.76 ? 97  GLY A N   1 
ATOM   738  C CA  . GLY A 1 97  ? 7.160   1.398   10.100  1.00 19.54 ? 97  GLY A CA  1 
ATOM   739  C C   . GLY A 1 97  ? 5.761   0.854   10.145  1.00 20.34 ? 97  GLY A C   1 
ATOM   740  O O   . GLY A 1 97  ? 5.532   -0.303  9.796   1.00 21.07 ? 97  GLY A O   1 
ATOM   741  N N   . VAL A 1 98  ? 4.821   1.718   10.530  1.00 16.22 ? 98  VAL A N   1 
ATOM   742  C CA  . VAL A 1 98  ? 3.421   1.323   10.604  1.00 15.38 ? 98  VAL A CA  1 
ATOM   743  C C   . VAL A 1 98  ? 2.623   2.173   9.639   1.00 18.76 ? 98  VAL A C   1 
ATOM   744  O O   . VAL A 1 98  ? 2.825   3.361   9.576   1.00 18.14 ? 98  VAL A O   1 
ATOM   745  C CB  . VAL A 1 98  ? 2.842   1.483   12.039  1.00 20.85 ? 98  VAL A CB  1 
ATOM   746  C CG1 . VAL A 1 98  ? 1.361   1.079   12.074  1.00 21.12 ? 98  VAL A CG1 1 
ATOM   747  C CG2 . VAL A 1 98  ? 3.604   0.606   13.031  1.00 26.80 ? 98  VAL A CG2 1 
ATOM   748  N N   . PHE A 1 99  ? 1.755   1.546   8.860   1.00 17.96 ? 99  PHE A N   1 
ATOM   749  C CA  . PHE A 1 99  ? 0.905   2.329   7.938   1.00 15.00 ? 99  PHE A CA  1 
ATOM   750  C C   . PHE A 1 99  ? -0.553  1.940   8.200   1.00 18.13 ? 99  PHE A C   1 
ATOM   751  O O   . PHE A 1 99  ? -0.836  0.973   8.920   1.00 16.53 ? 99  PHE A O   1 
ATOM   752  C CB  . PHE A 1 99  ? 1.298   2.128   6.483   1.00 14.71 ? 99  PHE A CB  1 
ATOM   753  C CG  . PHE A 1 99  ? 0.987   0.764   5.939   1.00 15.41 ? 99  PHE A CG  1 
ATOM   754  C CD1 . PHE A 1 99  ? -0.174  0.518   5.245   1.00 16.79 ? 99  PHE A CD1 1 
ATOM   755  C CD2 . PHE A 1 99  ? 1.936   -0.221  5.998   1.00 18.19 ? 99  PHE A CD2 1 
ATOM   756  C CE1 . PHE A 1 99  ? -0.490  -0.766  4.718   1.00 23.12 ? 99  PHE A CE1 1 
ATOM   757  C CE2 . PHE A 1 99  ? 1.666   -1.510  5.487   1.00 17.94 ? 99  PHE A CE2 1 
ATOM   758  C CZ  . PHE A 1 99  ? 0.436   -1.791  4.850   1.00 20.43 ? 99  PHE A CZ  1 
ATOM   759  N N   . ASN A 1 100 ? -1.460  2.666   7.581   1.00 17.28 ? 100 ASN A N   1 
ATOM   760  C CA  . ASN A 1 100 ? -2.872  2.436   7.829   1.00 16.48 ? 100 ASN A CA  1 
ATOM   761  C C   . ASN A 1 100 ? -3.560  2.170   6.539   1.00 15.46 ? 100 ASN A C   1 
ATOM   762  O O   . ASN A 1 100 ? -3.260  2.827   5.517   1.00 18.92 ? 100 ASN A O   1 
ATOM   763  C CB  . ASN A 1 100 ? -3.458  3.645   8.509   1.00 23.30 ? 100 ASN A CB  1 
ATOM   764  C CG  . ASN A 1 100 ? -2.939  3.783   9.941   1.00 27.85 ? 100 ASN A CG  1 
ATOM   765  O OD1 . ASN A 1 100 ? -3.265  2.978   10.802  1.00 25.44 ? 100 ASN A OD1 1 
ATOM   766  N ND2 . ASN A 1 100 ? -2.020  4.682   10.136  1.00 23.72 ? 100 ASN A ND2 1 
ATOM   767  N N   . VAL A 1 101 ? -4.503  1.241   6.594   1.00 18.31 ? 101 VAL A N   1 
ATOM   768  C CA  . VAL A 1 101 ? -5.326  0.910   5.444   1.00 16.13 ? 101 VAL A CA  1 
ATOM   769  C C   . VAL A 1 101 ? -6.546  1.886   5.451   1.00 19.06 ? 101 VAL A C   1 
ATOM   770  O O   . VAL A 1 101 ? -7.332  1.912   6.398   1.00 21.54 ? 101 VAL A O   1 
ATOM   771  C CB  . VAL A 1 101 ? -5.829  -0.541  5.515   1.00 17.15 ? 101 VAL A CB  1 
ATOM   772  C CG1 . VAL A 1 101 ? -6.962  -0.816  4.380   1.00 20.55 ? 101 VAL A CG1 1 
ATOM   773  C CG2 . VAL A 1 101 ? -4.657  -1.510  5.351   1.00 19.26 ? 101 VAL A CG2 1 
ATOM   774  N N   . LEU A 1 102 ? -6.712  2.645   4.393   1.00 18.04 ? 102 LEU A N   1 
ATOM   775  C CA  . LEU A 1 102 ? -7.799  3.651   4.358   1.00 20.94 ? 102 LEU A CA  1 
ATOM   776  C C   . LEU A 1 102 ? -9.086  3.054   3.826   1.00 22.93 ? 102 LEU A C   1 
ATOM   777  O O   . LEU A 1 102 ? -10.193 3.485   4.206   1.00 21.39 ? 102 LEU A O   1 
ATOM   778  C CB  . LEU A 1 102 ? -7.413  4.794   3.414   1.00 21.28 ? 102 LEU A CB  1 
ATOM   779  C CG  . LEU A 1 102 ? -6.204  5.649   3.798   1.00 25.62 ? 102 LEU A CG  1 
ATOM   780  C CD1 . LEU A 1 102 ? -5.926  6.753   2.734   1.00 26.68 ? 102 LEU A CD1 1 
ATOM   781  C CD2 . LEU A 1 102 ? -6.409  6.217   5.104   1.00 26.47 ? 102 LEU A CD2 1 
ATOM   782  N N   . SER A 1 103 ? -8.935  2.073   2.941   1.00 20.42 ? 103 SER A N   1 
ATOM   783  C CA  . SER A 1 103 ? -10.083 1.465   2.254   1.00 28.27 ? 103 SER A CA  1 
ATOM   784  C C   . SER A 1 103 ? -9.741  0.107   1.718   1.00 24.90 ? 103 SER A C   1 
ATOM   785  O O   . SER A 1 103 ? -8.618  -0.121  1.268   1.00 20.13 ? 103 SER A O   1 
ATOM   786  C CB  . SER A 1 103 ? -10.504 2.360   1.073   1.00 25.48 ? 103 SER A CB  1 
ATOM   787  O OG  . SER A 1 103 ? -11.770 2.006   0.553   1.00 27.96 ? 103 SER A OG  1 
ATOM   788  N N   . THR A 1 104 ? -10.706 -0.817  1.761   1.00 18.20 ? 104 THR A N   1 
ATOM   789  C CA  . THR A 1 104 ? -10.514 -2.118  1.077   1.00 19.01 ? 104 THR A CA  1 
ATOM   790  C C   . THR A 1 104 ? -11.885 -2.729  0.921   1.00 26.34 ? 104 THR A C   1 
ATOM   791  O O   . THR A 1 104 ? -12.778 -2.386  1.665   1.00 25.45 ? 104 THR A O   1 
ATOM   792  C CB  . THR A 1 104 ? -9.636  -3.057  1.931   1.00 16.46 ? 104 THR A CB  1 
ATOM   793  O OG1 . THR A 1 104 ? -9.467  -4.301  1.269   1.00 19.08 ? 104 THR A OG1 1 
ATOM   794  C CG2 . THR A 1 104 ? -10.264 -3.406  3.323   1.00 24.00 ? 104 THR A CG2 1 
ATOM   795  N N   . ASP A 1 105 ? -12.044 -3.611  -0.046  1.00 25.17 ? 105 ASP A N   1 
ATOM   796  C CA  . ASP A 1 105 ? -13.273 -4.380  -0.122  1.00 24.07 ? 105 ASP A CA  1 
ATOM   797  C C   . ASP A 1 105 ? -13.016 -5.819  0.375   1.00 30.26 ? 105 ASP A C   1 
ATOM   798  O O   . ASP A 1 105 ? -13.879 -6.682  0.265   1.00 26.28 ? 105 ASP A O   1 
ATOM   799  C CB  . ASP A 1 105 ? -13.863 -4.338  -1.546  1.00 29.15 ? 105 ASP A CB  1 
ATOM   800  C CG  . ASP A 1 105 ? -12.911 -4.842  -2.608  1.00 33.72 ? 105 ASP A CG  1 
ATOM   801  O OD1 . ASP A 1 105 ? -11.778 -5.297  -2.289  1.00 29.74 ? 105 ASP A OD1 1 
ATOM   802  O OD2 . ASP A 1 105 ? -13.223 -4.827  -3.822  1.00 30.67 ? 105 ASP A OD2 1 
ATOM   803  N N   . ASN A 1 106 ? -11.803 -6.060  0.900   1.00 22.54 ? 106 ASN A N   1 
ATOM   804  C CA  . ASN A 1 106 ? -11.406 -7.389  1.369   1.00 18.56 ? 106 ASN A CA  1 
ATOM   805  C C   . ASN A 1 106 ? -11.451 -8.446  0.268   1.00 25.25 ? 106 ASN A C   1 
ATOM   806  O O   . ASN A 1 106 ? -11.677 -9.638  0.531   1.00 25.75 ? 106 ASN A O   1 
ATOM   807  C CB  . ASN A 1 106 ? -12.315 -7.834  2.540   1.00 23.85 ? 106 ASN A CB  1 
ATOM   808  C CG  . ASN A 1 106 ? -11.978 -7.145  3.818   1.00 26.96 ? 106 ASN A CG  1 
ATOM   809  O OD1 . ASN A 1 106 ? -10.825 -6.893  4.092   1.00 24.63 ? 106 ASN A OD1 1 
ATOM   810  N ND2 . ASN A 1 106 ? -12.993 -6.808  4.604   1.00 27.50 ? 106 ASN A ND2 1 
ATOM   811  N N   . LYS A 1 107 ? -11.202 -8.023  -0.963  1.00 25.18 ? 107 LYS A N   1 
ATOM   812  C CA  . LYS A 1 107 ? -11.266 -8.941  -2.091  1.00 28.22 ? 107 LYS A CA  1 
ATOM   813  C C   . LYS A 1 107 ? -10.374 -8.542  -3.275  1.00 26.56 ? 107 LYS A C   1 
ATOM   814  O O   . LYS A 1 107 ? -9.596  -9.346  -3.751  1.00 30.83 ? 107 LYS A O   1 
ATOM   815  C CB  . LYS A 1 107 ? -12.712 -9.136  -2.584  1.00 32.82 ? 107 LYS A CB  1 
ATOM   816  C CG  . LYS A 1 107 ? -13.619 -7.975  -2.397  1.00 47.44 ? 107 LYS A CG  1 
ATOM   817  C CD  . LYS A 1 107 ? -15.045 -8.209  -2.950  1.00 60.69 ? 107 LYS A CD  1 
ATOM   818  C CE  . LYS A 1 107 ? -16.074 -7.334  -2.200  1.00 65.43 ? 107 LYS A CE  1 
ATOM   819  N NZ  . LYS A 1 107 ? -17.346 -7.109  -2.962  1.00 69.89 ? 107 LYS A NZ  1 
ATOM   820  N N   . ASN A 1 108 ? -10.542 -7.321  -3.766  1.00 21.82 ? 108 ASN A N   1 
ATOM   821  C CA  . ASN A 1 108 ? -9.846  -6.889  -4.977  1.00 22.98 ? 108 ASN A CA  1 
ATOM   822  C C   . ASN A 1 108 ? -8.745  -5.820  -4.761  1.00 22.90 ? 108 ASN A C   1 
ATOM   823  O O   . ASN A 1 108 ? -7.866  -5.695  -5.582  1.00 26.46 ? 108 ASN A O   1 
ATOM   824  C CB  . ASN A 1 108 ? -10.849 -6.265  -5.900  1.00 27.97 ? 108 ASN A CB  1 
ATOM   825  C CG  . ASN A 1 108 ? -11.909 -7.240  -6.342  1.00 41.06 ? 108 ASN A CG  1 
ATOM   826  O OD1 . ASN A 1 108 ? -11.601 -8.311  -6.891  1.00 38.77 ? 108 ASN A OD1 1 
ATOM   827  N ND2 . ASN A 1 108 ? -13.173 -6.879  -6.114  1.00 33.23 ? 108 ASN A ND2 1 
ATOM   828  N N   . TYR A 1 109 ? -8.855  -5.028  -3.698  1.00 19.93 ? 109 TYR A N   1 
ATOM   829  C CA  . TYR A 1 109 ? -7.967  -3.838  -3.568  1.00 21.50 ? 109 TYR A CA  1 
ATOM   830  C C   . TYR A 1 109 ? -7.726  -3.403  -2.149  1.00 26.81 ? 109 TYR A C   1 
ATOM   831  O O   . TYR A 1 109 ? -8.531  -3.713  -1.254  1.00 22.35 ? 109 TYR A O   1 
ATOM   832  C CB  . TYR A 1 109 ? -8.531  -2.623  -4.355  1.00 22.57 ? 109 TYR A CB  1 
ATOM   833  C CG  . TYR A 1 109 ? -9.587  -1.851  -3.596  1.00 22.68 ? 109 TYR A CG  1 
ATOM   834  C CD1 . TYR A 1 109 ? -9.246  -0.781  -2.774  1.00 25.15 ? 109 TYR A CD1 1 
ATOM   835  C CD2 . TYR A 1 109 ? -10.938 -2.211  -3.681  1.00 22.96 ? 109 TYR A CD2 1 
ATOM   836  C CE1 . TYR A 1 109 ? -10.189 -0.110  -2.055  1.00 21.95 ? 109 TYR A CE1 1 
ATOM   837  C CE2 . TYR A 1 109 ? -11.890 -1.528  -2.983  1.00 24.48 ? 109 TYR A CE2 1 
ATOM   838  C CZ  . TYR A 1 109 ? -11.536 -0.489  -2.176  1.00 26.41 ? 109 TYR A CZ  1 
ATOM   839  O OH  . TYR A 1 109 ? -12.536 0.144   -1.469  1.00 29.72 ? 109 TYR A OH  1 
ATOM   840  N N   . ILE A 1 110 ? -6.617  -2.670  -1.951  1.00 18.09 ? 110 ILE A N   1 
ATOM   841  C CA  . ILE A 1 110 ? -6.287  -2.090  -0.609  1.00 18.74 ? 110 ILE A CA  1 
ATOM   842  C C   . ILE A 1 110 ? -5.682  -0.725  -0.880  1.00 17.04 ? 110 ILE A C   1 
ATOM   843  O O   . ILE A 1 110 ? -4.839  -0.571  -1.796  1.00 20.53 ? 110 ILE A O   1 
ATOM   844  C CB  . ILE A 1 110 ? -5.198  -2.984  0.107   1.00 25.66 ? 110 ILE A CB  1 
ATOM   845  C CG1 . ILE A 1 110 ? -5.702  -4.390  0.359   1.00 25.29 ? 110 ILE A CG1 1 
ATOM   846  C CG2 . ILE A 1 110 ? -4.731  -2.323  1.421   1.00 27.72 ? 110 ILE A CG2 1 
ATOM   847  C CD1 . ILE A 1 110 ? -4.588  -5.364  0.888   1.00 25.51 ? 110 ILE A CD1 1 
ATOM   848  N N   . ILE A 1 111 ? -6.049  0.278   -0.104  1.00 16.49 ? 111 ILE A N   1 
ATOM   849  C CA  . ILE A 1 111 ? -5.395  1.568   -0.294  1.00 15.25 ? 111 ILE A CA  1 
ATOM   850  C C   . ILE A 1 111 ? -4.597  1.790   0.982   1.00 21.59 ? 111 ILE A C   1 
ATOM   851  O O   . ILE A 1 111 ? -5.196  1.787   2.074   1.00 17.62 ? 111 ILE A O   1 
ATOM   852  C CB  . ILE A 1 111 ? -6.426  2.694   -0.420  1.00 18.45 ? 111 ILE A CB  1 
ATOM   853  C CG1 . ILE A 1 111 ? -7.269  2.476   -1.706  1.00 19.00 ? 111 ILE A CG1 1 
ATOM   854  C CG2 . ILE A 1 111 ? -5.655  4.053   -0.470  1.00 18.85 ? 111 ILE A CG2 1 
ATOM   855  C CD1 . ILE A 1 111 ? -8.244  3.618   -1.973  1.00 24.71 ? 111 ILE A CD1 1 
ATOM   856  N N   . GLY A 1 112 ? -3.278  1.965   0.857   1.00 18.80 ? 112 GLY A N   1 
ATOM   857  C CA  . GLY A 1 112 ? -2.450  2.206   2.041   1.00 15.48 ? 112 GLY A CA  1 
ATOM   858  C C   . GLY A 1 112 ? -2.044  3.658   2.150   1.00 15.46 ? 112 GLY A C   1 
ATOM   859  O O   . GLY A 1 112 ? -1.928  4.347   1.116   1.00 17.83 ? 112 GLY A O   1 
ATOM   860  N N   . TYR A 1 113 ? -1.809  4.131   3.388   1.00 13.03 ? 113 TYR A N   1 
ATOM   861  C CA  . TYR A 1 113 ? -1.412  5.506   3.615   1.00 11.17 ? 113 TYR A CA  1 
ATOM   862  C C   . TYR A 1 113 ? -0.369  5.578   4.701   1.00 17.87 ? 113 TYR A C   1 
ATOM   863  O O   . TYR A 1 113 ? -0.469  4.879   5.736   1.00 17.98 ? 113 TYR A O   1 
ATOM   864  C CB  . TYR A 1 113 ? -2.686  6.297   4.049   1.00 15.69 ? 113 TYR A CB  1 
ATOM   865  C CG  . TYR A 1 113 ? -2.464  7.732   4.472   1.00 18.53 ? 113 TYR A CG  1 
ATOM   866  C CD1 . TYR A 1 113 ? -2.260  8.742   3.537   1.00 20.98 ? 113 TYR A CD1 1 
ATOM   867  C CD2 . TYR A 1 113 ? -2.470  8.079   5.834   1.00 26.65 ? 113 TYR A CD2 1 
ATOM   868  C CE1 . TYR A 1 113 ? -2.066  10.059  3.943   1.00 25.97 ? 113 TYR A CE1 1 
ATOM   869  C CE2 . TYR A 1 113 ? -2.257  9.400   6.239   1.00 28.74 ? 113 TYR A CE2 1 
ATOM   870  C CZ  . TYR A 1 113 ? -2.072  10.372  5.293   1.00 27.15 ? 113 TYR A CZ  1 
ATOM   871  O OH  . TYR A 1 113 ? -1.871  11.688  5.715   1.00 30.12 ? 113 TYR A OH  1 
ATOM   872  N N   . PHE A 1 114 ? 0.575   6.477   4.513   1.00 17.97 ? 114 PHE A N   1 
ATOM   873  C CA  . PHE A 1 114 ? 1.594   6.705   5.508   1.00 18.19 ? 114 PHE A CA  1 
ATOM   874  C C   . PHE A 1 114 ? 1.814   8.207   5.579   1.00 20.77 ? 114 PHE A C   1 
ATOM   875  O O   . PHE A 1 114 ? 1.857   8.860   4.576   1.00 19.37 ? 114 PHE A O   1 
ATOM   876  C CB  . PHE A 1 114 ? 2.887   6.030   5.053   1.00 20.33 ? 114 PHE A CB  1 
ATOM   877  C CG  . PHE A 1 114 ? 4.025   6.230   5.998   1.00 24.82 ? 114 PHE A CG  1 
ATOM   878  C CD1 . PHE A 1 114 ? 4.986   7.195   5.735   1.00 25.96 ? 114 PHE A CD1 1 
ATOM   879  C CD2 . PHE A 1 114 ? 4.090   5.504   7.187   1.00 23.29 ? 114 PHE A CD2 1 
ATOM   880  C CE1 . PHE A 1 114 ? 6.041   7.410   6.604   1.00 29.36 ? 114 PHE A CE1 1 
ATOM   881  C CE2 . PHE A 1 114 ? 5.145   5.705   8.068   1.00 28.15 ? 114 PHE A CE2 1 
ATOM   882  C CZ  . PHE A 1 114 ? 6.129   6.682   7.769   1.00 23.55 ? 114 PHE A CZ  1 
ATOM   883  N N   . CYS A 1 115 ? 1.975   8.756   6.774   1.00 20.99 ? 115 CYS A N   1 
ATOM   884  C CA  . CYS A 1 115 ? 2.253   10.207  6.867   1.00 20.88 ? 115 CYS A CA  1 
ATOM   885  C C   . CYS A 1 115 ? 3.333   10.414  7.911   1.00 31.70 ? 115 CYS A C   1 
ATOM   886  O O   . CYS A 1 115 ? 3.301   9.781   8.971   1.00 24.52 ? 115 CYS A O   1 
ATOM   887  C CB  . CYS A 1 115 ? 0.987   10.992  7.307   1.00 26.63 ? 115 CYS A CB  1 
ATOM   888  S SG  . CYS A 1 115 ? 1.249   12.816  7.470   1.00 28.36 ? 115 CYS A SG  1 
ATOM   889  N N   . SER A 1 116 ? 4.312   11.232  7.584   1.00 32.36 ? 116 SER A N   1 
ATOM   890  C CA  . SER A 1 116 ? 5.275   11.664  8.609   1.00 48.05 ? 116 SER A CA  1 
ATOM   891  C C   . SER A 1 116 ? 5.395   13.198  8.706   1.00 44.62 ? 116 SER A C   1 
ATOM   892  O O   . SER A 1 116 ? 5.149   13.908  7.730   1.00 42.65 ? 116 SER A O   1 
ATOM   893  C CB  . SER A 1 116 ? 6.646   11.065  8.355   1.00 45.12 ? 116 SER A CB  1 
ATOM   894  O OG  . SER A 1 116 ? 7.021   11.277  7.002   1.00 56.43 ? 116 SER A OG  1 
ATOM   895  N N   . TYR A 1 117 ? 5.750   13.653  9.904   1.00 58.59 ? 117 TYR A N   1 
ATOM   896  C CA  . TYR A 1 117 ? 6.123   15.040  10.235  1.00 70.00 ? 117 TYR A CA  1 
ATOM   897  C C   . TYR A 1 117 ? 6.402   15.902  9.026   1.00 76.27 ? 117 TYR A C   1 
ATOM   898  O O   . TYR A 1 117 ? 7.221   16.821  9.090   1.00 80.87 ? 117 TYR A O   1 
ATOM   899  C CB  . TYR A 1 117 ? 7.399   15.014  11.047  1.00 79.00 ? 117 TYR A CB  1 
ATOM   900  C CG  . TYR A 1 117 ? 7.237   15.340  12.490  1.00 90.25 ? 117 TYR A CG  1 
ATOM   901  C CD1 . TYR A 1 117 ? 7.185   14.338  13.442  1.00 93.87 ? 117 TYR A CD1 1 
ATOM   902  C CD2 . TYR A 1 117 ? 7.177   16.667  12.921  1.00 95.44 ? 117 TYR A CD2 1 
ATOM   903  C CE1 . TYR A 1 117 ? 7.059   14.643  14.783  1.00 96.52 ? 117 TYR A CE1 1 
ATOM   904  C CE2 . TYR A 1 117 ? 7.043   16.981  14.266  1.00 97.25 ? 117 TYR A CE2 1 
ATOM   905  C CZ  . TYR A 1 117 ? 6.981   15.967  15.195  1.00 97.23 ? 117 TYR A CZ  1 
ATOM   906  O OH  . TYR A 1 117 ? 6.854   16.274  16.538  1.00 96.97 ? 117 TYR A OH  1 
ATOM   907  N N   . GLY A 1 123 ? 5.158   20.837  9.388   1.00 58.39 ? 123 GLY A N   1 
ATOM   908  C CA  . GLY A 1 123 ? 4.883   20.265  8.082   1.00 61.84 ? 123 GLY A CA  1 
ATOM   909  C C   . GLY A 1 123 ? 4.637   18.767  8.135   1.00 58.43 ? 123 GLY A C   1 
ATOM   910  O O   . GLY A 1 123 ? 4.625   18.175  9.213   1.00 61.38 ? 123 GLY A O   1 
ATOM   911  N N   . HIS A 1 124 ? 4.404   18.175  6.966   1.00 53.71 ? 124 HIS A N   1 
ATOM   912  C CA  . HIS A 1 124 ? 4.177   16.732  6.822   1.00 46.03 ? 124 HIS A CA  1 
ATOM   913  C C   . HIS A 1 124 ? 4.165   16.266  5.366   1.00 48.84 ? 124 HIS A C   1 
ATOM   914  O O   . HIS A 1 124 ? 3.746   17.015  4.458   1.00 38.51 ? 124 HIS A O   1 
ATOM   915  C CB  . HIS A 1 124 ? 2.929   16.252  7.593   1.00 36.24 ? 124 HIS A CB  1 
ATOM   916  C CG  . HIS A 1 124 ? 1.625   16.501  6.885   1.00 45.04 ? 124 HIS A CG  1 
ATOM   917  N ND1 . HIS A 1 124 ? 0.753   17.506  7.257   1.00 42.00 ? 124 HIS A ND1 1 
ATOM   918  C CD2 . HIS A 1 124 ? 1.031   15.854  5.850   1.00 45.45 ? 124 HIS A CD2 1 
ATOM   919  C CE1 . HIS A 1 124 ? -0.322  17.466  6.487   1.00 45.96 ? 124 HIS A CE1 1 
ATOM   920  N NE2 . HIS A 1 124 ? -0.187  16.464  5.634   1.00 52.10 ? 124 HIS A NE2 1 
ATOM   921  N N   . MET A 1 125 ? 4.652   15.033  5.148   1.00 41.70 ? 125 MET A N   1 
ATOM   922  C CA  . MET A 1 125 ? 4.673   14.424  3.826   1.00 38.29 ? 125 MET A CA  1 
ATOM   923  C C   . MET A 1 125 ? 3.764   13.180  3.829   1.00 29.94 ? 125 MET A C   1 
ATOM   924  O O   . MET A 1 125 ? 3.814   12.403  4.727   1.00 29.62 ? 125 MET A O   1 
ATOM   925  C CB  . MET A 1 125 ? 6.094   14.028  3.434   1.00 41.71 ? 125 MET A CB  1 
ATOM   926  C CG  . MET A 1 125 ? 6.206   13.571  2.003   1.00 53.05 ? 125 MET A CG  1 
ATOM   927  S SD  . MET A 1 125 ? 7.689   12.597  1.684   1.00 66.54 ? 125 MET A SD  1 
ATOM   928  C CE  . MET A 1 125 ? 7.479   12.309  0.044   1.00 62.74 ? 125 MET A CE  1 
ATOM   929  N N   . ASP A 1 126 ? 2.948   13.063  2.807   1.00 29.06 ? 126 ASP A N   1 
ATOM   930  C CA  . ASP A 1 126 ? 1.919   12.024  2.691   1.00 31.28 ? 126 ASP A CA  1 
ATOM   931  C C   . ASP A 1 126 ? 2.370   11.053  1.585   1.00 20.51 ? 126 ASP A C   1 
ATOM   932  O O   . ASP A 1 126 ? 2.958   11.487  0.600   1.00 23.80 ? 126 ASP A O   1 
ATOM   933  C CB  . ASP A 1 126 ? 0.650   12.697  2.117   1.00 34.55 ? 126 ASP A CB  1 
ATOM   934  C CG  . ASP A 1 126 ? -0.276  13.114  3.142   1.00 44.43 ? 126 ASP A CG  1 
ATOM   935  O OD1 . ASP A 1 126 ? 0.047   13.015  4.344   1.00 56.77 ? 126 ASP A OD1 1 
ATOM   936  O OD2 . ASP A 1 126 ? -1.371  13.569  2.862   1.00 45.81 ? 126 ASP A OD2 1 
ATOM   937  N N   . LEU A 1 127 ? 2.029   9.775   1.732   1.00 17.25 ? 127 LEU A N   1 
ATOM   938  C CA  . LEU A 1 127 ? 2.269   8.797   0.675   1.00 18.54 ? 127 LEU A CA  1 
ATOM   939  C C   . LEU A 1 127 ? 1.085   7.902   0.632   1.00 19.38 ? 127 LEU A C   1 
ATOM   940  O O   . LEU A 1 127 ? 0.650   7.401   1.664   1.00 18.68 ? 127 LEU A O   1 
ATOM   941  C CB  . LEU A 1 127 ? 3.457   7.907   1.018   1.00 21.48 ? 127 LEU A CB  1 
ATOM   942  C CG  . LEU A 1 127 ? 4.813   8.613   1.017   1.00 25.97 ? 127 LEU A CG  1 
ATOM   943  C CD1 . LEU A 1 127 ? 5.837   7.734   1.713   1.00 30.76 ? 127 LEU A CD1 1 
ATOM   944  C CD2 . LEU A 1 127 ? 5.300   8.992   -0.445  1.00 28.42 ? 127 LEU A CD2 1 
ATOM   945  N N   . VAL A 1 128 ? 0.606   7.610   -0.582  1.00 22.37 ? 128 VAL A N   1 
ATOM   946  C CA  . VAL A 1 128 ? -0.524  6.737   -0.718  1.00 13.33 ? 128 VAL A CA  1 
ATOM   947  C C   . VAL A 1 128 ? -0.189  5.787   -1.861  1.00 14.57 ? 128 VAL A C   1 
ATOM   948  O O   . VAL A 1 128 ? 0.458   6.197   -2.851  1.00 18.03 ? 128 VAL A O   1 
ATOM   949  C CB  . VAL A 1 128 ? -1.783  7.570   -1.207  1.00 20.53 ? 128 VAL A CB  1 
ATOM   950  C CG1 . VAL A 1 128 ? -2.930  6.630   -1.533  1.00 25.03 ? 128 VAL A CG1 1 
ATOM   951  C CG2 . VAL A 1 128 ? -2.203  8.591   -0.144  1.00 24.36 ? 128 VAL A CG2 1 
ATOM   952  N N   . TRP A 1 129 ? -0.632  4.551   -1.742  1.00 17.15 ? 129 TRP A N   1 
ATOM   953  C CA  . TRP A 1 129 ? -0.440  3.570   -2.768  1.00 19.50 ? 129 TRP A CA  1 
ATOM   954  C C   . TRP A 1 129 ? -1.657  2.656   -2.816  1.00 20.98 ? 129 TRP A C   1 
ATOM   955  O O   . TRP A 1 129 ? -2.292  2.388   -1.795  1.00 21.49 ? 129 TRP A O   1 
ATOM   956  C CB  . TRP A 1 129 ? 0.866   2.746   -2.545  1.00 21.70 ? 129 TRP A CB  1 
ATOM   957  C CG  . TRP A 1 129 ? 0.923   1.961   -1.248  1.00 17.90 ? 129 TRP A CG  1 
ATOM   958  C CD1 . TRP A 1 129 ? 0.597   0.612   -1.060  1.00 20.21 ? 129 TRP A CD1 1 
ATOM   959  C CD2 . TRP A 1 129 ? 1.313   2.460   0.046   1.00 17.61 ? 129 TRP A CD2 1 
ATOM   960  N NE1 . TRP A 1 129 ? 0.770   0.271   0.268   1.00 17.76 ? 129 TRP A NE1 1 
ATOM   961  C CE2 . TRP A 1 129 ? 1.233   1.372   0.961   1.00 17.17 ? 129 TRP A CE2 1 
ATOM   962  C CE3 . TRP A 1 129 ? 1.784   3.705   0.515   1.00 19.74 ? 129 TRP A CE3 1 
ATOM   963  C CZ2 . TRP A 1 129 ? 1.579   1.503   2.314   1.00 16.13 ? 129 TRP A CZ2 1 
ATOM   964  C CZ3 . TRP A 1 129 ? 2.093   3.844   1.854   1.00 19.16 ? 129 TRP A CZ3 1 
ATOM   965  C CH2 . TRP A 1 129 ? 1.982   2.750   2.743   1.00 16.91 ? 129 TRP A CH2 1 
ATOM   966  N N   . VAL A 1 130 ? -1.974  2.184   -4.017  1.00 15.17 ? 130 VAL A N   1 
ATOM   967  C CA  . VAL A 1 130 ? -3.142  1.369   -4.218  1.00 17.46 ? 130 VAL A CA  1 
ATOM   968  C C   . VAL A 1 130 ? -2.700  0.039   -4.791  1.00 19.98 ? 130 VAL A C   1 
ATOM   969  O O   . VAL A 1 130 ? -1.995  -0.016  -5.813  1.00 19.56 ? 130 VAL A O   1 
ATOM   970  C CB  . VAL A 1 130 ? -4.143  2.047   -5.181  1.00 22.14 ? 130 VAL A CB  1 
ATOM   971  C CG1 . VAL A 1 130 ? -5.412  1.200   -5.353  1.00 18.97 ? 130 VAL A CG1 1 
ATOM   972  C CG2 . VAL A 1 130 ? -4.507  3.465   -4.662  1.00 27.06 ? 130 VAL A CG2 1 
ATOM   973  N N   . LEU A 1 131 ? -3.114  -1.027  -4.112  1.00 18.62 ? 131 LEU A N   1 
ATOM   974  C CA  . LEU A 1 131 ? -2.782  -2.391  -4.517  1.00 19.95 ? 131 LEU A CA  1 
ATOM   975  C C   . LEU A 1 131 ? -4.025  -3.078  -5.064  1.00 23.83 ? 131 LEU A C   1 
ATOM   976  O O   . LEU A 1 131 ? -5.102  -2.886  -4.555  1.00 19.98 ? 131 LEU A O   1 
ATOM   977  C CB  . LEU A 1 131 ? -2.308  -3.212  -3.302  1.00 22.04 ? 131 LEU A CB  1 
ATOM   978  C CG  . LEU A 1 131 ? -1.028  -2.825  -2.567  1.00 24.92 ? 131 LEU A CG  1 
ATOM   979  C CD1 . LEU A 1 131 ? -0.599  -3.965  -1.650  1.00 33.65 ? 131 LEU A CD1 1 
ATOM   980  C CD2 . LEU A 1 131 ? 0.084   -2.469  -3.551  1.00 25.47 ? 131 LEU A CD2 1 
ATOM   981  N N   . SER A 1 132 ? -3.825  -3.942  -6.041  1.00 20.22 ? 132 SER A N   1 
ATOM   982  C CA  . SER A 1 132 ? -4.905  -4.722  -6.636  1.00 25.25 ? 132 SER A CA  1 
ATOM   983  C C   . SER A 1 132 ? -4.446  -6.175  -6.968  1.00 22.03 ? 132 SER A C   1 
ATOM   984  O O   . SER A 1 132 ? -3.262  -6.436  -7.142  1.00 22.25 ? 132 SER A O   1 
ATOM   985  C CB  . SER A 1 132 ? -5.414  -3.987  -7.889  1.00 26.90 ? 132 SER A CB  1 
ATOM   986  O OG  . SER A 1 132 ? -6.189  -4.833  -8.701  1.00 27.20 ? 132 SER A OG  1 
ATOM   987  N N   . ARG A 1 133 ? -5.390  -7.133  -6.989  1.00 25.77 ? 133 ARG A N   1 
ATOM   988  C CA  . ARG A 1 133 ? -5.032  -8.498  -7.370  1.00 31.77 ? 133 ARG A CA  1 
ATOM   989  C C   . ARG A 1 133 ? -4.866  -8.600  -8.884  1.00 32.32 ? 133 ARG A C   1 
ATOM   990  O O   . ARG A 1 133 ? -4.271  -9.539  -9.391  1.00 29.83 ? 133 ARG A O   1 
ATOM   991  C CB  . ARG A 1 133 ? -6.038  -9.549  -6.823  1.00 40.78 ? 133 ARG A CB  1 
ATOM   992  C CG  . ARG A 1 133 ? -6.322  -9.375  -5.350  1.00 44.71 ? 133 ARG A CG  1 
ATOM   993  C CD  . ARG A 1 133 ? -6.634  -10.669 -4.617  1.00 58.16 ? 133 ARG A CD  1 
ATOM   994  N NE  . ARG A 1 133 ? -5.419  -11.335 -4.163  1.00 72.60 ? 133 ARG A NE  1 
ATOM   995  C CZ  . ARG A 1 133 ? -5.393  -12.503 -3.540  1.00 77.05 ? 133 ARG A CZ  1 
ATOM   996  N NH1 . ARG A 1 133 ? -6.520  -13.172 -3.282  1.00 83.09 ? 133 ARG A NH1 1 
ATOM   997  N NH2 . ARG A 1 133 ? -4.232  -13.011 -3.177  1.00 80.33 ? 133 ARG A NH2 1 
ATOM   998  N N   . SER A 1 134 ? -5.395  -7.617  -9.602  1.00 25.43 ? 134 SER A N   1 
ATOM   999  C CA  . SER A 1 134 ? -5.186  -7.530  -11.047 1.00 29.81 ? 134 SER A CA  1 
ATOM   1000 C C   . SER A 1 134 ? -4.347  -6.320  -11.460 1.00 35.92 ? 134 SER A C   1 
ATOM   1001 O O   . SER A 1 134 ? -4.301  -5.293  -10.767 1.00 29.99 ? 134 SER A O   1 
ATOM   1002 C CB  . SER A 1 134 ? -6.516  -7.579  -11.811 1.00 42.29 ? 134 SER A CB  1 
ATOM   1003 O OG  . SER A 1 134 ? -7.501  -6.778  -11.199 1.00 45.11 ? 134 SER A OG  1 
ATOM   1004 N N   . MET A 1 135 ? -3.677  -6.440  -12.601 1.00 33.30 ? 135 MET A N   1 
ATOM   1005 C CA  . MET A 1 135 ? -2.823  -5.349  -13.123 1.00 34.18 ? 135 MET A CA  1 
ATOM   1006 C C   . MET A 1 135 ? -3.593  -4.083  -13.461 1.00 36.10 ? 135 MET A C   1 
ATOM   1007 O O   . MET A 1 135 ? -3.006  -2.992  -13.544 1.00 36.62 ? 135 MET A O   1 
ATOM   1008 C CB  . MET A 1 135 ? -2.106  -5.803  -14.380 1.00 43.26 ? 135 MET A CB  1 
ATOM   1009 C CG  . MET A 1 135 ? -1.267  -7.018  -14.247 1.00 49.65 ? 135 MET A CG  1 
ATOM   1010 S SD  . MET A 1 135 ? -0.305  -7.142  -15.796 1.00 64.12 ? 135 MET A SD  1 
ATOM   1011 C CE  . MET A 1 135 ? 0.311   -8.785  -15.669 1.00 66.32 ? 135 MET A CE  1 
ATOM   1012 N N   . VAL A 1 136 ? -4.891  -4.222  -13.711 1.00 31.84 ? 136 VAL A N   1 
ATOM   1013 C CA  . VAL A 1 136 ? -5.695  -3.081  -14.072 1.00 38.52 ? 136 VAL A CA  1 
ATOM   1014 C C   . VAL A 1 136 ? -6.919  -3.032  -13.176 1.00 43.38 ? 136 VAL A C   1 
ATOM   1015 O O   . VAL A 1 136 ? -7.569  -4.050  -12.957 1.00 48.35 ? 136 VAL A O   1 
ATOM   1016 C CB  . VAL A 1 136 ? -6.183  -3.207  -15.556 1.00 45.88 ? 136 VAL A CB  1 
ATOM   1017 C CG1 . VAL A 1 136 ? -6.765  -1.908  -16.030 1.00 46.11 ? 136 VAL A CG1 1 
ATOM   1018 C CG2 . VAL A 1 136 ? -5.043  -3.627  -16.458 1.00 49.74 ? 136 VAL A CG2 1 
ATOM   1019 N N   . LEU A 1 137 ? -7.223  -1.859  -12.645 1.00 44.82 ? 137 LEU A N   1 
ATOM   1020 C CA  . LEU A 1 137 ? -8.428  -1.693  -11.834 1.00 45.60 ? 137 LEU A CA  1 
ATOM   1021 C C   . LEU A 1 137 ? -9.637  -1.554  -12.750 1.00 49.20 ? 137 LEU A C   1 
ATOM   1022 O O   . LEU A 1 137 ? -9.768  -0.557  -13.471 1.00 53.90 ? 137 LEU A O   1 
ATOM   1023 C CB  . LEU A 1 137 ? -8.339  -0.418  -11.026 1.00 47.91 ? 137 LEU A CB  1 
ATOM   1024 C CG  . LEU A 1 137 ? -7.859  -0.344  -9.594  1.00 42.56 ? 137 LEU A CG  1 
ATOM   1025 C CD1 . LEU A 1 137 ? -8.213  1.049   -9.080  1.00 42.18 ? 137 LEU A CD1 1 
ATOM   1026 C CD2 . LEU A 1 137 ? -8.478  -1.400  -8.720  1.00 39.46 ? 137 LEU A CD2 1 
ATOM   1027 N N   . THR A 1 138 ? -10.521 -2.540  -12.729 1.00 43.34 ? 138 THR A N   1 
ATOM   1028 C CA  . THR A 1 138 ? -11.721 -2.489  -13.559 1.00 53.05 ? 138 THR A CA  1 
ATOM   1029 C C   . THR A 1 138 ? -12.962 -2.680  -12.700 1.00 49.68 ? 138 THR A C   1 
ATOM   1030 O O   . THR A 1 138 ? -12.865 -3.024  -11.531 1.00 43.83 ? 138 THR A O   1 
ATOM   1031 C CB  . THR A 1 138 ? -11.695 -3.607  -14.623 1.00 53.75 ? 138 THR A CB  1 
ATOM   1032 O OG1 . THR A 1 138 ? -11.929 -4.872  -13.985 1.00 59.12 ? 138 THR A OG1 1 
ATOM   1033 C CG2 . THR A 1 138 ? -10.310 -3.772  -15.225 1.00 54.60 ? 138 THR A CG2 1 
ATOM   1034 N N   . GLY A 1 139 ? -14.117 -2.448  -13.314 1.00 51.75 ? 139 GLY A N   1 
ATOM   1035 C CA  . GLY A 1 139 ? -15.423 -2.660  -12.712 1.00 51.62 ? 139 GLY A CA  1 
ATOM   1036 C C   . GLY A 1 139 ? -15.626 -2.361  -11.251 1.00 48.26 ? 139 GLY A C   1 
ATOM   1037 O O   . GLY A 1 139 ? -15.366 -1.249  -10.786 1.00 49.76 ? 139 GLY A O   1 
ATOM   1038 N N   . GLU A 1 140 ? -16.127 -3.373  -10.541 1.00 53.63 ? 140 GLU A N   1 
ATOM   1039 C CA  . GLU A 1 140 ? -16.413 -3.317  -9.111  1.00 50.60 ? 140 GLU A CA  1 
ATOM   1040 C C   . GLU A 1 140 ? -15.366 -2.576  -8.278  1.00 45.94 ? 140 GLU A C   1 
ATOM   1041 O O   . GLU A 1 140 ? -15.697 -1.675  -7.506  1.00 40.35 ? 140 GLU A O   1 
ATOM   1042 C CB  . GLU A 1 140 ? -16.499 -4.734  -8.568  1.00 59.93 ? 140 GLU A CB  1 
ATOM   1043 C CG  . GLU A 1 140 ? -17.895 -5.306  -8.469  1.00 71.76 ? 140 GLU A CG  1 
ATOM   1044 C CD  . GLU A 1 140 ? -17.915 -6.586  -7.662  1.00 76.70 ? 140 GLU A CD  1 
ATOM   1045 O OE1 . GLU A 1 140 ? -17.422 -6.570  -6.505  1.00 80.10 ? 140 GLU A OE1 1 
ATOM   1046 O OE2 . GLU A 1 140 ? -18.406 -7.607  -8.185  1.00 77.07 ? 140 GLU A OE2 1 
ATOM   1047 N N   . ALA A 1 141 ? -14.110 -2.998  -8.417  1.00 47.28 ? 141 ALA A N   1 
ATOM   1048 C CA  . ALA A 1 141 ? -13.003 -2.396  -7.685  1.00 43.40 ? 141 ALA A CA  1 
ATOM   1049 C C   . ALA A 1 141 ? -12.826 -0.913  -8.010  1.00 38.10 ? 141 ALA A C   1 
ATOM   1050 O O   . ALA A 1 141 ? -12.662 -0.087  -7.114  1.00 33.39 ? 141 ALA A O   1 
ATOM   1051 C CB  . ALA A 1 141 ? -11.735 -3.158  -7.954  1.00 46.78 ? 141 ALA A CB  1 
ATOM   1052 N N   . LYS A 1 142 ? -12.912 -0.583  -9.299  1.00 40.71 ? 142 LYS A N   1 
ATOM   1053 C CA  . LYS A 1 142 ? -12.742 0.786   -9.773  1.00 38.04 ? 142 LYS A CA  1 
ATOM   1054 C C   . LYS A 1 142 ? -13.835 1.692   -9.236  1.00 36.61 ? 142 LYS A C   1 
ATOM   1055 O O   . LYS A 1 142 ? -13.567 2.784   -8.777  1.00 36.17 ? 142 LYS A O   1 
ATOM   1056 C CB  . LYS A 1 142 ? -12.751 0.798   -11.304 1.00 48.56 ? 142 LYS A CB  1 
ATOM   1057 C CG  . LYS A 1 142 ? -12.386 2.118   -11.940 1.00 52.38 ? 142 LYS A CG  1 
ATOM   1058 C CD  . LYS A 1 142 ? -12.109 1.920   -13.408 1.00 63.49 ? 142 LYS A CD  1 
ATOM   1059 C CE  . LYS A 1 142 ? -11.738 3.221   -14.096 1.00 70.64 ? 142 LYS A CE  1 
ATOM   1060 N NZ  . LYS A 1 142 ? -11.171 2.965   -15.455 1.00 72.62 ? 142 LYS A NZ  1 
ATOM   1061 N N   . THR A 1 143 ? -15.072 1.213   -9.249  1.00 40.96 ? 143 THR A N   1 
ATOM   1062 C CA  . THR A 1 143 ? -16.176 2.003   -8.727  1.00 38.06 ? 143 THR A CA  1 
ATOM   1063 C C   . THR A 1 143 ? -16.030 2.271   -7.234  1.00 37.56 ? 143 THR A C   1 
ATOM   1064 O O   . THR A 1 143 ? -16.264 3.396   -6.774  1.00 38.03 ? 143 THR A O   1 
ATOM   1065 C CB  . THR A 1 143 ? -17.541 1.355   -9.086  1.00 50.28 ? 143 THR A CB  1 
ATOM   1066 O OG1 . THR A 1 143 ? -17.839 1.649   -10.458 1.00 51.26 ? 143 THR A OG1 1 
ATOM   1067 C CG2 . THR A 1 143 ? -18.685 2.039   -8.344  1.00 48.11 ? 143 THR A CG2 1 
ATOM   1068 N N   . ALA A 1 144 ? -15.623 1.252   -6.485  1.00 38.68 ? 144 ALA A N   1 
ATOM   1069 C CA  . ALA A 1 144 ? -15.432 1.408   -5.026  1.00 38.65 ? 144 ALA A CA  1 
ATOM   1070 C C   . ALA A 1 144 ? -14.337 2.420   -4.749  1.00 30.06 ? 144 ALA A C   1 
ATOM   1071 O O   . ALA A 1 144 ? -14.502 3.319   -3.918  1.00 31.96 ? 144 ALA A O   1 
ATOM   1072 C CB  . ALA A 1 144 ? -15.097 0.066   -4.373  1.00 38.93 ? 144 ALA A CB  1 
ATOM   1073 N N   . VAL A 1 145 ? -13.223 2.291   -5.471  1.00 32.79 ? 145 VAL A N   1 
ATOM   1074 C CA  . VAL A 1 145 ? -12.108 3.214   -5.305  1.00 28.49 ? 145 VAL A CA  1 
ATOM   1075 C C   . VAL A 1 145 ? -12.511 4.657   -5.620  1.00 34.04 ? 145 VAL A C   1 
ATOM   1076 O O   . VAL A 1 145 ? -12.224 5.584   -4.854  1.00 31.36 ? 145 VAL A O   1 
ATOM   1077 C CB  . VAL A 1 145 ? -10.862 2.767   -6.129  1.00 34.52 ? 145 VAL A CB  1 
ATOM   1078 C CG1 . VAL A 1 145 ? -9.776  3.891   -6.176  1.00 28.13 ? 145 VAL A CG1 1 
ATOM   1079 C CG2 . VAL A 1 145 ? -10.282 1.492   -5.553  1.00 30.89 ? 145 VAL A CG2 1 
ATOM   1080 N N   . GLU A 1 146 ? -13.237 4.855   -6.706  1.00 37.80 ? 146 GLU A N   1 
ATOM   1081 C CA  . GLU A 1 146 ? -13.649 6.204   -7.035  1.00 28.23 ? 146 GLU A CA  1 
ATOM   1082 C C   . GLU A 1 146 ? -14.494 6.862   -5.958  1.00 25.01 ? 146 GLU A C   1 
ATOM   1083 O O   . GLU A 1 146 ? -14.192 7.994   -5.546  1.00 38.15 ? 146 GLU A O   1 
ATOM   1084 C CB  . GLU A 1 146 ? -14.307 6.250   -8.408  1.00 35.16 ? 146 GLU A CB  1 
ATOM   1085 C CG  . GLU A 1 146 ? -13.338 5.874   -9.518  1.00 46.06 ? 146 GLU A CG  1 
ATOM   1086 C CD  . GLU A 1 146 ? -14.023 5.678   -10.857 1.00 58.94 ? 146 GLU A CD  1 
ATOM   1087 O OE1 . GLU A 1 146 ? -13.307 5.593   -11.878 1.00 59.78 ? 146 GLU A OE1 1 
ATOM   1088 O OE2 . GLU A 1 146 ? -15.270 5.609   -10.884 1.00 58.03 ? 146 GLU A OE2 1 
ATOM   1089 N N   . ASN A 1 147 ? -15.508 6.138   -5.473  1.00 36.44 ? 147 ASN A N   1 
ATOM   1090 C CA  . ASN A 1 147 ? -16.401 6.650   -4.437  1.00 42.01 ? 147 ASN A CA  1 
ATOM   1091 C C   . ASN A 1 147 ? -15.637 6.988   -3.169  1.00 41.90 ? 147 ASN A C   1 
ATOM   1092 O O   . ASN A 1 147 ? -15.847 8.048   -2.570  1.00 41.17 ? 147 ASN A O   1 
ATOM   1093 C CB  . ASN A 1 147 ? -17.545 5.661   -4.180  1.00 50.03 ? 147 ASN A CB  1 
ATOM   1094 C CG  . ASN A 1 147 ? -18.429 5.467   -5.425  1.00 56.62 ? 147 ASN A CG  1 
ATOM   1095 O OD1 . ASN A 1 147 ? -18.931 4.363   -5.704  1.00 51.38 ? 147 ASN A OD1 1 
ATOM   1096 N ND2 . ASN A 1 147 ? -18.589 6.544   -6.189  1.00 48.15 ? 147 ASN A ND2 1 
ATOM   1097 N N   . TYR A 1 148 ? -14.737 6.087   -2.771  1.00 36.33 ? 148 TYR A N   1 
ATOM   1098 C CA  . TYR A 1 148 ? -13.832 6.395   -1.667  1.00 28.63 ? 148 TYR A CA  1 
ATOM   1099 C C   . TYR A 1 148 ? -13.064 7.688   -1.825  1.00 21.43 ? 148 TYR A C   1 
ATOM   1100 O O   . TYR A 1 148 ? -12.972 8.495   -0.892  1.00 31.05 ? 148 TYR A O   1 
ATOM   1101 C CB  . TYR A 1 148 ? -12.861 5.230   -1.330  1.00 30.60 ? 148 TYR A CB  1 
ATOM   1102 C CG  . TYR A 1 148 ? -11.945 5.708   -0.263  1.00 25.53 ? 148 TYR A CG  1 
ATOM   1103 C CD1 . TYR A 1 148 ? -12.385 5.780   1.046   1.00 27.16 ? 148 TYR A CD1 1 
ATOM   1104 C CD2 . TYR A 1 148 ? -10.708 6.261   -0.583  1.00 27.47 ? 148 TYR A CD2 1 
ATOM   1105 C CE1 . TYR A 1 148 ? -11.595 6.325   2.042   1.00 29.72 ? 148 TYR A CE1 1 
ATOM   1106 C CE2 . TYR A 1 148 ? -9.904  6.788   0.396   1.00 23.68 ? 148 TYR A CE2 1 
ATOM   1107 C CZ  . TYR A 1 148 ? -10.353 6.796   1.711   1.00 26.53 ? 148 TYR A CZ  1 
ATOM   1108 O OH  . TYR A 1 148 ? -9.598  7.355   2.662   1.00 32.91 ? 148 TYR A OH  1 
ATOM   1109 N N   . LEU A 1 149 ? -12.495 7.904   -3.005  1.00 26.82 ? 149 LEU A N   1 
ATOM   1110 C CA  . LEU A 1 149 ? -11.691 9.118   -3.243  1.00 25.60 ? 149 LEU A CA  1 
ATOM   1111 C C   . LEU A 1 149 ? -12.470 10.425  -3.118  1.00 28.59 ? 149 LEU A C   1 
ATOM   1112 O O   . LEU A 1 149 ? -11.975 11.376  -2.537  1.00 30.94 ? 149 LEU A O   1 
ATOM   1113 C CB  . LEU A 1 149 ? -10.990 9.066   -4.591  1.00 24.94 ? 149 LEU A CB  1 
ATOM   1114 C CG  . LEU A 1 149 ? -9.976  7.920   -4.748  1.00 26.35 ? 149 LEU A CG  1 
ATOM   1115 C CD1 . LEU A 1 149 ? -9.401  7.830   -6.175  1.00 29.24 ? 149 LEU A CD1 1 
ATOM   1116 C CD2 . LEU A 1 149 ? -8.874  7.992   -3.694  1.00 28.93 ? 149 LEU A CD2 1 
ATOM   1117 N N   . ILE A 1 150 ? -13.726 10.412  -3.589  1.00 29.48 ? 150 ILE A N   1 
ATOM   1118 C CA  . ILE A 1 150 ? -14.597 11.600  -3.557  1.00 29.08 ? 150 ILE A CA  1 
ATOM   1119 C C   . ILE A 1 150 ? -14.950 12.005  -2.140  1.00 32.42 ? 150 ILE A C   1 
ATOM   1120 O O   . ILE A 1 150 ? -15.081 13.188  -1.829  1.00 43.75 ? 150 ILE A O   1 
ATOM   1121 C CB  . ILE A 1 150 ? -15.870 11.370  -4.425  1.00 35.94 ? 150 ILE A CB  1 
ATOM   1122 C CG1 . ILE A 1 150 ? -15.476 11.153  -5.876  1.00 32.85 ? 150 ILE A CG1 1 
ATOM   1123 C CG2 . ILE A 1 150 ? -16.784 12.628  -4.394  1.00 37.62 ? 150 ILE A CG2 1 
ATOM   1124 C CD1 . ILE A 1 150 ? -16.628 10.718  -6.748  1.00 51.81 ? 150 ILE A CD1 1 
ATOM   1125 N N   . GLY A 1 151 ? -15.082 11.029  -1.261  1.00 31.34 ? 151 GLY A N   1 
ATOM   1126 C CA  . GLY A 1 151 ? -15.364 11.343  0.125   1.00 35.23 ? 151 GLY A CA  1 
ATOM   1127 C C   . GLY A 1 151 ? -14.152 11.383  1.025   1.00 36.91 ? 151 GLY A C   1 
ATOM   1128 O O   . GLY A 1 151 ? -14.282 11.729  2.200   1.00 36.49 ? 151 GLY A O   1 
ATOM   1129 N N   . SER A 1 152 ? -12.963 11.069  0.489   1.00 34.71 ? 152 SER A N   1 
ATOM   1130 C CA  . SER A 1 152 ? -11.772 10.907  1.349   1.00 29.49 ? 152 SER A CA  1 
ATOM   1131 C C   . SER A 1 152 ? -11.240 12.208  1.879   1.00 34.80 ? 152 SER A C   1 
ATOM   1132 O O   . SER A 1 152 ? -10.945 13.101  1.099   1.00 31.01 ? 152 SER A O   1 
ATOM   1133 C CB  . SER A 1 152 ? -10.623 10.265  0.602   1.00 29.44 ? 152 SER A CB  1 
ATOM   1134 O OG  . SER A 1 152 ? -9.467  10.366  1.413   1.00 30.18 ? 152 SER A OG  1 
ATOM   1135 N N   . PRO A 1 153 ? -11.011 12.322  3.177   1.00 42.41 ? 153 PRO A N   1 
ATOM   1136 C CA  . PRO A 1 153 ? -10.528 13.600  3.713   1.00 45.92 ? 153 PRO A CA  1 
ATOM   1137 C C   . PRO A 1 153 ? -9.052  13.827  3.405   1.00 51.70 ? 153 PRO A C   1 
ATOM   1138 O O   . PRO A 1 153 ? -8.575  14.964  3.467   1.00 49.92 ? 153 PRO A O   1 
ATOM   1139 C CB  . PRO A 1 153 ? -10.697 13.441  5.226   1.00 50.56 ? 153 PRO A CB  1 
ATOM   1140 C CG  . PRO A 1 153 ? -11.384 12.122  5.432   1.00 53.75 ? 153 PRO A CG  1 
ATOM   1141 C CD  . PRO A 1 153 ? -11.142 11.284  4.216   1.00 48.91 ? 153 PRO A CD  1 
ATOM   1142 N N   . VAL A 1 154 ? -8.353  12.746  3.047   1.00 42.84 ? 154 VAL A N   1 
ATOM   1143 C CA  . VAL A 1 154 ? -6.892  12.778  3.011   1.00 39.19 ? 154 VAL A CA  1 
ATOM   1144 C C   . VAL A 1 154 ? -6.195  12.450  1.679   1.00 36.86 ? 154 VAL A C   1 
ATOM   1145 O O   . VAL A 1 154 ? -5.105  12.911  1.448   1.00 41.11 ? 154 VAL A O   1 
ATOM   1146 C CB  . VAL A 1 154 ? -6.294  11.943  4.174   1.00 43.99 ? 154 VAL A CB  1 
ATOM   1147 C CG1 . VAL A 1 154 ? -6.873  12.407  5.555   1.00 41.24 ? 154 VAL A CG1 1 
ATOM   1148 C CG2 . VAL A 1 154 ? -6.599  10.507  3.983   1.00 39.52 ? 154 VAL A CG2 1 
ATOM   1149 N N   . VAL A 1 155 ? -6.821  11.672  0.800   1.00 29.25 ? 155 VAL A N   1 
ATOM   1150 C CA  . VAL A 1 155 ? -6.182  11.383  -0.470  1.00 29.92 ? 155 VAL A CA  1 
ATOM   1151 C C   . VAL A 1 155 ? -6.531  12.420  -1.511  1.00 41.02 ? 155 VAL A C   1 
ATOM   1152 O O   . VAL A 1 155 ? -7.705  12.751  -1.701  1.00 34.57 ? 155 VAL A O   1 
ATOM   1153 C CB  . VAL A 1 155 ? -6.608  10.031  -1.005  1.00 28.89 ? 155 VAL A CB  1 
ATOM   1154 C CG1 . VAL A 1 155 ? -5.929  9.720   -2.322  1.00 30.16 ? 155 VAL A CG1 1 
ATOM   1155 C CG2 . VAL A 1 155 ? -6.307  8.953   0.030   1.00 26.94 ? 155 VAL A CG2 1 
ATOM   1156 N N   . ASP A 1 156 ? -5.519  12.973  -2.164  1.00 30.90 ? 156 ASP A N   1 
ATOM   1157 C CA  . ASP A 1 156 ? -5.810  13.828  -3.292  1.00 36.61 ? 156 ASP A CA  1 
ATOM   1158 C C   . ASP A 1 156 ? -5.805  13.023  -4.568  1.00 29.76 ? 156 ASP A C   1 
ATOM   1159 O O   . ASP A 1 156 ? -4.742  12.644  -5.067  1.00 30.19 ? 156 ASP A O   1 
ATOM   1160 C CB  . ASP A 1 156 ? -4.814  14.950  -3.373  1.00 40.38 ? 156 ASP A CB  1 
ATOM   1161 C CG  . ASP A 1 156 ? -5.292  16.058  -4.314  1.00 48.99 ? 156 ASP A CG  1 
ATOM   1162 O OD1 . ASP A 1 156 ? -5.959  17.005  -3.841  1.00 60.56 ? 156 ASP A OD1 1 
ATOM   1163 O OD2 . ASP A 1 156 ? -5.109  16.029  -5.534  1.00 47.94 ? 156 ASP A OD2 1 
ATOM   1164 N N   . SER A 1 157 ? -6.985  12.781  -5.138  1.00 28.80 ? 157 SER A N   1 
ATOM   1165 C CA  . SER A 1 157 ? -7.116  11.885  -6.314  1.00 29.28 ? 157 SER A CA  1 
ATOM   1166 C C   . SER A 1 157 ? -6.360  12.331  -7.557  1.00 33.10 ? 157 SER A C   1 
ATOM   1167 O O   . SER A 1 157 ? -6.003  11.492  -8.415  1.00 32.13 ? 157 SER A O   1 
ATOM   1168 C CB  . SER A 1 157 ? -8.576  11.755  -6.714  1.00 37.47 ? 157 SER A CB  1 
ATOM   1169 O OG  . SER A 1 157 ? -9.002  12.985  -7.272  1.00 46.71 ? 157 SER A OG  1 
ATOM   1170 N N   . GLN A 1 158 ? -6.125  13.634  -7.661  1.00 35.16 ? 158 GLN A N   1 
ATOM   1171 C CA  . GLN A 1 158 ? -5.490  14.204  -8.844  1.00 41.50 ? 158 GLN A CA  1 
ATOM   1172 C C   . GLN A 1 158 ? -4.007  13.918  -8.832  1.00 38.07 ? 158 GLN A C   1 
ATOM   1173 O O   . GLN A 1 158 ? -3.335  14.052  -9.838  1.00 36.53 ? 158 GLN A O   1 
ATOM   1174 C CB  . GLN A 1 158 ? -5.701  15.725  -8.875  1.00 50.53 ? 158 GLN A CB  1 
ATOM   1175 C CG  . GLN A 1 158 ? -7.157  16.165  -8.746  1.00 62.07 ? 158 GLN A CG  1 
ATOM   1176 C CD  . GLN A 1 158 ? -7.298  17.662  -8.466  1.00 71.44 ? 158 GLN A CD  1 
ATOM   1177 O OE1 . GLN A 1 158 ? -6.455  18.472  -8.885  1.00 72.22 ? 158 GLN A OE1 1 
ATOM   1178 N NE2 . GLN A 1 158 ? -8.361  18.032  -7.758  1.00 78.12 ? 158 GLN A NE2 1 
ATOM   1179 N N   . LYS A 1 159 ? -3.505  13.540  -7.670  1.00 27.78 ? 159 LYS A N   1 
ATOM   1180 C CA  . LYS A 1 159 ? -2.104  13.331  -7.501  1.00 33.99 ? 159 LYS A CA  1 
ATOM   1181 C C   . LYS A 1 159 ? -1.727  11.898  -7.788  1.00 32.24 ? 159 LYS A C   1 
ATOM   1182 O O   . LYS A 1 159 ? -0.556  11.612  -7.994  1.00 32.05 ? 159 LYS A O   1 
ATOM   1183 C CB  . LYS A 1 159 ? -1.717  13.733  -6.076  1.00 44.01 ? 159 LYS A CB  1 
ATOM   1184 C CG  . LYS A 1 159 ? -0.329  14.260  -5.915  1.00 50.32 ? 159 LYS A CG  1 
ATOM   1185 C CD  . LYS A 1 159 ? -0.193  14.909  -4.544  1.00 56.66 ? 159 LYS A CD  1 
ATOM   1186 C CE  . LYS A 1 159 ? 1.189   14.686  -3.972  1.00 56.15 ? 159 LYS A CE  1 
ATOM   1187 N NZ  . LYS A 1 159 ? 1.254   15.079  -2.543  1.00 58.49 ? 159 LYS A NZ  1 
ATOM   1188 N N   . LEU A 1 160 ? -2.702  10.981  -7.799  1.00 26.33 ? 160 LEU A N   1 
ATOM   1189 C CA  . LEU A 1 160 ? -2.416  9.578   -8.158  1.00 29.59 ? 160 LEU A CA  1 
ATOM   1190 C C   . LEU A 1 160 ? -1.986  9.396   -9.581  1.00 31.71 ? 160 LEU A C   1 
ATOM   1191 O O   . LEU A 1 160 ? -2.605  9.933   -10.484 1.00 25.53 ? 160 LEU A O   1 
ATOM   1192 C CB  . LEU A 1 160 ? -3.653  8.705   -7.946  1.00 32.16 ? 160 LEU A CB  1 
ATOM   1193 C CG  . LEU A 1 160 ? -4.044  8.457   -6.492  1.00 33.48 ? 160 LEU A CG  1 
ATOM   1194 C CD1 . LEU A 1 160 ? -5.444  7.839   -6.459  1.00 26.22 ? 160 LEU A CD1 1 
ATOM   1195 C CD2 . LEU A 1 160 ? -3.005  7.501   -5.791  1.00 23.98 ? 160 LEU A CD2 1 
ATOM   1196 N N   . VAL A 1 161 ? -0.921  8.615   -9.770  1.00 24.64 ? 161 VAL A N   1 
ATOM   1197 C CA  . VAL A 1 161 ? -0.402  8.232   -11.032 1.00 24.05 ? 161 VAL A CA  1 
ATOM   1198 C C   . VAL A 1 161 ? -0.680  6.741   -11.189 1.00 31.26 ? 161 VAL A C   1 
ATOM   1199 O O   . VAL A 1 161 ? -0.286  5.919   -10.347 1.00 24.41 ? 161 VAL A O   1 
ATOM   1200 C CB  . VAL A 1 161 ? 1.153   8.453   -11.090 1.00 24.67 ? 161 VAL A CB  1 
ATOM   1201 C CG1 . VAL A 1 161 ? 1.715   7.921   -12.345 1.00 32.25 ? 161 VAL A CG1 1 
ATOM   1202 C CG2 . VAL A 1 161 ? 1.435   9.949   -10.960 1.00 32.44 ? 161 VAL A CG2 1 
ATOM   1203 N N   . TYR A 1 162 ? -1.301  6.377   -12.286 1.00 26.21 ? 162 TYR A N   1 
ATOM   1204 C CA  . TYR A 1 162 ? -1.636  4.958   -12.538 1.00 31.66 ? 162 TYR A CA  1 
ATOM   1205 C C   . TYR A 1 162 ? -0.522  4.204   -13.293 1.00 29.91 ? 162 TYR A C   1 
ATOM   1206 O O   . TYR A 1 162 ? 0.099   4.732   -14.207 1.00 29.37 ? 162 TYR A O   1 
ATOM   1207 C CB  . TYR A 1 162 ? -3.010  4.831   -13.214 1.00 38.42 ? 162 TYR A CB  1 
ATOM   1208 C CG  . TYR A 1 162 ? -4.158  5.186   -12.277 1.00 36.58 ? 162 TYR A CG  1 
ATOM   1209 C CD1 . TYR A 1 162 ? -4.488  6.518   -12.008 1.00 33.67 ? 162 TYR A CD1 1 
ATOM   1210 C CD2 . TYR A 1 162 ? -4.880  4.192   -11.630 1.00 41.62 ? 162 TYR A CD2 1 
ATOM   1211 C CE1 . TYR A 1 162 ? -5.535  6.842   -11.149 1.00 35.99 ? 162 TYR A CE1 1 
ATOM   1212 C CE2 . TYR A 1 162 ? -5.925  4.507   -10.766 1.00 46.94 ? 162 TYR A CE2 1 
ATOM   1213 C CZ  . TYR A 1 162 ? -6.249  5.833   -10.536 1.00 43.72 ? 162 TYR A CZ  1 
ATOM   1214 O OH  . TYR A 1 162 ? -7.286  6.135   -9.677  1.00 51.87 ? 162 TYR A OH  1 
ATOM   1215 N N   . SER A 1 163 ? -0.295  2.955   -12.926 1.00 27.12 ? 163 SER A N   1 
ATOM   1216 C CA  . SER A 1 163 ? 0.835   2.209   -13.450 1.00 30.86 ? 163 SER A CA  1 
ATOM   1217 C C   . SER A 1 163 ? 0.637   1.715   -14.856 1.00 36.71 ? 163 SER A C   1 
ATOM   1218 O O   . SER A 1 163 ? -0.450  1.264   -15.233 1.00 39.94 ? 163 SER A O   1 
ATOM   1219 C CB  . SER A 1 163 ? 1.179   1.027   -12.534 1.00 26.08 ? 163 SER A CB  1 
ATOM   1220 O OG  . SER A 1 163 ? 1.842   1.476   -11.366 1.00 39.36 ? 163 SER A OG  1 
ATOM   1221 N N   . ASP A 1 164 ? 1.713   1.769   -15.617 1.00 42.94 ? 164 ASP A N   1 
ATOM   1222 C CA  . ASP A 1 164 ? 1.731   1.228   -16.963 1.00 51.47 ? 164 ASP A CA  1 
ATOM   1223 C C   . ASP A 1 164 ? 2.579   -0.051  -16.926 1.00 40.47 ? 164 ASP A C   1 
ATOM   1224 O O   . ASP A 1 164 ? 3.791   0.015   -16.958 1.00 46.04 ? 164 ASP A O   1 
ATOM   1225 C CB  . ASP A 1 164 ? 2.358   2.275   -17.903 1.00 62.97 ? 164 ASP A CB  1 
ATOM   1226 C CG  . ASP A 1 164 ? 2.813   1.685   -19.221 1.00 74.17 ? 164 ASP A CG  1 
ATOM   1227 O OD1 . ASP A 1 164 ? 3.962   1.985   -19.645 1.00 82.87 ? 164 ASP A OD1 1 
ATOM   1228 O OD2 . ASP A 1 164 ? 2.096   0.913   -19.892 1.00 71.39 ? 164 ASP A OD2 1 
ATOM   1229 N N   . PHE A 1 165 ? 1.943   -1.209  -16.804 1.00 38.29 ? 165 PHE A N   1 
ATOM   1230 C CA  . PHE A 1 165 ? 2.704   -2.465  -16.736 1.00 44.07 ? 165 PHE A CA  1 
ATOM   1231 C C   . PHE A 1 165 ? 3.106   -3.013  -18.139 1.00 56.43 ? 165 PHE A C   1 
ATOM   1232 O O   . PHE A 1 165 ? 3.258   -4.212  -18.313 1.00 57.20 ? 165 PHE A O   1 
ATOM   1233 C CB  . PHE A 1 165 ? 1.978   -3.541  -15.890 1.00 40.09 ? 165 PHE A CB  1 
ATOM   1234 C CG  . PHE A 1 165 ? 1.869   -3.195  -14.390 1.00 31.12 ? 165 PHE A CG  1 
ATOM   1235 C CD1 . PHE A 1 165 ? 2.993   -3.253  -13.559 1.00 34.20 ? 165 PHE A CD1 1 
ATOM   1236 C CD2 . PHE A 1 165 ? 0.651   -2.792  -13.840 1.00 31.51 ? 165 PHE A CD2 1 
ATOM   1237 C CE1 . PHE A 1 165 ? 2.908   -2.936  -12.195 1.00 32.17 ? 165 PHE A CE1 1 
ATOM   1238 C CE2 . PHE A 1 165 ? 0.557   -2.451  -12.486 1.00 31.51 ? 165 PHE A CE2 1 
ATOM   1239 C CZ  . PHE A 1 165 ? 1.682   -2.531  -11.659 1.00 31.77 ? 165 PHE A CZ  1 
ATOM   1240 N N   . SER A 1 166 ? 3.273   -2.126  -19.122 1.00 64.02 ? 166 SER A N   1 
ATOM   1241 C CA  . SER A 1 166 ? 3.674   -2.546  -20.472 1.00 68.83 ? 166 SER A CA  1 
ATOM   1242 C C   . SER A 1 166 ? 5.165   -2.867  -20.530 1.00 73.57 ? 166 SER A C   1 
ATOM   1243 O O   . SER A 1 166 ? 5.557   -4.032  -20.658 1.00 79.29 ? 166 SER A O   1 
ATOM   1244 C CB  . SER A 1 166 ? 3.346   -1.469  -21.508 1.00 67.50 ? 166 SER A CB  1 
ATOM   1245 O OG  . SER A 1 166 ? 1.947   -1.272  -21.622 1.00 68.86 ? 166 SER A OG  1 
HETATM 1246 O O23 . DOG B 2 .   ? 2.828   -4.201  -1.603  1.00 26.32 ? 500 DOG A O23 1 
HETATM 1247 C C23 . DOG B 2 .   ? 3.448   -3.218  -1.325  1.00 27.54 ? 500 DOG A C23 1 
HETATM 1248 C C22 . DOG B 2 .   ? 4.596   -3.072  -0.465  1.00 19.65 ? 500 DOG A C22 1 
HETATM 1249 O O21 . DOG B 2 .   ? 3.158   -2.000  -1.822  1.00 25.36 ? 500 DOG A O21 1 
HETATM 1250 C C21 . DOG B 2 .   ? 4.102   -1.006  -1.356  1.00 20.20 ? 500 DOG A C21 1 
HETATM 1251 C C20 . DOG B 2 .   ? 4.979   -1.790  -0.473  1.00 20.84 ? 500 DOG A C20 1 
HETATM 1252 C C17 . DOG B 2 .   ? 6.073   -1.134  0.270   1.00 18.06 ? 500 DOG A C17 1 
HETATM 1253 C C16 . DOG B 2 .   ? 6.801   0.037   -0.458  1.00 18.77 ? 500 DOG A C16 1 
HETATM 1254 C C13 . DOG B 2 .   ? 5.684   -0.569  1.697   1.00 19.50 ? 500 DOG A C13 1 
HETATM 1255 C C18 . DOG B 2 .   ? 4.317   -1.025  2.201   1.00 16.97 ? 500 DOG A C18 1 
HETATM 1256 C C12 . DOG B 2 .   ? 6.784   -1.042  2.680   1.00 17.64 ? 500 DOG A C12 1 
HETATM 1257 O O12 . DOG B 2 .   ? 6.638   -2.460  2.949   1.00 19.87 ? 500 DOG A O12 1 
HETATM 1258 C C14 . DOG B 2 .   ? 5.779   0.974   1.525   1.00 17.46 ? 500 DOG A C14 1 
HETATM 1259 C C15 . DOG B 2 .   ? 6.979   1.153   0.578   1.00 18.90 ? 500 DOG A C15 1 
HETATM 1260 O O14 . DOG B 2 .   ? 4.655   1.439   0.736   1.00 17.39 ? 500 DOG A O14 1 
HETATM 1261 C C8  . DOG B 2 .   ? 5.875   1.736   2.858   1.00 15.94 ? 500 DOG A C8  1 
HETATM 1262 C C7  . DOG B 2 .   ? 6.136   3.227   2.629   1.00 18.70 ? 500 DOG A C7  1 
HETATM 1263 C C9  . DOG B 2 .   ? 6.904   1.171   3.864   1.00 16.67 ? 500 DOG A C9  1 
HETATM 1264 C C11 . DOG B 2 .   ? 6.722   -0.377  4.020   1.00 19.20 ? 500 DOG A C11 1 
HETATM 1265 C C10 . DOG B 2 .   ? 6.842   1.935   5.214   1.00 19.42 ? 500 DOG A C10 1 
HETATM 1266 C C19 . DOG B 2 .   ? 5.471   1.739   5.915   1.00 21.15 ? 500 DOG A C19 1 
HETATM 1267 C C5  . DOG B 2 .   ? 7.111   3.453   4.981   1.00 20.76 ? 500 DOG A C5  1 
HETATM 1268 C C6  . DOG B 2 .   ? 6.153   4.035   3.918   1.00 23.39 ? 500 DOG A C6  1 
HETATM 1269 C C4  . DOG B 2 .   ? 8.560   3.752   4.540   1.00 23.41 ? 500 DOG A C4  1 
HETATM 1270 C C3  . DOG B 2 .   ? 9.579   3.149   5.508   1.00 31.88 ? 500 DOG A C3  1 
HETATM 1271 O O32 . DOG B 2 .   ? 9.501   3.873   6.735   1.00 31.95 ? 500 DOG A O32 1 
HETATM 1272 C C2  . DOG B 2 .   ? 9.348   1.684   5.730   1.00 28.05 ? 500 DOG A C2  1 
HETATM 1273 C C1  . DOG B 2 .   ? 7.930   1.432   6.198   1.00 26.08 ? 500 DOG A C1  1 
HETATM 1274 O O   . HOH C 3 .   ? 6.541   2.399   -5.404  1.00 18.96 ? 501 HOH A O   1 
HETATM 1275 O O   . HOH C 3 .   ? 8.238   -4.565  2.895   1.00 22.22 ? 502 HOH A O   1 
HETATM 1276 O O   . HOH C 3 .   ? 4.233   -2.820  -4.619  1.00 30.90 ? 503 HOH A O   1 
HETATM 1277 O O   . HOH C 3 .   ? 13.401  1.934   -1.641  1.00 26.88 ? 504 HOH A O   1 
HETATM 1278 O O   . HOH C 3 .   ? 6.022   4.291   11.319  1.00 26.43 ? 505 HOH A O   1 
HETATM 1279 O O   . HOH C 3 .   ? -15.084 -0.445  -0.484  1.00 54.06 ? 506 HOH A O   1 
HETATM 1280 O O   . HOH C 3 .   ? 13.015  -7.017  6.919   1.00 34.80 ? 507 HOH A O   1 
HETATM 1281 O O   . HOH C 3 .   ? 5.864   19.395  3.355   1.00 49.67 ? 508 HOH A O   1 
HETATM 1282 O O   . HOH C 3 .   ? -0.295  -6.117  18.541  1.00 35.78 ? 509 HOH A O   1 
HETATM 1283 O O   . HOH C 3 .   ? 1.762   4.083   -10.644 1.00 27.71 ? 510 HOH A O   1 
HETATM 1284 O O   . HOH C 3 .   ? 3.780   13.173  -1.436  1.00 40.35 ? 511 HOH A O   1 
HETATM 1285 O O   . HOH C 3 .   ? 12.912  3.688   -12.041 1.00 22.42 ? 512 HOH A O   1 
HETATM 1286 O O   . HOH C 3 .   ? 3.786   12.762  -4.466  1.00 32.44 ? 513 HOH A O   1 
HETATM 1287 O O   . HOH C 3 .   ? 6.541   -13.822 -0.387  1.00 28.91 ? 514 HOH A O   1 
HETATM 1288 O O   . HOH C 3 .   ? -11.253 -15.626 4.073   1.00 23.62 ? 515 HOH A O   1 
HETATM 1289 O O   . HOH C 3 .   ? 4.686   6.369   11.807  1.00 34.88 ? 516 HOH A O   1 
HETATM 1290 O O   . HOH C 3 .   ? -4.541  -3.773  12.951  1.00 36.45 ? 517 HOH A O   1 
HETATM 1291 O O   . HOH C 3 .   ? -15.891 1.908   -1.563  1.00 47.22 ? 518 HOH A O   1 
HETATM 1292 O O   . HOH C 3 .   ? 14.842  5.339   -2.739  1.00 49.40 ? 519 HOH A O   1 
HETATM 1293 O O   . HOH C 3 .   ? 13.107  2.580   10.094  1.00 30.39 ? 520 HOH A O   1 
HETATM 1294 O O   . HOH C 3 .   ? 12.931  5.652   -8.791  1.00 25.07 ? 521 HOH A O   1 
HETATM 1295 O O   . HOH C 3 .   ? 9.512   -5.883  0.788   1.00 26.66 ? 522 HOH A O   1 
HETATM 1296 O O   . HOH C 3 .   ? 2.370   -4.711  -4.478  1.00 37.90 ? 523 HOH A O   1 
HETATM 1297 O O   . HOH C 3 .   ? -10.513 7.984   4.956   1.00 39.01 ? 524 HOH A O   1 
HETATM 1298 O O   . HOH C 3 .   ? 5.286   1.005   -8.707  1.00 26.46 ? 525 HOH A O   1 
HETATM 1299 O O   . HOH C 3 .   ? -8.477  -9.894  10.073  1.00 35.74 ? 526 HOH A O   1 
HETATM 1300 O O   . HOH C 3 .   ? -21.944 2.377   -5.555  1.00 57.44 ? 527 HOH A O   1 
HETATM 1301 O O   . HOH C 3 .   ? -2.713  13.496  0.675   1.00 36.46 ? 528 HOH A O   1 
HETATM 1302 O O   . HOH C 3 .   ? 4.760   1.756   -12.543 1.00 32.89 ? 529 HOH A O   1 
HETATM 1303 O O   . HOH C 3 .   ? 2.027   5.652   10.800  1.00 26.92 ? 530 HOH A O   1 
HETATM 1304 O O   . HOH C 3 .   ? -15.452 14.667  2.454   1.00 39.88 ? 531 HOH A O   1 
HETATM 1305 O O   . HOH C 3 .   ? 19.879  -1.709  8.248   1.00 47.94 ? 532 HOH A O   1 
HETATM 1306 O O   . HOH C 3 .   ? 2.575   2.087   -9.140  1.00 34.63 ? 533 HOH A O   1 
HETATM 1307 O O   . HOH C 3 .   ? -10.622 5.516   6.157   1.00 38.74 ? 534 HOH A O   1 
HETATM 1308 O O   . HOH C 3 .   ? 10.891  -2.707  -2.842  1.00 25.06 ? 535 HOH A O   1 
HETATM 1309 O O   . HOH C 3 .   ? 12.024  -3.253  -5.114  1.00 24.33 ? 536 HOH A O   1 
HETATM 1310 O O   . HOH C 3 .   ? 9.319   18.401  10.627  1.00 51.93 ? 537 HOH A O   1 
HETATM 1311 O O   . HOH C 3 .   ? -10.454 12.232  14.327  1.00 88.68 ? 538 HOH A O   1 
HETATM 1312 O O   . HOH C 3 .   ? -14.364 8.299   1.535   1.00 47.59 ? 539 HOH A O   1 
HETATM 1313 O O   . HOH C 3 .   ? -14.162 2.680   1.583   1.00 40.60 ? 540 HOH A O   1 
HETATM 1314 O O   . HOH C 3 .   ? 8.326   -1.487  -21.544 1.00 42.27 ? 541 HOH A O   1 
HETATM 1315 O O   . HOH C 3 .   ? 14.467  -14.882 1.687   1.00 54.09 ? 542 HOH A O   1 
HETATM 1316 O O   . HOH C 3 .   ? -7.900  16.787  11.367  1.00 80.92 ? 543 HOH A O   1 
HETATM 1317 O O   . HOH C 3 .   ? -20.306 -4.703  -6.105  1.00 57.99 ? 544 HOH A O   1 
HETATM 1318 O O   . HOH C 3 .   ? -8.000  13.963  -11.834 1.00 52.67 ? 545 HOH A O   1 
HETATM 1319 O O   . HOH C 3 .   ? 0.751   13.803  -9.518  1.00 47.02 ? 546 HOH A O   1 
HETATM 1320 O O   . HOH C 3 .   ? -7.578  8.943   -9.371  1.00 45.38 ? 547 HOH A O   1 
HETATM 1321 O O   . HOH C 3 .   ? 0.814   7.364   9.047   1.00 33.29 ? 548 HOH A O   1 
HETATM 1322 O O   . HOH C 3 .   ? 15.354  -0.177  3.382   1.00 33.07 ? 549 HOH A O   1 
HETATM 1323 O O   . HOH C 3 .   ? 10.410  -2.687  -19.192 1.00 50.74 ? 550 HOH A O   1 
HETATM 1324 O O   . HOH C 3 .   ? 13.214  -12.502 0.428   1.00 51.55 ? 551 HOH A O   1 
HETATM 1325 O O   . HOH C 3 .   ? 12.504  -10.809 -2.116  1.00 38.94 ? 552 HOH A O   1 
HETATM 1326 O O   . HOH C 3 .   ? -2.684  -13.849 5.468   1.00 36.70 ? 553 HOH A O   1 
HETATM 1327 O O   . HOH C 3 .   ? 8.116   17.222  5.051   1.00 56.54 ? 554 HOH A O   1 
HETATM 1328 O O   . HOH C 3 .   ? -8.199  -7.296  3.048   1.00 34.84 ? 555 HOH A O   1 
HETATM 1329 O O   . HOH C 3 .   ? -20.051 -1.614  -10.342 1.00 53.96 ? 556 HOH A O   1 
HETATM 1330 O O   . HOH C 3 .   ? -1.148  6.004   8.603   1.00 39.36 ? 557 HOH A O   1 
HETATM 1331 O O   . HOH C 3 .   ? -22.884 -2.252  -8.233  1.00 58.19 ? 558 HOH A O   1 
# 
